data_6T8X
#
_entry.id   6T8X
#
_cell.length_a   131.531
_cell.length_b   287.339
_cell.length_c   148.407
_cell.angle_alpha   90.000
_cell.angle_beta   90.000
_cell.angle_gamma   90.000
#
_symmetry.space_group_name_H-M   'C 2 2 21'
#
loop_
_entity.id
_entity.type
_entity.pdbx_description
1 polymer 'MAP kinase-activated protein kinase 2'
2 non-polymer "(10R)-10-methyl-3-(6-methylpyridin-3-yl)-9,10,11,12-tetrahydro-8H-[1,4]diazepino[5',6':4,5]thieno[3,2-f]quinolin-8-one"
3 non-polymer 'CHLORIDE ION'
4 non-polymer 5-(4-bromophenyl)-~{N}-(4-piperazin-1-ylphenyl)-~{N}-(pyridin-2-ylmethyl)furan-2-carboxamide
5 water water
#
_entity_poly.entity_id   1
_entity_poly.type   'polypeptide(L)'
_entity_poly.pdbx_seq_one_letter_code
;MGSSHHHHHHSSGENLYFQGSQQFPQFHVKSGLQIKKNAIIDDYKVTSQVLGLGINGKVLQIFNKRTQEKFALKMLQDCP
KARREVELHWRASQCPHIVRIVDVYENLYAGRKCLLIVMECLDGGELFSRIQDRGDQAFTEREASEIMKSIGEAIQYLHS
INIAHRDVKPENLLYTSKRPNAILKLTDFGFAKETTSHNSLTEPCYTPYYVAPEVLGPEKYDKSCDMWSLGVIMYILLCG
YPPFYSNHGLAISPGMKTRIRMGQYEFPNPEWSEVSEEVKMLIRNLLKTEPTQRMTITEFMNHPWIMQSTKVPQEPLHT
;
_entity_poly.pdbx_strand_id   A,B,C,D,E,F
#
loop_
_chem_comp.id
_chem_comp.type
_chem_comp.name
_chem_comp.formula
B97 non-polymer (10R)-10-methyl-3-(6-methylpyridin-3-yl)-9,10,11,12-tetrahydro-8H-[1,4]diazepino[5',6':4,5]thieno[3,2-f]quinolin-8-one 'C21 H18 N4 O S'
CL non-polymer 'CHLORIDE ION' 'Cl -1'
MW8 non-polymer 5-(4-bromophenyl)-~{N}-(4-piperazin-1-ylphenyl)-~{N}-(pyridin-2-ylmethyl)furan-2-carboxamide 'C27 H25 Br N4 O2'
#
# COMPACT_ATOMS: atom_id res chain seq x y z
N PRO A 25 39.90 13.11 -17.53
CA PRO A 25 40.08 11.66 -17.31
C PRO A 25 39.83 10.81 -18.57
N GLN A 26 40.93 10.40 -19.25
CA GLN A 26 40.88 9.61 -20.48
C GLN A 26 41.09 8.10 -20.23
N PHE A 27 40.53 7.29 -21.14
CA PHE A 27 40.59 5.83 -21.14
C PHE A 27 41.49 5.32 -22.27
N HIS A 28 42.05 4.12 -22.10
CA HIS A 28 42.90 3.50 -23.13
C HIS A 28 42.47 2.05 -23.44
N VAL A 29 43.02 1.44 -24.52
CA VAL A 29 42.72 0.06 -24.88
C VAL A 29 43.44 -0.89 -23.96
N LYS A 30 42.68 -1.61 -23.16
CA LYS A 30 43.21 -2.58 -22.20
C LYS A 30 42.94 -3.99 -22.72
N SER A 31 43.76 -4.95 -22.30
CA SER A 31 43.57 -6.34 -22.70
C SER A 31 42.41 -6.97 -21.91
N GLY A 32 41.78 -7.94 -22.51
CA GLY A 32 40.68 -8.66 -21.88
C GLY A 32 41.18 -9.69 -20.89
N LEU A 33 40.24 -10.33 -20.19
CA LEU A 33 40.60 -11.33 -19.21
C LEU A 33 40.78 -12.70 -19.85
N GLN A 34 41.99 -13.26 -19.71
CA GLN A 34 42.25 -14.60 -20.23
C GLN A 34 42.33 -15.53 -19.05
N ILE A 35 41.27 -16.29 -18.77
CA ILE A 35 41.28 -17.21 -17.66
C ILE A 35 42.16 -18.41 -17.96
N LYS A 36 43.25 -18.61 -17.20
CA LYS A 36 44.17 -19.71 -17.37
C LYS A 36 43.55 -21.01 -16.88
N LYS A 37 43.79 -22.10 -17.59
CA LYS A 37 43.24 -23.38 -17.22
C LYS A 37 44.26 -24.33 -16.61
N ASN A 38 45.57 -24.07 -16.78
CA ASN A 38 46.59 -24.93 -16.15
C ASN A 38 46.49 -24.89 -14.62
N ALA A 39 46.97 -25.95 -13.92
CA ALA A 39 46.92 -25.97 -12.46
C ALA A 39 47.76 -24.83 -11.91
N ILE A 40 47.23 -24.06 -10.96
CA ILE A 40 47.91 -22.90 -10.41
C ILE A 40 49.26 -23.29 -9.80
N ILE A 41 49.37 -24.52 -9.25
CA ILE A 41 50.59 -25.05 -8.66
C ILE A 41 51.74 -25.22 -9.67
N ASP A 42 51.46 -25.19 -10.98
CA ASP A 42 52.51 -25.20 -11.99
C ASP A 42 53.28 -23.86 -11.96
N ASP A 43 52.60 -22.76 -11.59
CA ASP A 43 53.21 -21.44 -11.62
C ASP A 43 53.47 -20.84 -10.25
N TYR A 44 52.70 -21.26 -9.23
CA TYR A 44 52.80 -20.68 -7.88
C TYR A 44 52.89 -21.74 -6.80
N LYS A 45 53.50 -21.37 -5.68
CA LYS A 45 53.55 -22.21 -4.50
C LYS A 45 52.44 -21.66 -3.60
N VAL A 46 51.44 -22.47 -3.31
CA VAL A 46 50.32 -22.02 -2.51
C VAL A 46 50.49 -22.37 -1.03
N THR A 47 50.66 -21.34 -0.19
CA THR A 47 50.79 -21.59 1.26
C THR A 47 49.40 -21.52 1.92
N SER A 48 49.30 -22.02 3.17
CA SER A 48 48.03 -21.92 3.89
C SER A 48 47.98 -20.69 4.84
N GLN A 49 48.94 -19.75 4.72
CA GLN A 49 48.92 -18.56 5.56
C GLN A 49 47.85 -17.61 5.09
N VAL A 50 46.81 -17.44 5.91
CA VAL A 50 45.69 -16.55 5.58
C VAL A 50 46.06 -15.09 5.74
N LEU A 51 46.14 -14.36 4.62
CA LEU A 51 46.45 -12.93 4.59
C LEU A 51 45.23 -12.07 4.96
N GLY A 52 44.02 -12.57 4.70
CA GLY A 52 42.80 -11.83 4.97
C GLY A 52 41.53 -12.58 4.62
N LEU A 53 40.38 -12.02 4.98
CA LEU A 53 39.09 -12.66 4.71
C LEU A 53 38.19 -11.78 3.87
N GLY A 54 37.82 -12.29 2.71
CA GLY A 54 36.97 -11.55 1.79
C GLY A 54 35.50 -11.91 1.92
N ILE A 55 34.63 -11.15 1.23
CA ILE A 55 33.18 -11.37 1.27
C ILE A 55 32.84 -12.79 0.80
N ASN A 56 33.45 -13.23 -0.32
CA ASN A 56 33.16 -14.54 -0.88
C ASN A 56 34.27 -15.58 -0.79
N GLY A 57 35.36 -15.26 -0.10
CA GLY A 57 36.48 -16.21 0.00
C GLY A 57 37.68 -15.69 0.76
N LYS A 58 38.51 -16.62 1.27
CA LYS A 58 39.70 -16.22 2.02
C LYS A 58 40.86 -15.89 1.08
N VAL A 59 41.71 -14.93 1.47
CA VAL A 59 42.87 -14.49 0.69
C VAL A 59 44.15 -15.16 1.29
N LEU A 60 44.77 -16.12 0.57
CA LEU A 60 45.96 -16.83 1.02
C LEU A 60 47.26 -16.21 0.51
N GLN A 61 48.41 -16.54 1.17
CA GLN A 61 49.76 -16.10 0.76
C GLN A 61 50.33 -17.13 -0.23
N ILE A 62 50.68 -16.68 -1.44
CA ILE A 62 51.27 -17.56 -2.45
C ILE A 62 52.59 -16.94 -2.94
N PHE A 63 53.40 -17.75 -3.65
CA PHE A 63 54.68 -17.24 -4.18
C PHE A 63 54.81 -17.64 -5.63
N ASN A 64 55.25 -16.71 -6.48
CA ASN A 64 55.52 -16.99 -7.89
C ASN A 64 56.73 -17.99 -7.95
N LYS A 65 56.57 -19.22 -8.48
CA LYS A 65 57.66 -20.20 -8.48
C LYS A 65 58.93 -19.67 -9.13
N ARG A 66 58.78 -18.97 -10.26
CA ARG A 66 59.92 -18.47 -11.00
C ARG A 66 60.57 -17.25 -10.39
N THR A 67 59.82 -16.19 -10.13
CA THR A 67 60.43 -14.95 -9.60
C THR A 67 60.62 -14.93 -8.09
N GLN A 68 60.02 -15.90 -7.40
CA GLN A 68 60.02 -16.04 -5.94
C GLN A 68 59.25 -14.89 -5.23
N GLU A 69 58.48 -14.09 -6.00
CA GLU A 69 57.73 -12.91 -5.54
C GLU A 69 56.42 -13.27 -4.80
N LYS A 70 56.03 -12.42 -3.82
CA LYS A 70 54.84 -12.59 -2.97
C LYS A 70 53.55 -12.08 -3.62
N PHE A 71 52.54 -12.97 -3.69
CA PHE A 71 51.23 -12.69 -4.25
C PHE A 71 50.13 -13.15 -3.29
N ALA A 72 48.90 -12.59 -3.44
CA ALA A 72 47.70 -12.95 -2.65
C ALA A 72 46.76 -13.73 -3.54
N LEU A 73 46.14 -14.78 -3.04
CA LEU A 73 45.24 -15.63 -3.82
C LEU A 73 43.86 -15.68 -3.21
N LYS A 74 42.83 -15.25 -3.96
CA LYS A 74 41.45 -15.35 -3.48
C LYS A 74 40.86 -16.58 -4.12
N MET A 75 40.22 -17.43 -3.33
CA MET A 75 39.62 -18.64 -3.86
C MET A 75 38.13 -18.58 -3.80
N LEU A 76 37.48 -18.66 -4.97
CA LEU A 76 36.04 -18.61 -5.07
C LEU A 76 35.55 -19.90 -5.73
N GLN A 77 34.43 -20.47 -5.26
CA GLN A 77 33.87 -21.64 -5.92
C GLN A 77 33.19 -21.09 -7.17
N ASP A 78 33.40 -21.70 -8.35
CA ASP A 78 32.77 -21.20 -9.57
C ASP A 78 31.26 -21.22 -9.50
N CYS A 79 30.65 -20.08 -9.82
CA CYS A 79 29.21 -19.84 -9.79
C CYS A 79 28.93 -18.46 -10.40
N PRO A 80 27.67 -18.11 -10.74
CA PRO A 80 27.39 -16.78 -11.31
C PRO A 80 27.87 -15.58 -10.47
N LYS A 81 27.78 -15.64 -9.12
CA LYS A 81 28.24 -14.53 -8.29
C LYS A 81 29.76 -14.41 -8.31
N ALA A 82 30.48 -15.55 -8.36
CA ALA A 82 31.94 -15.54 -8.44
C ALA A 82 32.38 -15.03 -9.80
N ARG A 83 31.68 -15.41 -10.87
CA ARG A 83 32.01 -14.93 -12.22
C ARG A 83 31.83 -13.41 -12.33
N ARG A 84 30.85 -12.86 -11.61
CA ARG A 84 30.55 -11.45 -11.58
C ARG A 84 31.67 -10.71 -10.84
N GLU A 85 32.10 -11.20 -9.66
CA GLU A 85 33.17 -10.58 -8.89
C GLU A 85 34.48 -10.50 -9.70
N VAL A 86 34.84 -11.59 -10.39
CA VAL A 86 36.03 -11.64 -11.21
C VAL A 86 35.90 -10.69 -12.38
N GLU A 87 34.74 -10.68 -13.05
CA GLU A 87 34.52 -9.84 -14.23
C GLU A 87 34.56 -8.38 -13.89
N LEU A 88 33.85 -7.98 -12.83
CA LEU A 88 33.81 -6.61 -12.35
C LEU A 88 35.15 -6.15 -11.86
N HIS A 89 35.81 -6.96 -11.01
CA HIS A 89 37.14 -6.65 -10.48
C HIS A 89 38.13 -6.49 -11.61
N TRP A 90 38.10 -7.40 -12.60
CA TRP A 90 39.01 -7.29 -13.74
C TRP A 90 38.93 -5.92 -14.43
N ARG A 91 37.72 -5.43 -14.68
CA ARG A 91 37.54 -4.14 -15.35
C ARG A 91 38.12 -3.02 -14.53
N ALA A 92 37.91 -3.06 -13.21
CA ALA A 92 38.40 -2.06 -12.23
C ALA A 92 39.90 -2.11 -12.05
N SER A 93 40.51 -3.31 -12.12
CA SER A 93 41.94 -3.59 -11.95
C SER A 93 42.84 -2.69 -12.81
N GLN A 94 42.29 -2.19 -13.94
CA GLN A 94 42.95 -1.34 -14.94
C GLN A 94 43.05 0.10 -14.46
N CYS A 95 43.25 0.28 -13.14
CA CYS A 95 43.30 1.55 -12.45
C CYS A 95 44.31 1.41 -11.30
N PRO A 96 45.13 2.47 -11.08
CA PRO A 96 46.15 2.38 -10.01
C PRO A 96 45.63 2.38 -8.58
N HIS A 97 44.35 2.74 -8.38
CA HIS A 97 43.80 2.75 -7.03
C HIS A 97 42.99 1.53 -6.63
N ILE A 98 42.91 0.53 -7.51
CA ILE A 98 42.21 -0.71 -7.20
C ILE A 98 43.26 -1.83 -7.19
N VAL A 99 43.18 -2.78 -6.24
CA VAL A 99 44.11 -3.91 -6.13
C VAL A 99 44.20 -4.65 -7.47
N ARG A 100 45.40 -4.87 -7.96
CA ARG A 100 45.59 -5.44 -9.28
C ARG A 100 45.43 -6.90 -9.31
N ILE A 101 44.78 -7.37 -10.34
CA ILE A 101 44.65 -8.79 -10.58
C ILE A 101 45.80 -9.11 -11.53
N VAL A 102 46.66 -10.05 -11.11
CA VAL A 102 47.80 -10.50 -11.87
C VAL A 102 47.32 -11.59 -12.87
N ASP A 103 46.56 -12.57 -12.39
CA ASP A 103 46.05 -13.69 -13.19
C ASP A 103 44.79 -14.27 -12.56
N VAL A 104 43.97 -14.97 -13.36
CA VAL A 104 42.77 -15.66 -12.91
C VAL A 104 42.83 -17.07 -13.46
N TYR A 105 42.63 -18.07 -12.59
CA TYR A 105 42.70 -19.48 -13.00
C TYR A 105 41.37 -20.16 -12.80
N GLU A 106 41.03 -21.09 -13.68
CA GLU A 106 39.84 -21.89 -13.51
C GLU A 106 40.40 -23.27 -13.37
N ASN A 107 40.33 -23.82 -12.17
CA ASN A 107 40.89 -25.15 -11.89
C ASN A 107 39.80 -26.03 -11.28
N LEU A 108 40.12 -27.31 -11.08
CA LEU A 108 39.24 -28.23 -10.38
C LEU A 108 39.84 -28.49 -9.01
N TYR A 109 39.01 -28.43 -8.00
CA TYR A 109 39.43 -28.67 -6.62
C TYR A 109 38.29 -29.38 -5.95
N ALA A 110 38.58 -30.54 -5.33
CA ALA A 110 37.57 -31.39 -4.71
C ALA A 110 36.42 -31.74 -5.71
N GLY A 111 36.76 -31.91 -6.97
CA GLY A 111 35.78 -32.23 -8.01
C GLY A 111 34.85 -31.11 -8.40
N ARG A 112 35.12 -29.87 -7.95
CA ARG A 112 34.29 -28.70 -8.24
C ARG A 112 35.11 -27.64 -8.97
N LYS A 113 34.52 -26.94 -9.95
CA LYS A 113 35.24 -25.84 -10.61
C LYS A 113 35.37 -24.69 -9.64
N CYS A 114 36.50 -23.99 -9.72
CA CYS A 114 36.71 -22.82 -8.87
C CYS A 114 37.59 -21.80 -9.57
N LEU A 115 37.40 -20.55 -9.21
CA LEU A 115 38.12 -19.44 -9.75
C LEU A 115 39.14 -19.00 -8.72
N LEU A 116 40.41 -18.94 -9.12
CA LEU A 116 41.51 -18.56 -8.25
C LEU A 116 42.09 -17.24 -8.75
N ILE A 117 41.85 -16.15 -8.00
CA ILE A 117 42.31 -14.82 -8.38
C ILE A 117 43.63 -14.48 -7.74
N VAL A 118 44.68 -14.35 -8.56
CA VAL A 118 46.00 -13.99 -8.09
C VAL A 118 46.07 -12.50 -8.14
N MET A 119 46.32 -11.85 -7.02
CA MET A 119 46.42 -10.40 -6.92
C MET A 119 47.76 -9.98 -6.32
N GLU A 120 48.08 -8.69 -6.45
CA GLU A 120 49.24 -8.14 -5.81
C GLU A 120 49.04 -8.15 -4.28
N CYS A 121 50.15 -8.06 -3.53
CA CYS A 121 50.14 -8.02 -2.08
C CYS A 121 50.05 -6.56 -1.61
N LEU A 122 49.20 -6.33 -0.61
CA LEU A 122 49.09 -5.00 -0.02
C LEU A 122 49.56 -5.11 1.45
N ASP A 123 50.89 -5.19 1.65
CA ASP A 123 51.52 -5.41 2.96
C ASP A 123 51.52 -4.20 3.90
N GLY A 124 51.02 -3.06 3.47
CA GLY A 124 50.99 -1.88 4.31
C GLY A 124 49.89 -1.81 5.35
N GLY A 125 49.06 -2.85 5.45
CA GLY A 125 47.92 -2.90 6.36
C GLY A 125 46.66 -2.17 5.91
N GLU A 126 45.49 -2.46 6.55
CA GLU A 126 44.25 -1.77 6.17
C GLU A 126 44.19 -0.37 6.71
N LEU A 127 43.42 0.52 6.07
CA LEU A 127 43.19 1.89 6.57
C LEU A 127 42.55 1.82 7.98
N PHE A 128 41.83 0.73 8.28
CA PHE A 128 41.23 0.43 9.55
C PHE A 128 42.31 0.40 10.63
N SER A 129 43.46 -0.26 10.35
CA SER A 129 44.59 -0.33 11.27
C SER A 129 45.19 1.05 11.50
N ARG A 130 45.47 1.79 10.42
CA ARG A 130 46.02 3.15 10.52
C ARG A 130 45.09 4.08 11.34
N ILE A 131 43.77 3.84 11.31
CA ILE A 131 42.78 4.61 12.06
C ILE A 131 42.83 4.21 13.55
N GLN A 132 42.85 2.90 13.82
CA GLN A 132 42.90 2.39 15.20
C GLN A 132 44.17 2.84 15.89
N ASP A 133 45.31 2.80 15.17
CA ASP A 133 46.62 3.20 15.68
C ASP A 133 46.68 4.67 16.09
N ARG A 134 45.90 5.53 15.41
CA ARG A 134 45.83 6.94 15.76
C ARG A 134 45.01 7.18 17.02
N GLY A 135 43.93 6.42 17.18
CA GLY A 135 43.04 6.58 18.32
C GLY A 135 42.43 7.97 18.38
N ASP A 136 42.25 8.49 19.61
CA ASP A 136 41.68 9.81 19.92
C ASP A 136 42.40 10.97 19.22
N GLN A 137 43.69 10.76 18.86
CA GLN A 137 44.50 11.74 18.16
C GLN A 137 43.88 12.13 16.82
N ALA A 138 43.23 11.11 16.15
CA ALA A 138 42.54 11.22 14.86
C ALA A 138 43.53 11.78 13.76
N PHE A 139 43.08 12.42 12.64
CA PHE A 139 43.95 12.93 11.60
C PHE A 139 43.66 14.41 11.40
N THR A 140 44.64 15.13 10.87
CA THR A 140 44.46 16.56 10.61
C THR A 140 43.61 16.73 9.37
N GLU A 141 43.04 17.93 9.12
CA GLU A 141 42.29 18.18 7.91
C GLU A 141 43.16 17.97 6.66
N ARG A 142 44.48 18.18 6.77
CA ARG A 142 45.41 17.98 5.67
C ARG A 142 45.65 16.49 5.42
N GLU A 143 45.75 15.69 6.50
CA GLU A 143 45.98 14.26 6.44
C GLU A 143 44.74 13.53 5.94
N ALA A 144 43.55 13.94 6.42
CA ALA A 144 42.28 13.34 6.06
C ALA A 144 41.96 13.66 4.61
N SER A 145 42.25 14.88 4.11
CA SER A 145 41.99 15.20 2.71
C SER A 145 42.88 14.43 1.75
N GLU A 146 44.05 13.99 2.18
CA GLU A 146 44.94 13.18 1.33
C GLU A 146 44.38 11.75 1.26
N ILE A 147 43.93 11.21 2.41
CA ILE A 147 43.34 9.86 2.46
C ILE A 147 42.04 9.82 1.65
N MET A 148 41.16 10.80 1.86
CA MET A 148 39.91 10.90 1.16
C MET A 148 40.06 11.06 -0.33
N LYS A 149 41.09 11.81 -0.76
CA LYS A 149 41.35 12.03 -2.18
C LYS A 149 41.75 10.70 -2.84
N SER A 150 42.55 9.88 -2.16
CA SER A 150 42.97 8.60 -2.72
C SER A 150 41.84 7.57 -2.74
N ILE A 151 40.90 7.67 -1.80
CA ILE A 151 39.73 6.77 -1.82
C ILE A 151 38.83 7.21 -2.98
N GLY A 152 38.65 8.51 -3.11
CA GLY A 152 37.84 9.10 -4.16
C GLY A 152 38.35 8.80 -5.56
N GLU A 153 39.66 8.57 -5.72
CA GLU A 153 40.18 8.25 -7.05
C GLU A 153 39.74 6.86 -7.49
N ALA A 154 39.64 5.91 -6.54
CA ALA A 154 39.17 4.55 -6.81
C ALA A 154 37.68 4.58 -7.14
N ILE A 155 36.90 5.36 -6.38
CA ILE A 155 35.47 5.49 -6.63
C ILE A 155 35.16 6.19 -7.95
N GLN A 156 35.92 7.24 -8.30
CA GLN A 156 35.74 7.94 -9.57
C GLN A 156 35.98 7.00 -10.74
N TYR A 157 36.93 6.07 -10.62
CA TYR A 157 37.19 5.13 -11.69
C TYR A 157 36.01 4.17 -11.82
N LEU A 158 35.60 3.53 -10.70
CA LEU A 158 34.46 2.60 -10.71
C LEU A 158 33.21 3.26 -11.28
N HIS A 159 32.83 4.43 -10.78
CA HIS A 159 31.64 5.12 -11.25
C HIS A 159 31.74 5.49 -12.70
N SER A 160 32.93 5.85 -13.19
CA SER A 160 33.12 6.17 -14.61
C SER A 160 32.93 4.95 -15.52
N ILE A 161 33.19 3.75 -15.01
CA ILE A 161 32.97 2.53 -15.79
C ILE A 161 31.67 1.78 -15.36
N ASN A 162 30.75 2.51 -14.70
CA ASN A 162 29.45 2.04 -14.25
C ASN A 162 29.52 0.84 -13.31
N ILE A 163 30.29 0.99 -12.23
CA ILE A 163 30.42 -0.02 -11.19
C ILE A 163 30.24 0.68 -9.84
N ALA A 164 29.40 0.13 -8.98
CA ALA A 164 29.21 0.63 -7.64
C ALA A 164 29.85 -0.45 -6.78
N HIS A 165 30.74 -0.06 -5.87
CA HIS A 165 31.45 -1.00 -5.01
C HIS A 165 30.49 -1.62 -3.99
N ARG A 166 29.72 -0.75 -3.31
CA ARG A 166 28.68 -1.12 -2.35
C ARG A 166 29.17 -1.69 -1.01
N ASP A 167 30.47 -1.59 -0.70
CA ASP A 167 31.01 -2.01 0.60
C ASP A 167 32.29 -1.22 0.90
N VAL A 168 32.25 0.10 0.64
CA VAL A 168 33.40 0.95 0.87
C VAL A 168 33.49 1.19 2.37
N LYS A 169 34.57 0.70 2.99
CA LYS A 169 34.86 0.84 4.41
C LYS A 169 36.37 0.73 4.65
N PRO A 170 36.89 1.29 5.78
CA PRO A 170 38.32 1.17 6.09
C PRO A 170 38.95 -0.20 6.02
N GLU A 171 38.22 -1.27 6.28
CA GLU A 171 38.72 -2.63 6.23
C GLU A 171 38.99 -3.10 4.78
N ASN A 172 38.33 -2.51 3.77
CA ASN A 172 38.51 -2.90 2.37
C ASN A 172 39.52 -2.02 1.59
N LEU A 173 40.13 -1.02 2.26
CA LEU A 173 41.10 -0.12 1.69
C LEU A 173 42.45 -0.48 2.29
N LEU A 174 43.36 -1.10 1.51
CA LEU A 174 44.65 -1.51 2.02
C LEU A 174 45.77 -0.70 1.44
N TYR A 175 46.86 -0.52 2.21
CA TYR A 175 48.05 0.21 1.76
C TYR A 175 49.02 -0.75 1.07
N THR A 176 49.70 -0.27 0.00
CA THR A 176 50.63 -1.09 -0.77
C THR A 176 51.84 -1.51 0.00
N SER A 177 52.33 -0.64 0.87
CA SER A 177 53.53 -0.88 1.69
C SER A 177 53.45 -0.09 2.99
N LYS A 178 54.42 -0.33 3.92
CA LYS A 178 54.43 0.41 5.17
C LYS A 178 55.05 1.83 5.03
N ARG A 179 55.72 2.11 3.88
CA ARG A 179 56.36 3.40 3.54
C ARG A 179 55.37 4.61 3.68
N PRO A 180 55.87 5.86 3.80
CA PRO A 180 54.94 7.01 3.88
C PRO A 180 54.40 7.45 2.52
N ASN A 181 54.98 6.94 1.43
CA ASN A 181 54.58 7.21 0.04
C ASN A 181 53.67 6.07 -0.52
N ALA A 182 53.20 5.12 0.36
CA ALA A 182 52.34 4.00 0.01
C ALA A 182 51.01 4.45 -0.56
N ILE A 183 50.46 3.70 -1.52
CA ILE A 183 49.19 4.01 -2.15
C ILE A 183 48.07 3.24 -1.47
N LEU A 184 46.95 3.91 -1.24
CA LEU A 184 45.78 3.26 -0.66
C LEU A 184 44.97 2.65 -1.84
N LYS A 185 44.68 1.35 -1.76
CA LYS A 185 43.96 0.63 -2.80
C LYS A 185 42.64 0.01 -2.33
N LEU A 186 41.60 0.12 -3.18
CA LEU A 186 40.29 -0.46 -2.93
C LEU A 186 40.28 -1.94 -3.33
N THR A 187 39.74 -2.80 -2.50
CA THR A 187 39.71 -4.25 -2.73
C THR A 187 38.27 -4.82 -2.51
N ASP A 188 38.05 -6.10 -2.87
CA ASP A 188 36.82 -6.83 -2.63
C ASP A 188 35.59 -6.36 -3.42
N PHE A 189 35.30 -7.09 -4.49
CA PHE A 189 34.15 -6.83 -5.32
C PHE A 189 33.07 -7.89 -5.09
N GLY A 190 32.96 -8.36 -3.85
CA GLY A 190 31.97 -9.35 -3.44
C GLY A 190 30.56 -8.80 -3.48
N PHE A 191 30.38 -7.48 -3.31
CA PHE A 191 29.06 -6.83 -3.40
C PHE A 191 28.95 -5.88 -4.60
N ALA A 192 30.00 -5.74 -5.43
CA ALA A 192 29.99 -4.82 -6.53
C ALA A 192 28.89 -5.15 -7.54
N LYS A 193 28.31 -4.12 -8.14
CA LYS A 193 27.23 -4.30 -9.09
C LYS A 193 27.39 -3.31 -10.24
N GLU A 194 27.14 -3.77 -11.47
CA GLU A 194 27.16 -2.94 -12.66
C GLU A 194 25.90 -2.07 -12.62
N THR A 195 26.01 -0.76 -12.87
CA THR A 195 24.86 0.13 -12.74
C THR A 195 24.11 0.45 -14.03
N THR A 196 24.36 -0.26 -15.14
CA THR A 196 23.68 0.00 -16.41
C THR A 196 23.20 -1.27 -17.12
N SER A 197 22.20 -1.13 -17.99
CA SER A 197 21.70 -2.26 -18.77
C SER A 197 22.47 -2.39 -20.10
N TYR A 206 18.16 10.37 -30.22
CA TYR A 206 18.63 11.59 -29.59
C TYR A 206 19.81 12.28 -30.33
N THR A 207 20.06 13.57 -30.04
CA THR A 207 21.20 14.32 -30.61
C THR A 207 22.34 14.25 -29.57
N PRO A 208 23.55 13.80 -29.96
CA PRO A 208 24.62 13.59 -28.98
C PRO A 208 24.96 14.77 -28.06
N TYR A 209 25.16 15.97 -28.59
CA TYR A 209 25.52 17.11 -27.77
C TYR A 209 24.53 17.43 -26.67
N TYR A 210 23.25 17.22 -26.93
CA TYR A 210 22.18 17.65 -26.04
C TYR A 210 21.51 16.56 -25.24
N VAL A 211 21.90 15.30 -25.42
CA VAL A 211 21.27 14.20 -24.70
C VAL A 211 21.58 14.26 -23.19
N ALA A 212 20.53 14.21 -22.36
CA ALA A 212 20.63 14.24 -20.91
C ALA A 212 21.13 12.89 -20.40
N PRO A 213 21.78 12.84 -19.24
CA PRO A 213 22.31 11.56 -18.73
C PRO A 213 21.27 10.46 -18.51
N GLU A 214 20.11 10.81 -18.00
CA GLU A 214 19.02 9.88 -17.75
C GLU A 214 18.46 9.27 -19.04
N VAL A 215 18.66 9.95 -20.18
CA VAL A 215 18.22 9.45 -21.47
C VAL A 215 19.22 8.43 -21.97
N LEU A 216 20.54 8.70 -21.81
CA LEU A 216 21.56 7.74 -22.20
C LEU A 216 21.44 6.48 -21.32
N GLY A 217 21.92 6.54 -20.09
CA GLY A 217 21.88 5.41 -19.18
C GLY A 217 21.06 5.59 -17.94
N PRO A 218 19.83 5.06 -17.95
CA PRO A 218 19.00 5.07 -16.74
C PRO A 218 19.52 3.99 -15.74
N GLU A 219 19.73 4.36 -14.46
CA GLU A 219 20.31 3.53 -13.41
C GLU A 219 19.62 2.18 -13.12
N LYS A 220 20.45 1.12 -13.00
CA LYS A 220 20.13 -0.29 -12.66
C LYS A 220 20.32 -0.52 -11.11
N TYR A 221 21.30 0.20 -10.53
CA TYR A 221 21.64 0.29 -9.11
C TYR A 221 22.26 1.69 -8.81
N ASP A 222 22.35 2.12 -7.53
CA ASP A 222 22.92 3.41 -7.21
C ASP A 222 24.34 3.36 -6.60
N LYS A 223 25.20 4.12 -7.24
CA LYS A 223 26.55 4.45 -6.89
C LYS A 223 26.57 5.34 -5.62
N SER A 224 25.46 6.06 -5.33
CA SER A 224 25.37 7.02 -4.24
C SER A 224 25.57 6.41 -2.86
N CYS A 225 25.49 5.09 -2.72
CA CYS A 225 25.79 4.47 -1.40
C CYS A 225 27.30 4.59 -1.13
N ASP A 226 28.13 4.55 -2.17
CA ASP A 226 29.57 4.71 -2.05
C ASP A 226 29.90 6.12 -1.56
N MET A 227 29.12 7.12 -1.99
CA MET A 227 29.28 8.51 -1.55
C MET A 227 28.97 8.66 -0.07
N TRP A 228 27.96 7.94 0.42
CA TRP A 228 27.60 7.94 1.83
C TRP A 228 28.77 7.34 2.64
N SER A 229 29.37 6.25 2.14
CA SER A 229 30.51 5.63 2.82
C SER A 229 31.68 6.60 2.93
N LEU A 230 31.94 7.42 1.88
CA LEU A 230 33.02 8.40 1.95
C LEU A 230 32.74 9.41 3.06
N GLY A 231 31.49 9.83 3.21
CA GLY A 231 31.09 10.75 4.27
C GLY A 231 31.33 10.16 5.64
N VAL A 232 31.07 8.85 5.81
CA VAL A 232 31.28 8.17 7.10
C VAL A 232 32.77 8.04 7.39
N ILE A 233 33.57 7.58 6.42
CA ILE A 233 35.02 7.47 6.61
C ILE A 233 35.65 8.85 6.90
N MET A 234 35.22 9.91 6.19
CA MET A 234 35.72 11.25 6.42
C MET A 234 35.44 11.71 7.87
N TYR A 235 34.24 11.38 8.42
CA TYR A 235 33.86 11.78 9.78
C TYR A 235 34.81 11.09 10.77
N ILE A 236 35.01 9.75 10.60
CA ILE A 236 35.91 8.99 11.44
C ILE A 236 37.35 9.56 11.37
N LEU A 237 37.89 9.85 10.16
CA LEU A 237 39.25 10.43 10.06
C LEU A 237 39.41 11.71 10.87
N LEU A 238 38.50 12.66 10.74
CA LEU A 238 38.57 13.92 11.47
C LEU A 238 38.35 13.84 13.02
N CYS A 239 37.73 12.77 13.60
CA CYS A 239 37.45 12.77 15.03
C CYS A 239 37.77 11.47 15.78
N GLY A 240 37.77 10.33 15.12
CA GLY A 240 38.09 9.06 15.76
C GLY A 240 36.93 8.12 16.05
N TYR A 241 35.69 8.63 15.89
CA TYR A 241 34.47 7.84 16.11
C TYR A 241 33.49 8.04 14.93
N PRO A 242 32.52 7.13 14.71
CA PRO A 242 31.63 7.28 13.54
C PRO A 242 30.47 8.24 13.77
N PRO A 243 29.83 8.72 12.69
CA PRO A 243 28.66 9.60 12.88
C PRO A 243 27.44 8.87 13.43
N PHE A 244 27.34 7.56 13.19
CA PHE A 244 26.22 6.74 13.62
C PHE A 244 26.78 5.50 14.26
N TYR A 245 26.29 5.18 15.45
CA TYR A 245 26.70 4.00 16.21
C TYR A 245 25.62 3.57 17.19
N SER A 246 25.75 2.34 17.76
CA SER A 246 24.79 1.90 18.76
C SER A 246 25.26 2.42 20.12
N ASN A 247 24.36 3.10 20.86
CA ASN A 247 24.67 3.68 22.17
C ASN A 247 25.19 2.67 23.18
N HIS A 248 24.76 1.39 23.06
CA HIS A 248 25.20 0.36 23.99
C HIS A 248 26.21 -0.61 23.37
N GLY A 249 27.07 -0.08 22.50
CA GLY A 249 28.14 -0.81 21.84
C GLY A 249 27.75 -2.00 20.97
N LEU A 250 26.45 -2.14 20.66
CA LEU A 250 25.97 -3.23 19.81
C LEU A 250 26.51 -3.09 18.38
N ALA A 251 26.52 -4.19 17.60
CA ALA A 251 26.97 -4.13 16.21
C ALA A 251 25.96 -3.27 15.40
N ILE A 252 24.65 -3.53 15.60
CA ILE A 252 23.56 -2.78 14.99
C ILE A 252 22.36 -2.79 15.95
N SER A 253 21.66 -1.67 16.06
CA SER A 253 20.51 -1.56 16.94
C SER A 253 19.38 -0.80 16.26
N PRO A 254 18.11 -1.00 16.64
CA PRO A 254 17.01 -0.25 15.98
C PRO A 254 17.18 1.26 16.07
N GLY A 255 17.84 1.74 17.13
CA GLY A 255 18.10 3.14 17.33
C GLY A 255 19.12 3.63 16.33
N MET A 256 20.18 2.83 16.10
CA MET A 256 21.23 3.14 15.13
C MET A 256 20.63 3.21 13.75
N LYS A 257 19.73 2.27 13.43
CA LYS A 257 19.05 2.22 12.14
C LYS A 257 18.19 3.45 11.92
N THR A 258 17.40 3.87 12.91
CA THR A 258 16.55 5.05 12.73
C THR A 258 17.39 6.31 12.73
N ARG A 259 18.56 6.33 13.40
CA ARG A 259 19.44 7.49 13.36
C ARG A 259 20.02 7.67 11.94
N ILE A 260 20.33 6.57 11.26
CA ILE A 260 20.82 6.60 9.88
C ILE A 260 19.72 7.07 8.93
N ARG A 261 18.53 6.46 8.97
CA ARG A 261 17.43 6.85 8.09
C ARG A 261 17.04 8.31 8.30
N MET A 262 17.00 8.73 9.56
CA MET A 262 16.62 10.08 9.91
C MET A 262 17.68 11.11 9.55
N GLY A 263 18.95 10.71 9.63
CA GLY A 263 20.09 11.58 9.41
C GLY A 263 20.46 12.28 10.69
N GLN A 264 20.33 11.56 11.80
CA GLN A 264 20.58 12.06 13.12
C GLN A 264 22.00 11.83 13.56
N TYR A 265 22.81 12.86 13.38
CA TYR A 265 24.19 12.85 13.81
C TYR A 265 24.56 14.29 14.13
N GLU A 266 25.62 14.49 14.91
CA GLU A 266 26.08 15.84 15.20
C GLU A 266 27.62 15.95 15.13
N PHE A 267 28.13 17.16 15.29
CA PHE A 267 29.55 17.40 15.32
C PHE A 267 29.87 17.84 16.75
N PRO A 268 30.08 16.87 17.68
CA PRO A 268 30.38 17.22 19.07
C PRO A 268 31.52 18.21 19.24
N ASN A 269 31.27 19.27 20.03
CA ASN A 269 32.17 20.40 20.25
C ASN A 269 33.57 20.05 20.76
N PRO A 270 33.81 19.11 21.71
CA PRO A 270 35.22 18.82 22.08
C PRO A 270 36.17 18.61 20.88
N GLU A 271 35.81 17.68 19.95
CA GLU A 271 36.63 17.36 18.78
C GLU A 271 36.38 18.24 17.55
N TRP A 272 35.10 18.53 17.28
CA TRP A 272 34.73 19.30 16.10
C TRP A 272 34.78 20.81 16.28
N SER A 273 35.36 21.28 17.40
CA SER A 273 35.44 22.70 17.70
C SER A 273 36.30 23.48 16.68
N GLU A 274 37.52 23.00 16.44
CA GLU A 274 38.44 23.66 15.52
C GLU A 274 38.33 23.19 14.06
N VAL A 275 37.39 22.27 13.76
CA VAL A 275 37.18 21.75 12.42
C VAL A 275 36.42 22.78 11.58
N SER A 276 36.92 23.06 10.36
CA SER A 276 36.34 24.07 9.47
C SER A 276 34.91 23.79 9.05
N GLU A 277 34.11 24.84 8.81
CA GLU A 277 32.75 24.64 8.32
C GLU A 277 32.73 24.17 6.86
N GLU A 278 33.89 24.18 6.15
CA GLU A 278 34.02 23.74 4.77
C GLU A 278 33.95 22.22 4.76
N VAL A 279 34.72 21.56 5.63
CA VAL A 279 34.69 20.11 5.68
C VAL A 279 33.43 19.58 6.40
N LYS A 280 32.81 20.37 7.28
CA LYS A 280 31.55 19.98 7.90
C LYS A 280 30.46 20.03 6.85
N MET A 281 30.49 21.03 5.95
CA MET A 281 29.50 21.11 4.87
C MET A 281 29.69 20.01 3.84
N LEU A 282 30.94 19.56 3.63
CA LEU A 282 31.23 18.49 2.70
C LEU A 282 30.61 17.20 3.24
N ILE A 283 30.79 16.93 4.55
CA ILE A 283 30.24 15.77 5.22
C ILE A 283 28.72 15.82 5.19
N ARG A 284 28.12 16.99 5.42
CA ARG A 284 26.67 17.13 5.37
C ARG A 284 26.09 16.75 4.03
N ASN A 285 26.81 17.08 2.94
CA ASN A 285 26.39 16.78 1.56
C ASN A 285 26.57 15.33 1.16
N LEU A 286 27.50 14.62 1.80
CA LEU A 286 27.69 13.19 1.51
C LEU A 286 26.75 12.35 2.42
N LEU A 287 26.39 12.86 3.62
CA LEU A 287 25.50 12.15 4.52
C LEU A 287 24.06 12.61 4.37
N LYS A 288 23.66 13.00 3.15
CA LYS A 288 22.27 13.36 2.84
C LYS A 288 21.50 12.06 2.79
N THR A 289 20.40 11.91 3.55
CA THR A 289 19.65 10.64 3.55
C THR A 289 18.96 10.35 2.23
N GLU A 290 18.71 11.38 1.42
CA GLU A 290 18.09 11.18 0.12
C GLU A 290 19.20 11.01 -0.90
N PRO A 291 19.35 9.80 -1.49
CA PRO A 291 20.46 9.57 -2.44
C PRO A 291 20.57 10.56 -3.60
N THR A 292 19.46 11.10 -4.10
CA THR A 292 19.50 12.07 -5.20
C THR A 292 20.00 13.44 -4.74
N GLN A 293 19.92 13.74 -3.43
CA GLN A 293 20.42 14.99 -2.83
C GLN A 293 21.96 14.91 -2.61
N ARG A 294 22.51 13.68 -2.49
CA ARG A 294 23.92 13.40 -2.24
C ARG A 294 24.86 13.90 -3.34
N MET A 295 26.09 14.19 -2.95
CA MET A 295 27.13 14.69 -3.85
C MET A 295 27.62 13.59 -4.79
N THR A 296 27.92 13.92 -6.06
CA THR A 296 28.46 12.92 -6.99
C THR A 296 29.98 12.79 -6.79
N ILE A 297 30.63 11.76 -7.36
CA ILE A 297 32.08 11.59 -7.21
C ILE A 297 32.83 12.70 -7.94
N THR A 298 32.30 13.20 -9.05
CA THR A 298 32.93 14.29 -9.78
C THR A 298 32.95 15.54 -8.93
N GLU A 299 31.83 15.84 -8.25
CA GLU A 299 31.75 17.02 -7.38
C GLU A 299 32.68 16.87 -6.20
N PHE A 300 32.77 15.68 -5.64
CA PHE A 300 33.64 15.38 -4.51
C PHE A 300 35.11 15.58 -4.91
N MET A 301 35.52 15.03 -6.07
CA MET A 301 36.89 15.14 -6.54
C MET A 301 37.31 16.56 -6.96
N ASN A 302 36.34 17.43 -7.23
CA ASN A 302 36.62 18.83 -7.57
C ASN A 302 36.36 19.79 -6.40
N HIS A 303 36.14 19.25 -5.19
CA HIS A 303 35.90 20.06 -4.02
C HIS A 303 37.25 20.62 -3.56
N PRO A 304 37.30 21.92 -3.24
CA PRO A 304 38.57 22.52 -2.81
C PRO A 304 39.26 21.81 -1.66
N TRP A 305 38.49 21.32 -0.67
CA TRP A 305 39.07 20.63 0.46
C TRP A 305 39.78 19.32 0.05
N ILE A 306 39.28 18.66 -1.01
CA ILE A 306 39.88 17.43 -1.50
C ILE A 306 41.09 17.78 -2.38
N MET A 307 40.96 18.79 -3.24
CA MET A 307 42.04 19.24 -4.12
C MET A 307 43.20 19.93 -3.41
N GLN A 308 43.02 20.37 -2.13
CA GLN A 308 44.05 21.06 -1.34
C GLN A 308 45.36 20.27 -1.28
N SER A 309 45.26 18.91 -1.31
CA SER A 309 46.37 17.95 -1.26
C SER A 309 47.44 18.17 -2.33
N THR A 310 47.10 18.93 -3.39
CA THR A 310 47.96 19.29 -4.52
C THR A 310 47.89 20.82 -4.82
N LYS A 311 47.67 21.65 -3.76
CA LYS A 311 47.51 23.12 -3.76
C LYS A 311 46.70 23.65 -4.97
N GLN B 26 -1.28 32.72 -17.10
CA GLN B 26 -2.73 32.53 -17.16
C GLN B 26 -3.19 31.91 -18.49
N PHE B 27 -4.34 31.20 -18.48
CA PHE B 27 -4.86 30.46 -19.64
C PHE B 27 -6.26 30.89 -20.07
N HIS B 28 -6.55 30.76 -21.38
CA HIS B 28 -7.85 31.13 -21.98
C HIS B 28 -8.46 29.99 -22.81
N VAL B 29 -9.74 30.14 -23.21
CA VAL B 29 -10.42 29.12 -24.03
C VAL B 29 -9.96 29.22 -25.48
N LYS B 30 -9.29 28.15 -25.92
CA LYS B 30 -8.76 28.01 -27.27
C LYS B 30 -9.62 27.03 -28.10
N SER B 31 -9.60 27.16 -29.42
CA SER B 31 -10.35 26.25 -30.27
C SER B 31 -9.66 24.91 -30.39
N GLY B 32 -10.45 23.87 -30.61
CA GLY B 32 -9.97 22.52 -30.81
C GLY B 32 -9.47 22.31 -32.23
N LEU B 33 -8.85 21.16 -32.49
CA LEU B 33 -8.32 20.90 -33.81
C LEU B 33 -9.37 20.32 -34.72
N GLN B 34 -9.68 20.99 -35.83
CA GLN B 34 -10.63 20.46 -36.80
C GLN B 34 -9.84 19.99 -38.02
N ILE B 35 -9.61 18.68 -38.13
CA ILE B 35 -8.85 18.14 -39.24
C ILE B 35 -9.67 18.18 -40.52
N LYS B 36 -9.20 18.91 -41.53
CA LYS B 36 -9.86 19.05 -42.82
C LYS B 36 -9.70 17.76 -43.63
N LYS B 37 -10.76 17.34 -44.34
CA LYS B 37 -10.69 16.09 -45.11
C LYS B 37 -10.58 16.31 -46.61
N ASN B 38 -10.86 17.51 -47.14
CA ASN B 38 -10.71 17.76 -48.57
C ASN B 38 -9.24 17.63 -49.01
N ALA B 39 -8.99 17.36 -50.30
CA ALA B 39 -7.62 17.23 -50.80
C ALA B 39 -6.89 18.56 -50.63
N ILE B 40 -5.67 18.53 -50.08
CA ILE B 40 -4.90 19.75 -49.83
C ILE B 40 -4.69 20.56 -51.10
N ILE B 41 -4.57 19.87 -52.28
CA ILE B 41 -4.39 20.49 -53.57
C ILE B 41 -5.58 21.36 -54.01
N ASP B 42 -6.74 21.23 -53.36
CA ASP B 42 -7.87 22.11 -53.65
C ASP B 42 -7.55 23.53 -53.14
N ASP B 43 -6.77 23.64 -52.04
CA ASP B 43 -6.48 24.92 -51.39
C ASP B 43 -5.04 25.42 -51.59
N TYR B 44 -4.08 24.50 -51.78
CA TYR B 44 -2.67 24.85 -51.88
C TYR B 44 -1.99 24.22 -53.08
N LYS B 45 -0.93 24.88 -53.57
CA LYS B 45 -0.08 24.36 -54.64
C LYS B 45 1.12 23.81 -53.91
N VAL B 46 1.34 22.51 -54.00
CA VAL B 46 2.42 21.87 -53.28
C VAL B 46 3.65 21.76 -54.13
N THR B 47 4.68 22.55 -53.81
CA THR B 47 5.93 22.49 -54.56
C THR B 47 6.82 21.40 -54.00
N SER B 48 7.88 21.04 -54.72
CA SER B 48 8.83 20.02 -54.25
C SER B 48 10.08 20.61 -53.56
N GLN B 49 10.09 21.94 -53.31
CA GLN B 49 11.23 22.56 -52.66
C GLN B 49 11.23 22.24 -51.17
N VAL B 50 12.21 21.46 -50.75
CA VAL B 50 12.32 21.08 -49.35
C VAL B 50 12.86 22.23 -48.49
N LEU B 51 11.99 22.77 -47.62
CA LEU B 51 12.31 23.84 -46.67
C LEU B 51 13.13 23.34 -45.46
N GLY B 52 12.93 22.09 -45.07
CA GLY B 52 13.62 21.52 -43.93
C GLY B 52 13.31 20.04 -43.71
N LEU B 53 14.04 19.40 -42.80
CA LEU B 53 13.82 17.99 -42.51
C LEU B 53 13.51 17.77 -41.04
N GLY B 54 12.31 17.29 -40.77
CA GLY B 54 11.84 17.00 -39.42
C GLY B 54 12.14 15.59 -38.97
N ILE B 55 11.78 15.27 -37.72
CA ILE B 55 11.99 13.97 -37.10
C ILE B 55 11.20 12.88 -37.86
N ASN B 56 9.90 13.14 -38.10
CA ASN B 56 9.02 12.18 -38.74
C ASN B 56 8.58 12.55 -40.15
N GLY B 57 9.13 13.60 -40.74
CA GLY B 57 8.74 14.01 -42.08
C GLY B 57 9.44 15.24 -42.61
N LYS B 58 9.48 15.40 -43.94
CA LYS B 58 10.11 16.55 -44.56
C LYS B 58 9.13 17.69 -44.62
N VAL B 59 9.66 18.91 -44.56
CA VAL B 59 8.85 20.12 -44.63
C VAL B 59 9.01 20.71 -46.03
N LEU B 60 7.91 20.80 -46.80
CA LEU B 60 7.93 21.33 -48.16
C LEU B 60 7.41 22.74 -48.25
N GLN B 61 7.72 23.42 -49.36
CA GLN B 61 7.23 24.75 -49.60
C GLN B 61 5.92 24.67 -50.38
N ILE B 62 4.86 25.28 -49.84
CA ILE B 62 3.56 25.28 -50.50
C ILE B 62 3.05 26.72 -50.65
N PHE B 63 2.03 26.92 -51.51
CA PHE B 63 1.46 28.25 -51.71
C PHE B 63 -0.03 28.19 -51.62
N ASN B 64 -0.67 29.15 -50.95
CA ASN B 64 -2.13 29.23 -50.93
C ASN B 64 -2.58 29.56 -52.36
N LYS B 65 -3.49 28.76 -52.94
CA LYS B 65 -3.93 29.00 -54.32
C LYS B 65 -4.64 30.36 -54.48
N ARG B 66 -5.46 30.73 -53.49
CA ARG B 66 -6.18 32.00 -53.53
C ARG B 66 -5.32 33.21 -53.20
N THR B 67 -4.58 33.19 -52.07
CA THR B 67 -3.79 34.35 -51.63
C THR B 67 -2.35 34.40 -52.18
N GLN B 68 -1.86 33.30 -52.76
CA GLN B 68 -0.49 33.16 -53.25
C GLN B 68 0.58 33.20 -52.14
N GLU B 69 0.16 33.21 -50.86
CA GLU B 69 0.99 33.26 -49.67
C GLU B 69 1.78 31.97 -49.50
N LYS B 70 3.04 32.09 -49.08
CA LYS B 70 3.90 30.92 -48.90
C LYS B 70 3.73 30.28 -47.51
N PHE B 71 3.62 28.96 -47.46
CA PHE B 71 3.47 28.18 -46.23
C PHE B 71 4.41 26.97 -46.21
N ALA B 72 4.56 26.36 -45.03
CA ALA B 72 5.38 25.16 -44.90
C ALA B 72 4.46 23.96 -44.66
N LEU B 73 4.73 22.82 -45.29
CA LEU B 73 3.90 21.65 -45.14
C LEU B 73 4.69 20.46 -44.62
N LYS B 74 4.29 19.91 -43.48
CA LYS B 74 4.95 18.72 -42.95
C LYS B 74 4.08 17.54 -43.30
N MET B 75 4.68 16.49 -43.87
CA MET B 75 3.92 15.31 -44.28
C MET B 75 4.23 14.13 -43.44
N LEU B 76 3.21 13.61 -42.74
CA LEU B 76 3.38 12.44 -41.88
C LEU B 76 2.44 11.32 -42.34
N GLN B 77 2.89 10.06 -42.33
CA GLN B 77 1.97 8.97 -42.65
C GLN B 77 1.15 8.74 -41.40
N ASP B 78 -0.19 8.65 -41.53
CA ASP B 78 -1.04 8.47 -40.35
C ASP B 78 -0.69 7.21 -39.58
N CYS B 79 -0.54 7.37 -38.27
CA CYS B 79 -0.18 6.33 -37.30
C CYS B 79 -0.26 6.94 -35.89
N PRO B 80 -0.23 6.13 -34.82
CA PRO B 80 -0.30 6.70 -33.47
C PRO B 80 0.79 7.73 -33.15
N LYS B 81 2.04 7.56 -33.62
CA LYS B 81 3.09 8.55 -33.37
C LYS B 81 2.81 9.88 -34.09
N ALA B 82 2.26 9.80 -35.32
CA ALA B 82 1.91 10.99 -36.09
C ALA B 82 0.74 11.70 -35.46
N ARG B 83 -0.24 10.95 -34.95
CA ARG B 83 -1.41 11.54 -34.29
C ARG B 83 -1.01 12.28 -33.00
N ARG B 84 0.01 11.77 -32.30
CA ARG B 84 0.54 12.34 -31.07
C ARG B 84 1.25 13.66 -31.41
N GLU B 85 2.12 13.68 -32.44
CA GLU B 85 2.84 14.89 -32.86
C GLU B 85 1.86 16.01 -33.21
N VAL B 86 0.83 15.71 -33.99
CA VAL B 86 -0.16 16.69 -34.40
C VAL B 86 -0.95 17.19 -33.19
N GLU B 87 -1.36 16.26 -32.30
CA GLU B 87 -2.17 16.61 -31.14
C GLU B 87 -1.41 17.46 -30.15
N LEU B 88 -0.17 17.09 -29.82
CA LEU B 88 0.64 17.85 -28.89
C LEU B 88 1.08 19.16 -29.50
N HIS B 89 1.45 19.19 -30.79
CA HIS B 89 1.84 20.43 -31.47
C HIS B 89 0.67 21.39 -31.46
N TRP B 90 -0.55 20.91 -31.73
CA TRP B 90 -1.71 21.77 -31.73
C TRP B 90 -1.92 22.48 -30.36
N ARG B 91 -1.83 21.76 -29.26
CA ARG B 91 -2.01 22.36 -27.93
C ARG B 91 -0.95 23.39 -27.60
N ALA B 92 0.28 23.15 -28.10
CA ALA B 92 1.43 24.03 -27.91
C ALA B 92 1.37 25.26 -28.82
N SER B 93 0.88 25.08 -30.06
CA SER B 93 0.73 26.07 -31.14
C SER B 93 0.09 27.39 -30.63
N GLN B 94 -0.77 27.27 -29.58
CA GLN B 94 -1.52 28.35 -28.91
C GLN B 94 -0.61 29.37 -28.15
N CYS B 95 0.71 29.27 -28.33
CA CYS B 95 1.73 30.05 -27.68
C CYS B 95 2.53 30.74 -28.77
N PRO B 96 2.84 32.03 -28.58
CA PRO B 96 3.59 32.75 -29.61
C PRO B 96 5.01 32.26 -29.83
N HIS B 97 5.54 31.41 -28.94
CA HIS B 97 6.92 30.92 -29.10
C HIS B 97 7.03 29.55 -29.74
N ILE B 98 5.93 28.98 -30.21
CA ILE B 98 5.93 27.70 -30.89
C ILE B 98 5.38 27.94 -32.30
N VAL B 99 5.98 27.30 -33.32
CA VAL B 99 5.58 27.46 -34.72
C VAL B 99 4.08 27.20 -34.88
N ARG B 100 3.39 28.17 -35.49
CA ARG B 100 1.95 28.13 -35.64
C ARG B 100 1.46 27.12 -36.67
N ILE B 101 0.40 26.37 -36.33
CA ILE B 101 -0.24 25.46 -37.26
C ILE B 101 -1.42 26.24 -37.86
N VAL B 102 -1.46 26.32 -39.18
CA VAL B 102 -2.51 27.03 -39.93
C VAL B 102 -3.70 26.08 -40.12
N ASP B 103 -3.44 24.85 -40.58
CA ASP B 103 -4.44 23.82 -40.84
C ASP B 103 -3.80 22.44 -40.78
N VAL B 104 -4.62 21.40 -40.54
CA VAL B 104 -4.18 20.00 -40.56
C VAL B 104 -5.13 19.25 -41.49
N TYR B 105 -4.59 18.49 -42.44
CA TYR B 105 -5.42 17.74 -43.38
C TYR B 105 -5.22 16.24 -43.23
N GLU B 106 -6.30 15.47 -43.40
CA GLU B 106 -6.18 14.01 -43.41
C GLU B 106 -6.55 13.65 -44.82
N ASN B 107 -5.59 13.20 -45.60
CA ASN B 107 -5.80 12.83 -46.99
C ASN B 107 -5.34 11.37 -47.25
N LEU B 108 -5.65 10.84 -48.43
CA LEU B 108 -5.22 9.50 -48.81
C LEU B 108 -4.16 9.64 -49.87
N TYR B 109 -3.15 8.81 -49.80
CA TYR B 109 -2.15 8.72 -50.85
C TYR B 109 -1.71 7.28 -50.91
N ALA B 110 -1.82 6.66 -52.10
CA ALA B 110 -1.47 5.24 -52.30
C ALA B 110 -2.22 4.33 -51.34
N GLY B 111 -3.48 4.67 -51.10
CA GLY B 111 -4.35 3.90 -50.22
C GLY B 111 -3.99 3.95 -48.75
N ARG B 112 -3.14 4.89 -48.35
CA ARG B 112 -2.74 5.05 -46.95
C ARG B 112 -3.11 6.45 -46.48
N LYS B 113 -3.67 6.54 -45.27
CA LYS B 113 -4.03 7.83 -44.70
C LYS B 113 -2.76 8.57 -44.32
N CYS B 114 -2.78 9.89 -44.44
CA CYS B 114 -1.65 10.72 -44.07
C CYS B 114 -2.11 12.06 -43.52
N LEU B 115 -1.35 12.59 -42.57
CA LEU B 115 -1.60 13.87 -41.93
C LEU B 115 -0.67 14.90 -42.54
N LEU B 116 -1.25 15.99 -43.05
CA LEU B 116 -0.50 17.05 -43.68
C LEU B 116 -0.66 18.33 -42.85
N ILE B 117 0.42 18.74 -42.16
CA ILE B 117 0.39 19.93 -41.30
C ILE B 117 0.85 21.17 -42.02
N VAL B 118 -0.07 22.11 -42.23
CA VAL B 118 0.24 23.38 -42.86
C VAL B 118 0.64 24.33 -41.75
N MET B 119 1.87 24.87 -41.80
CA MET B 119 2.39 25.79 -40.79
C MET B 119 2.83 27.10 -41.44
N GLU B 120 3.05 28.14 -40.61
CA GLU B 120 3.59 29.41 -41.05
C GLU B 120 5.06 29.22 -41.47
N CYS B 121 5.57 30.10 -42.34
CA CYS B 121 6.96 30.04 -42.75
C CYS B 121 7.90 30.72 -41.72
N LEU B 122 9.06 30.11 -41.47
CA LEU B 122 10.04 30.67 -40.56
C LEU B 122 11.31 30.87 -41.38
N ASP B 123 11.34 31.98 -42.15
CA ASP B 123 12.42 32.33 -43.09
C ASP B 123 13.67 32.98 -42.47
N GLY B 124 13.67 33.22 -41.17
CA GLY B 124 14.82 33.85 -40.52
C GLY B 124 16.00 32.96 -40.21
N GLY B 125 15.92 31.69 -40.58
CA GLY B 125 17.00 30.74 -40.32
C GLY B 125 16.95 30.10 -38.94
N GLU B 126 17.66 28.98 -38.79
CA GLU B 126 17.69 28.30 -37.50
C GLU B 126 18.61 29.05 -36.52
N LEU B 127 18.46 28.83 -35.22
CA LEU B 127 19.38 29.38 -34.23
C LEU B 127 20.78 28.74 -34.45
N PHE B 128 20.82 27.49 -34.99
CA PHE B 128 22.02 26.76 -35.33
C PHE B 128 22.83 27.58 -36.33
N SER B 129 22.17 28.15 -37.35
CA SER B 129 22.81 28.98 -38.36
C SER B 129 23.38 30.26 -37.72
N ARG B 130 22.58 31.00 -36.91
CA ARG B 130 23.09 32.21 -36.25
C ARG B 130 24.27 31.89 -35.33
N ILE B 131 24.34 30.68 -34.78
CA ILE B 131 25.45 30.26 -33.94
C ILE B 131 26.67 30.01 -34.81
N GLN B 132 26.52 29.25 -35.91
CA GLN B 132 27.62 28.93 -36.82
C GLN B 132 28.20 30.19 -37.46
N ASP B 133 27.33 31.14 -37.84
CA ASP B 133 27.74 32.40 -38.45
C ASP B 133 28.57 33.26 -37.51
N ARG B 134 28.35 33.15 -36.20
CA ARG B 134 29.15 33.88 -35.22
C ARG B 134 30.53 33.28 -35.06
N GLY B 135 30.62 31.95 -35.10
CA GLY B 135 31.87 31.24 -34.93
C GLY B 135 32.50 31.48 -33.57
N ASP B 136 33.84 31.56 -33.55
CA ASP B 136 34.67 31.81 -32.36
C ASP B 136 34.29 33.07 -31.59
N GLN B 137 33.67 34.06 -32.31
CA GLN B 137 33.21 35.32 -31.72
C GLN B 137 32.17 35.07 -30.60
N ALA B 138 31.34 33.99 -30.77
CA ALA B 138 30.31 33.54 -29.83
C ALA B 138 29.28 34.70 -29.54
N PHE B 139 28.52 34.72 -28.41
CA PHE B 139 27.56 35.78 -28.09
C PHE B 139 27.93 36.41 -26.74
N THR B 140 27.50 37.65 -26.51
CA THR B 140 27.75 38.29 -25.23
C THR B 140 26.80 37.72 -24.19
N GLU B 141 27.10 37.90 -22.89
CA GLU B 141 26.18 37.45 -21.83
C GLU B 141 24.79 38.08 -22.01
N ARG B 142 24.71 39.30 -22.55
CA ARG B 142 23.47 40.01 -22.83
C ARG B 142 22.70 39.37 -24.00
N GLU B 143 23.41 39.02 -25.09
CA GLU B 143 22.83 38.43 -26.27
C GLU B 143 22.33 37.02 -25.97
N ALA B 144 23.12 36.23 -25.24
CA ALA B 144 22.80 34.87 -24.87
C ALA B 144 21.62 34.85 -23.91
N SER B 145 21.55 35.80 -22.96
CA SER B 145 20.43 35.90 -22.05
C SER B 145 19.10 36.11 -22.79
N GLU B 146 19.10 36.92 -23.84
CA GLU B 146 17.89 37.20 -24.60
C GLU B 146 17.45 35.97 -25.37
N ILE B 147 18.41 35.23 -25.96
CA ILE B 147 18.10 34.02 -26.71
C ILE B 147 17.54 32.97 -25.76
N MET B 148 18.20 32.77 -24.62
CA MET B 148 17.77 31.81 -23.62
C MET B 148 16.42 32.11 -23.05
N LYS B 149 16.08 33.39 -22.90
CA LYS B 149 14.79 33.78 -22.36
C LYS B 149 13.69 33.41 -23.34
N SER B 150 13.92 33.60 -24.65
CA SER B 150 12.91 33.26 -25.65
C SER B 150 12.76 31.77 -25.84
N ILE B 151 13.82 30.99 -25.60
CA ILE B 151 13.72 29.52 -25.65
C ILE B 151 12.93 29.06 -24.40
N GLY B 152 13.25 29.65 -23.25
CA GLY B 152 12.60 29.35 -21.99
C GLY B 152 11.12 29.66 -22.00
N GLU B 153 10.69 30.63 -22.82
CA GLU B 153 9.26 30.96 -22.89
C GLU B 153 8.47 29.85 -23.55
N ALA B 154 9.05 29.21 -24.57
CA ALA B 154 8.43 28.07 -25.26
C ALA B 154 8.38 26.87 -24.30
N ILE B 155 9.48 26.59 -23.58
CA ILE B 155 9.54 25.49 -22.63
C ILE B 155 8.62 25.68 -21.44
N GLN B 156 8.50 26.92 -20.92
CA GLN B 156 7.60 27.21 -19.81
C GLN B 156 6.16 26.93 -20.21
N TYR B 157 5.79 27.25 -21.48
CA TYR B 157 4.44 27.00 -21.94
C TYR B 157 4.20 25.48 -21.99
N LEU B 158 5.10 24.73 -22.66
CA LEU B 158 4.96 23.28 -22.78
C LEU B 158 4.87 22.63 -21.40
N HIS B 159 5.79 22.93 -20.50
CA HIS B 159 5.79 22.33 -19.17
C HIS B 159 4.55 22.68 -18.39
N SER B 160 4.02 23.91 -18.55
CA SER B 160 2.78 24.31 -17.87
C SER B 160 1.56 23.51 -18.37
N ILE B 161 1.57 23.06 -19.64
CA ILE B 161 0.49 22.23 -20.17
C ILE B 161 0.86 20.72 -20.21
N ASN B 162 1.88 20.31 -19.42
CA ASN B 162 2.37 18.94 -19.26
C ASN B 162 2.82 18.30 -20.55
N ILE B 163 3.74 18.98 -21.25
CA ILE B 163 4.33 18.48 -22.49
C ILE B 163 5.85 18.66 -22.36
N ALA B 164 6.62 17.60 -22.61
CA ALA B 164 8.06 17.69 -22.65
C ALA B 164 8.40 17.60 -24.12
N HIS B 165 9.17 18.55 -24.66
CA HIS B 165 9.50 18.56 -26.08
C HIS B 165 10.45 17.41 -26.41
N ARG B 166 11.42 17.18 -25.53
CA ARG B 166 12.43 16.12 -25.59
C ARG B 166 13.38 16.20 -26.74
N ASP B 167 13.34 17.26 -27.57
CA ASP B 167 14.36 17.44 -28.63
C ASP B 167 14.74 18.93 -28.76
N VAL B 168 14.96 19.61 -27.62
CA VAL B 168 15.35 21.02 -27.64
C VAL B 168 16.78 21.09 -28.15
N LYS B 169 17.03 21.79 -29.26
CA LYS B 169 18.36 21.98 -29.82
C LYS B 169 18.34 23.14 -30.82
N PRO B 170 19.51 23.75 -31.14
CA PRO B 170 19.54 24.89 -32.07
C PRO B 170 18.87 24.66 -33.41
N GLU B 171 18.96 23.45 -33.92
CA GLU B 171 18.39 23.06 -35.20
C GLU B 171 16.84 23.13 -35.22
N ASN B 172 16.17 22.99 -34.06
CA ASN B 172 14.71 23.02 -33.96
C ASN B 172 14.13 24.36 -33.53
N LEU B 173 14.98 25.39 -33.35
CA LEU B 173 14.55 26.72 -32.96
C LEU B 173 14.78 27.62 -34.17
N LEU B 174 13.70 28.04 -34.85
CA LEU B 174 13.85 28.88 -36.04
C LEU B 174 13.34 30.29 -35.82
N TYR B 175 13.93 31.27 -36.52
CA TYR B 175 13.55 32.67 -36.45
C TYR B 175 12.45 32.97 -37.46
N THR B 176 11.47 33.79 -37.10
CA THR B 176 10.35 34.10 -37.98
C THR B 176 10.75 34.84 -39.24
N SER B 177 11.74 35.73 -39.13
CA SER B 177 12.22 36.56 -40.24
C SER B 177 13.69 36.93 -40.03
N LYS B 178 14.32 37.57 -41.05
CA LYS B 178 15.72 37.98 -40.89
C LYS B 178 15.87 39.31 -40.09
N ARG B 179 14.75 40.04 -39.86
CA ARG B 179 14.66 41.30 -39.11
C ARG B 179 15.29 41.20 -37.69
N PRO B 180 15.65 42.34 -37.05
CA PRO B 180 16.20 42.25 -35.68
C PRO B 180 15.13 42.08 -34.58
N ASN B 181 13.84 42.26 -34.96
CA ASN B 181 12.67 42.10 -34.09
C ASN B 181 12.02 40.70 -34.28
N ALA B 182 12.68 39.76 -35.01
CA ALA B 182 12.21 38.40 -35.28
C ALA B 182 12.06 37.60 -34.01
N ILE B 183 11.05 36.73 -33.96
CA ILE B 183 10.80 35.87 -32.82
C ILE B 183 11.43 34.48 -33.03
N LEU B 184 12.07 33.94 -31.98
CA LEU B 184 12.62 32.59 -32.04
C LEU B 184 11.49 31.64 -31.65
N LYS B 185 11.20 30.65 -32.53
CA LYS B 185 10.12 29.70 -32.33
C LYS B 185 10.58 28.24 -32.26
N LEU B 186 10.02 27.48 -31.30
CA LEU B 186 10.27 26.04 -31.11
C LEU B 186 9.43 25.25 -32.12
N THR B 187 10.04 24.28 -32.80
CA THR B 187 9.36 23.47 -33.81
C THR B 187 9.60 21.95 -33.56
N ASP B 188 8.94 21.09 -34.34
CA ASP B 188 9.11 19.64 -34.33
C ASP B 188 8.75 18.94 -33.04
N PHE B 189 7.51 18.43 -33.00
CA PHE B 189 7.07 17.69 -31.84
C PHE B 189 7.17 16.16 -32.08
N GLY B 190 8.17 15.75 -32.87
CA GLY B 190 8.42 14.36 -33.23
C GLY B 190 8.77 13.50 -32.04
N PHE B 191 9.38 14.10 -30.99
CA PHE B 191 9.70 13.39 -29.75
C PHE B 191 8.90 13.87 -28.54
N ALA B 192 8.05 14.89 -28.68
CA ALA B 192 7.24 15.41 -27.57
C ALA B 192 6.35 14.35 -26.99
N LYS B 193 6.17 14.39 -25.66
CA LYS B 193 5.40 13.44 -24.90
C LYS B 193 4.63 14.15 -23.78
N GLU B 194 3.38 13.74 -23.57
CA GLU B 194 2.54 14.25 -22.49
C GLU B 194 3.09 13.66 -21.18
N THR B 195 3.27 14.47 -20.13
CA THR B 195 3.90 13.98 -18.89
C THR B 195 2.94 13.55 -17.77
N THR B 196 1.64 13.42 -18.04
CA THR B 196 0.66 13.02 -17.00
C THR B 196 -0.44 12.02 -17.50
N SER B 197 -1.33 11.50 -16.57
CA SER B 197 -2.53 10.68 -16.77
C SER B 197 -3.42 11.17 -17.96
N THR B 207 -6.78 17.69 0.56
CA THR B 207 -7.12 19.10 0.83
C THR B 207 -6.37 19.99 -0.16
N PRO B 208 -7.08 20.84 -0.94
CA PRO B 208 -6.42 21.60 -2.01
C PRO B 208 -5.21 22.44 -1.59
N TYR B 209 -5.32 23.25 -0.53
CA TYR B 209 -4.22 24.12 -0.12
C TYR B 209 -2.92 23.38 0.18
N TYR B 210 -3.02 22.18 0.71
CA TYR B 210 -1.87 21.46 1.22
C TYR B 210 -1.40 20.29 0.37
N VAL B 211 -2.13 19.94 -0.71
CA VAL B 211 -1.73 18.81 -1.56
C VAL B 211 -0.37 19.05 -2.24
N ALA B 212 0.58 18.11 -2.03
CA ALA B 212 1.91 18.16 -2.62
C ALA B 212 1.84 17.87 -4.13
N PRO B 213 2.79 18.37 -4.94
CA PRO B 213 2.72 18.15 -6.39
C PRO B 213 2.71 16.68 -6.82
N GLU B 214 3.51 15.83 -6.15
CA GLU B 214 3.60 14.41 -6.44
C GLU B 214 2.31 13.66 -6.14
N VAL B 215 1.45 14.21 -5.28
CA VAL B 215 0.15 13.63 -4.98
C VAL B 215 -0.82 13.99 -6.10
N LEU B 216 -0.78 15.23 -6.62
CA LEU B 216 -1.63 15.63 -7.72
C LEU B 216 -1.22 14.83 -8.97
N GLY B 217 -0.14 15.22 -9.63
CA GLY B 217 0.31 14.55 -10.82
C GLY B 217 1.67 13.91 -10.73
N PRO B 218 1.70 12.58 -10.50
CA PRO B 218 2.97 11.84 -10.53
C PRO B 218 3.42 11.74 -12.02
N GLU B 219 4.60 12.32 -12.33
CA GLU B 219 5.09 12.46 -13.70
C GLU B 219 5.45 11.16 -14.45
N LYS B 220 4.69 10.90 -15.56
CA LYS B 220 4.85 9.80 -16.53
C LYS B 220 6.20 9.95 -17.30
N TYR B 221 6.63 11.20 -17.54
CA TYR B 221 7.90 11.44 -18.24
C TYR B 221 8.69 12.63 -17.61
N ASP B 222 9.91 12.88 -18.11
CA ASP B 222 10.74 13.93 -17.62
C ASP B 222 10.89 15.09 -18.55
N LYS B 223 10.34 16.19 -18.07
CA LYS B 223 10.51 17.53 -18.60
C LYS B 223 11.98 17.94 -18.39
N SER B 224 12.68 17.33 -17.39
CA SER B 224 14.05 17.53 -16.95
C SER B 224 15.05 17.50 -18.03
N CYS B 225 14.84 16.68 -19.05
CA CYS B 225 15.80 16.59 -20.15
C CYS B 225 15.81 17.87 -21.00
N ASP B 226 14.67 18.59 -21.09
CA ASP B 226 14.60 19.88 -21.79
C ASP B 226 15.44 20.90 -21.02
N MET B 227 15.48 20.85 -19.67
CA MET B 227 16.32 21.73 -18.85
C MET B 227 17.80 21.48 -19.10
N TRP B 228 18.19 20.22 -19.27
CA TRP B 228 19.55 19.86 -19.59
C TRP B 228 19.93 20.47 -20.95
N SER B 229 19.02 20.41 -21.94
CA SER B 229 19.26 20.97 -23.25
C SER B 229 19.46 22.50 -23.18
N LEU B 230 18.71 23.20 -22.31
CA LEU B 230 18.90 24.65 -22.14
C LEU B 230 20.31 24.93 -21.62
N GLY B 231 20.80 24.11 -20.69
CA GLY B 231 22.14 24.24 -20.18
C GLY B 231 23.20 24.05 -21.24
N VAL B 232 22.97 23.11 -22.18
CA VAL B 232 23.90 22.85 -23.25
C VAL B 232 23.91 24.00 -24.24
N ILE B 233 22.73 24.45 -24.65
CA ILE B 233 22.61 25.58 -25.59
C ILE B 233 23.23 26.85 -25.01
N MET B 234 22.97 27.14 -23.71
CA MET B 234 23.53 28.30 -23.03
C MET B 234 25.03 28.27 -23.04
N TYR B 235 25.62 27.08 -22.81
CA TYR B 235 27.08 26.92 -22.86
C TYR B 235 27.60 27.23 -24.27
N ILE B 236 27.02 26.64 -25.32
CA ILE B 236 27.39 26.89 -26.70
C ILE B 236 27.26 28.37 -27.06
N LEU B 237 26.22 29.07 -26.59
CA LEU B 237 26.06 30.49 -26.90
C LEU B 237 27.21 31.37 -26.34
N LEU B 238 27.76 31.00 -25.17
CA LEU B 238 28.79 31.81 -24.53
C LEU B 238 30.24 31.57 -25.02
N CYS B 239 30.59 30.38 -25.57
CA CYS B 239 31.96 30.15 -25.99
C CYS B 239 32.11 29.70 -27.42
N GLY B 240 31.08 29.08 -27.99
CA GLY B 240 31.15 28.62 -29.36
C GLY B 240 31.33 27.12 -29.51
N TYR B 241 31.49 26.38 -28.40
CA TYR B 241 31.63 24.91 -28.40
C TYR B 241 30.75 24.28 -27.29
N PRO B 242 30.43 22.97 -27.36
CA PRO B 242 29.56 22.36 -26.33
C PRO B 242 30.29 21.93 -25.07
N PRO B 243 29.55 21.71 -23.96
CA PRO B 243 30.21 21.24 -22.73
C PRO B 243 30.69 19.79 -22.82
N PHE B 244 30.05 18.98 -23.68
CA PHE B 244 30.39 17.58 -23.86
C PHE B 244 30.50 17.31 -25.34
N TYR B 245 31.61 16.70 -25.76
CA TYR B 245 31.88 16.38 -27.15
C TYR B 245 32.86 15.22 -27.23
N SER B 246 32.98 14.61 -28.42
CA SER B 246 33.95 13.53 -28.61
C SER B 246 35.27 14.20 -28.98
N ASN B 247 36.35 13.80 -28.29
CA ASN B 247 37.68 14.37 -28.51
C ASN B 247 38.19 14.21 -29.95
N HIS B 248 37.75 13.14 -30.63
CA HIS B 248 38.16 12.89 -32.01
C HIS B 248 37.08 13.19 -33.04
N GLY B 249 36.28 14.21 -32.75
CA GLY B 249 35.22 14.69 -33.63
C GLY B 249 34.09 13.75 -33.96
N LEU B 250 34.02 12.59 -33.28
CA LEU B 250 32.95 11.62 -33.51
C LEU B 250 31.58 12.19 -33.12
N ALA B 251 30.48 11.61 -33.65
CA ALA B 251 29.14 12.07 -33.26
C ALA B 251 28.92 11.69 -31.77
N ILE B 252 29.26 10.45 -31.40
CA ILE B 252 29.15 9.94 -30.05
C ILE B 252 30.28 8.94 -29.80
N SER B 253 30.89 8.98 -28.62
CA SER B 253 31.97 8.08 -28.27
C SER B 253 31.79 7.59 -26.83
N PRO B 254 32.32 6.42 -26.45
CA PRO B 254 32.18 5.96 -25.05
C PRO B 254 32.70 6.96 -24.01
N GLY B 255 33.69 7.75 -24.40
CA GLY B 255 34.26 8.79 -23.54
C GLY B 255 33.28 9.92 -23.35
N MET B 256 32.62 10.34 -24.44
CA MET B 256 31.61 11.38 -24.43
C MET B 256 30.40 10.94 -23.60
N LYS B 257 30.04 9.66 -23.65
CA LYS B 257 28.95 9.12 -22.87
C LYS B 257 29.30 9.16 -21.38
N THR B 258 30.50 8.70 -20.99
CA THR B 258 30.86 8.68 -19.57
C THR B 258 31.07 10.09 -19.05
N ARG B 259 31.51 11.05 -19.88
CA ARG B 259 31.65 12.43 -19.43
C ARG B 259 30.25 13.03 -19.14
N ILE B 260 29.23 12.68 -19.92
CA ILE B 260 27.87 13.14 -19.66
C ILE B 260 27.35 12.51 -18.36
N ARG B 261 27.44 11.20 -18.23
CA ARG B 261 26.97 10.49 -17.04
C ARG B 261 27.68 10.94 -15.76
N MET B 262 28.97 11.22 -15.84
CA MET B 262 29.74 11.69 -14.68
C MET B 262 29.55 13.19 -14.38
N GLY B 263 29.24 13.98 -15.41
CA GLY B 263 29.14 15.42 -15.28
C GLY B 263 30.52 16.05 -15.39
N GLN B 264 31.32 15.55 -16.34
CA GLN B 264 32.69 15.98 -16.59
C GLN B 264 32.78 17.01 -17.70
N TYR B 265 32.78 18.25 -17.30
CA TYR B 265 32.91 19.38 -18.22
C TYR B 265 33.59 20.51 -17.50
N GLU B 266 34.16 21.44 -18.24
CA GLU B 266 34.81 22.57 -17.64
C GLU B 266 34.53 23.88 -18.37
N PHE B 267 34.99 25.00 -17.81
CA PHE B 267 34.85 26.30 -18.40
C PHE B 267 36.26 26.76 -18.75
N PRO B 268 36.79 26.33 -19.91
CA PRO B 268 38.16 26.70 -20.30
C PRO B 268 38.48 28.19 -20.24
N ASN B 269 39.64 28.52 -19.64
CA ASN B 269 40.07 29.89 -19.37
C ASN B 269 40.12 30.84 -20.55
N PRO B 270 40.65 30.50 -21.76
CA PRO B 270 40.64 31.51 -22.84
C PRO B 270 39.25 32.15 -23.09
N GLU B 271 38.24 31.29 -23.27
CA GLU B 271 36.86 31.65 -23.56
C GLU B 271 35.99 32.04 -22.34
N TRP B 272 36.18 31.37 -21.20
CA TRP B 272 35.39 31.62 -20.01
C TRP B 272 36.10 32.42 -18.94
N SER B 273 37.15 33.17 -19.30
CA SER B 273 37.90 33.96 -18.35
C SER B 273 37.05 35.10 -17.79
N GLU B 274 36.47 35.93 -18.66
CA GLU B 274 35.67 37.08 -18.22
C GLU B 274 34.16 36.78 -18.05
N VAL B 275 33.76 35.50 -18.18
CA VAL B 275 32.37 35.10 -18.04
C VAL B 275 32.02 35.07 -16.55
N SER B 276 30.89 35.70 -16.16
CA SER B 276 30.48 35.82 -14.75
C SER B 276 30.25 34.50 -14.06
N GLU B 277 30.51 34.43 -12.75
CA GLU B 277 30.24 33.20 -12.03
C GLU B 277 28.73 32.97 -11.81
N GLU B 278 27.88 33.96 -12.18
CA GLU B 278 26.43 33.89 -12.07
C GLU B 278 25.94 32.96 -13.16
N VAL B 279 26.44 33.15 -14.41
CA VAL B 279 26.01 32.29 -15.50
C VAL B 279 26.70 30.92 -15.43
N LYS B 280 27.93 30.83 -14.90
CA LYS B 280 28.60 29.55 -14.68
C LYS B 280 27.82 28.73 -13.65
N MET B 281 27.23 29.38 -12.63
CA MET B 281 26.40 28.67 -11.64
C MET B 281 25.04 28.28 -12.20
N LEU B 282 24.51 29.06 -13.15
CA LEU B 282 23.24 28.75 -13.78
C LEU B 282 23.41 27.49 -14.62
N ILE B 283 24.49 27.44 -15.41
CA ILE B 283 24.82 26.28 -16.22
C ILE B 283 25.05 25.05 -15.32
N ARG B 284 25.76 25.20 -14.20
CA ARG B 284 25.98 24.07 -13.29
C ARG B 284 24.68 23.46 -12.79
N ASN B 285 23.66 24.30 -12.56
CA ASN B 285 22.35 23.86 -12.07
C ASN B 285 21.48 23.20 -13.12
N LEU B 286 21.70 23.53 -14.39
CA LEU B 286 20.95 22.92 -15.50
C LEU B 286 21.68 21.61 -15.95
N LEU B 287 23.01 21.54 -15.79
CA LEU B 287 23.77 20.38 -16.16
C LEU B 287 24.00 19.44 -14.98
N LYS B 288 23.05 19.38 -14.04
CA LYS B 288 23.11 18.46 -12.91
C LYS B 288 22.79 17.09 -13.47
N THR B 289 23.64 16.08 -13.26
CA THR B 289 23.39 14.74 -13.82
C THR B 289 22.17 14.05 -13.22
N GLU B 290 21.77 14.44 -12.02
CA GLU B 290 20.60 13.87 -11.38
C GLU B 290 19.39 14.72 -11.76
N PRO B 291 18.45 14.20 -12.58
CA PRO B 291 17.32 15.04 -13.03
C PRO B 291 16.50 15.72 -11.94
N THR B 292 16.36 15.09 -10.76
CA THR B 292 15.61 15.69 -9.67
C THR B 292 16.37 16.88 -9.02
N GLN B 293 17.71 16.93 -9.15
CA GLN B 293 18.56 18.02 -8.67
C GLN B 293 18.51 19.24 -9.63
N ARG B 294 18.16 19.02 -10.90
CA ARG B 294 18.11 20.02 -11.96
C ARG B 294 17.13 21.13 -11.71
N MET B 295 17.39 22.28 -12.30
CA MET B 295 16.55 23.46 -12.17
C MET B 295 15.23 23.29 -12.95
N THR B 296 14.10 23.75 -12.40
CA THR B 296 12.82 23.71 -13.11
C THR B 296 12.72 24.91 -14.07
N ILE B 297 11.75 24.90 -15.00
CA ILE B 297 11.58 26.01 -15.94
C ILE B 297 11.15 27.28 -15.20
N THR B 298 10.35 27.14 -14.12
CA THR B 298 9.92 28.28 -13.33
C THR B 298 11.12 28.94 -12.66
N GLU B 299 12.03 28.14 -12.10
CA GLU B 299 13.23 28.70 -11.47
C GLU B 299 14.13 29.33 -12.50
N PHE B 300 14.25 28.75 -13.69
CA PHE B 300 15.06 29.29 -14.77
C PHE B 300 14.50 30.64 -15.23
N MET B 301 13.18 30.73 -15.45
CA MET B 301 12.54 31.95 -15.91
C MET B 301 12.53 33.07 -14.86
N ASN B 302 12.73 32.74 -13.59
CA ASN B 302 12.81 33.75 -12.54
C ASN B 302 14.27 34.02 -12.08
N HIS B 303 15.26 33.48 -12.81
CA HIS B 303 16.66 33.68 -12.47
C HIS B 303 17.04 35.07 -12.91
N PRO B 304 17.76 35.82 -12.04
CA PRO B 304 18.14 37.20 -12.39
C PRO B 304 18.84 37.34 -13.74
N TRP B 305 19.74 36.40 -14.06
CA TRP B 305 20.46 36.42 -15.33
C TRP B 305 19.53 36.33 -16.54
N ILE B 306 18.38 35.62 -16.42
CA ILE B 306 17.39 35.49 -17.51
C ILE B 306 16.43 36.68 -17.51
N MET B 307 16.01 37.11 -16.29
CA MET B 307 15.11 38.23 -15.97
C MET B 307 15.66 39.59 -16.44
N GLN B 308 17.00 39.74 -16.46
CA GLN B 308 17.71 40.96 -16.85
C GLN B 308 17.35 41.50 -18.24
N SER B 309 16.98 40.61 -19.22
CA SER B 309 16.67 40.99 -20.61
C SER B 309 15.51 41.98 -20.73
N THR B 310 14.48 41.81 -19.88
CA THR B 310 13.32 42.70 -19.91
C THR B 310 13.39 43.86 -18.89
N PRO C 25 2.03 -43.02 25.08
CA PRO C 25 2.12 -41.55 25.16
C PRO C 25 0.75 -40.85 25.02
N GLN C 26 0.25 -40.30 26.15
CA GLN C 26 -1.05 -39.63 26.22
C GLN C 26 -0.97 -38.12 26.23
N PHE C 27 -1.88 -37.49 25.48
CA PHE C 27 -2.01 -36.03 25.37
C PHE C 27 -3.11 -35.52 26.28
N HIS C 28 -2.98 -34.26 26.75
CA HIS C 28 -3.98 -33.64 27.63
C HIS C 28 -4.43 -32.25 27.09
N VAL C 29 -5.52 -31.68 27.67
CA VAL C 29 -5.98 -30.35 27.25
C VAL C 29 -5.09 -29.27 27.85
N LYS C 30 -4.37 -28.58 26.98
CA LYS C 30 -3.43 -27.52 27.35
C LYS C 30 -4.01 -26.15 27.01
N SER C 31 -3.54 -25.11 27.71
CA SER C 31 -4.00 -23.76 27.45
C SER C 31 -3.32 -23.21 26.20
N GLY C 32 -4.02 -22.33 25.52
CA GLY C 32 -3.51 -21.68 24.33
C GLY C 32 -2.60 -20.53 24.70
N LEU C 33 -1.93 -19.95 23.68
CA LEU C 33 -1.01 -18.86 23.95
C LEU C 33 -1.71 -17.52 24.06
N GLN C 34 -1.61 -16.87 25.23
CA GLN C 34 -2.21 -15.55 25.41
C GLN C 34 -1.08 -14.56 25.43
N ILE C 35 -0.86 -13.87 24.31
CA ILE C 35 0.20 -12.89 24.22
C ILE C 35 -0.19 -11.62 25.00
N LYS C 36 0.59 -11.29 26.04
CA LYS C 36 0.35 -10.12 26.88
C LYS C 36 0.76 -8.84 26.13
N LYS C 37 -0.03 -7.76 26.25
CA LYS C 37 0.28 -6.52 25.55
C LYS C 37 0.87 -5.44 26.44
N ASN C 38 0.75 -5.54 27.77
CA ASN C 38 1.35 -4.52 28.65
C ASN C 38 2.88 -4.48 28.49
N ALA C 39 3.54 -3.35 28.84
CA ALA C 39 5.00 -3.26 28.72
C ALA C 39 5.63 -4.25 29.68
N ILE C 40 6.62 -5.01 29.20
CA ILE C 40 7.27 -6.05 30.00
C ILE C 40 7.88 -5.47 31.27
N ILE C 41 8.36 -4.20 31.23
CA ILE C 41 8.95 -3.49 32.37
C ILE C 41 7.96 -3.23 33.49
N ASP C 42 6.65 -3.37 33.25
CA ASP C 42 5.65 -3.29 34.32
C ASP C 42 5.78 -4.51 35.24
N ASP C 43 6.17 -5.67 34.69
CA ASP C 43 6.23 -6.92 35.45
C ASP C 43 7.65 -7.41 35.75
N TYR C 44 8.62 -7.05 34.91
CA TYR C 44 9.98 -7.54 35.07
C TYR C 44 11.01 -6.43 35.02
N LYS C 45 12.16 -6.68 35.66
CA LYS C 45 13.30 -5.80 35.63
C LYS C 45 14.21 -6.46 34.62
N VAL C 46 14.47 -5.76 33.51
CA VAL C 46 15.29 -6.33 32.45
C VAL C 46 16.75 -5.91 32.58
N THR C 47 17.63 -6.88 32.88
CA THR C 47 19.06 -6.57 32.99
C THR C 47 19.74 -6.73 31.62
N SER C 48 20.98 -6.22 31.49
CA SER C 48 21.72 -6.37 30.24
C SER C 48 22.68 -7.57 30.29
N GLN C 49 22.60 -8.45 31.33
CA GLN C 49 23.47 -9.62 31.39
C GLN C 49 23.00 -10.65 30.37
N VAL C 50 23.79 -10.85 29.33
CA VAL C 50 23.47 -11.80 28.27
C VAL C 50 23.69 -13.23 28.75
N LEU C 51 22.61 -14.02 28.90
CA LEU C 51 22.69 -15.42 29.32
C LEU C 51 23.08 -16.36 28.15
N GLY C 52 22.74 -15.97 26.92
CA GLY C 52 23.04 -16.78 25.75
C GLY C 52 22.68 -16.14 24.44
N LEU C 53 23.06 -16.78 23.33
CA LEU C 53 22.75 -16.25 22.00
C LEU C 53 22.01 -17.28 21.17
N GLY C 54 20.77 -16.94 20.83
CA GLY C 54 19.90 -17.80 20.03
C GLY C 54 20.04 -17.58 18.54
N ILE C 55 19.28 -18.37 17.75
CA ILE C 55 19.29 -18.29 16.28
C ILE C 55 18.75 -16.94 15.83
N ASN C 56 17.62 -16.50 16.40
CA ASN C 56 16.98 -15.25 16.00
C ASN C 56 17.02 -14.12 17.03
N GLY C 57 17.74 -14.30 18.14
CA GLY C 57 17.81 -13.27 19.16
C GLY C 57 18.64 -13.62 20.38
N LYS C 58 19.09 -12.61 21.14
CA LYS C 58 19.89 -12.84 22.34
C LYS C 58 18.98 -13.10 23.54
N VAL C 59 19.45 -13.91 24.48
CA VAL C 59 18.70 -14.24 25.69
C VAL C 59 19.29 -13.44 26.85
N LEU C 60 18.50 -12.55 27.47
CA LEU C 60 18.94 -11.72 28.59
C LEU C 60 18.46 -12.23 29.96
N GLN C 61 19.08 -11.76 31.05
CA GLN C 61 18.66 -12.12 32.39
C GLN C 61 17.68 -11.10 32.90
N ILE C 62 16.50 -11.53 33.33
CA ILE C 62 15.47 -10.63 33.86
C ILE C 62 15.00 -11.10 35.25
N PHE C 63 14.29 -10.25 35.98
CA PHE C 63 13.79 -10.60 37.31
C PHE C 63 12.35 -10.21 37.44
N ASN C 64 11.52 -11.07 38.03
CA ASN C 64 10.12 -10.72 38.28
C ASN C 64 10.11 -9.60 39.33
N LYS C 65 9.43 -8.47 39.05
CA LYS C 65 9.40 -7.35 40.00
C LYS C 65 8.73 -7.73 41.32
N ARG C 66 7.64 -8.50 41.25
CA ARG C 66 6.91 -8.94 42.44
C ARG C 66 7.60 -10.06 43.21
N THR C 67 7.98 -11.15 42.55
CA THR C 67 8.58 -12.31 43.23
C THR C 67 10.10 -12.26 43.37
N GLN C 68 10.78 -11.37 42.65
CA GLN C 68 12.25 -11.27 42.61
C GLN C 68 12.94 -12.51 41.97
N GLU C 69 12.14 -13.42 41.40
CA GLU C 69 12.60 -14.64 40.75
C GLU C 69 13.35 -14.36 39.44
N LYS C 70 14.40 -15.10 39.15
CA LYS C 70 15.19 -14.91 37.93
C LYS C 70 14.59 -15.68 36.73
N PHE C 71 14.52 -15.00 35.55
CA PHE C 71 14.00 -15.55 34.30
C PHE C 71 14.89 -15.21 33.11
N ALA C 72 14.70 -15.88 31.97
CA ALA C 72 15.45 -15.62 30.74
C ALA C 72 14.53 -14.97 29.73
N LEU C 73 14.99 -13.94 29.01
CA LEU C 73 14.15 -13.24 28.05
C LEU C 73 14.75 -13.30 26.66
N LYS C 74 14.01 -13.86 25.69
CA LYS C 74 14.47 -13.87 24.30
C LYS C 74 13.76 -12.75 23.59
N MET C 75 14.50 -11.91 22.86
CA MET C 75 13.89 -10.78 22.17
C MET C 75 13.94 -10.95 20.69
N LEU C 76 12.79 -10.96 20.07
CA LEU C 76 12.70 -11.13 18.63
C LEU C 76 11.92 -9.99 18.07
N GLN C 77 12.28 -9.50 16.85
CA GLN C 77 11.47 -8.47 16.23
C GLN C 77 10.31 -9.19 15.55
N ASP C 78 9.08 -8.68 15.72
CA ASP C 78 7.92 -9.29 15.08
C ASP C 78 8.06 -9.41 13.57
N CYS C 79 7.78 -10.60 13.07
CA CYS C 79 7.83 -10.96 11.67
C CYS C 79 7.33 -12.42 11.53
N PRO C 80 7.02 -12.90 10.31
CA PRO C 80 6.53 -14.27 10.18
C PRO C 80 7.43 -15.35 10.78
N LYS C 81 8.76 -15.23 10.66
CA LYS C 81 9.66 -16.24 11.24
C LYS C 81 9.65 -16.21 12.77
N ALA C 82 9.52 -15.02 13.36
CA ALA C 82 9.44 -14.87 14.81
C ALA C 82 8.12 -15.40 15.32
N ARG C 83 7.03 -15.18 14.59
CA ARG C 83 5.72 -15.68 14.98
C ARG C 83 5.68 -17.21 14.96
N ARG C 84 6.43 -17.82 14.03
CA ARG C 84 6.54 -19.26 13.88
C ARG C 84 7.32 -19.84 15.06
N GLU C 85 8.48 -19.24 15.43
CA GLU C 85 9.29 -19.69 16.56
C GLU C 85 8.46 -19.70 17.86
N VAL C 86 7.72 -18.61 18.12
CA VAL C 86 6.91 -18.50 19.32
C VAL C 86 5.77 -19.53 19.29
N GLU C 87 5.11 -19.67 18.14
CA GLU C 87 3.98 -20.59 18.01
C GLU C 87 4.39 -22.05 18.17
N LEU C 88 5.46 -22.47 17.50
CA LEU C 88 5.94 -23.83 17.61
C LEU C 88 6.54 -24.10 18.98
N HIS C 89 7.30 -23.14 19.55
CA HIS C 89 7.88 -23.30 20.88
C HIS C 89 6.78 -23.45 21.90
N TRP C 90 5.71 -22.66 21.80
CA TRP C 90 4.59 -22.78 22.71
C TRP C 90 3.99 -24.19 22.73
N ARG C 91 3.70 -24.78 21.55
CA ARG C 91 3.12 -26.12 21.48
C ARG C 91 4.04 -27.18 22.05
N ALA C 92 5.35 -27.00 21.90
CA ALA C 92 6.38 -27.91 22.39
C ALA C 92 6.61 -27.73 23.88
N SER C 93 6.52 -26.49 24.39
CA SER C 93 6.72 -26.06 25.78
C SER C 93 5.95 -26.95 26.78
N GLN C 94 4.82 -27.51 26.33
CA GLN C 94 3.91 -28.38 27.08
C GLN C 94 4.52 -29.76 27.47
N CYS C 95 5.82 -29.93 27.23
CA CYS C 95 6.58 -31.15 27.47
C CYS C 95 7.67 -30.81 28.46
N PRO C 96 7.89 -31.70 29.45
CA PRO C 96 8.94 -31.43 30.44
C PRO C 96 10.36 -31.41 29.88
N HIS C 97 10.59 -31.89 28.64
CA HIS C 97 11.94 -31.88 28.07
C HIS C 97 12.24 -30.71 27.16
N ILE C 98 11.35 -29.74 27.06
CA ILE C 98 11.55 -28.54 26.25
C ILE C 98 11.48 -27.34 27.20
N VAL C 99 12.37 -26.34 27.02
CA VAL C 99 12.43 -25.15 27.88
C VAL C 99 11.07 -24.48 27.98
N ARG C 100 10.62 -24.27 29.21
CA ARG C 100 9.28 -23.75 29.47
C ARG C 100 9.12 -22.27 29.15
N ILE C 101 8.02 -21.91 28.51
CA ILE C 101 7.71 -20.50 28.26
C ILE C 101 6.78 -20.07 29.41
N VAL C 102 7.17 -19.03 30.12
CA VAL C 102 6.42 -18.48 31.23
C VAL C 102 5.37 -17.50 30.70
N ASP C 103 5.77 -16.59 29.80
CA ASP C 103 4.89 -15.59 29.20
C ASP C 103 5.48 -15.12 27.85
N VAL C 104 4.62 -14.58 26.98
CA VAL C 104 5.04 -14.00 25.71
C VAL C 104 4.42 -12.60 25.65
N TYR C 105 5.22 -11.58 25.34
CA TYR C 105 4.73 -10.21 25.29
C TYR C 105 4.87 -9.66 23.89
N GLU C 106 3.91 -8.84 23.48
CA GLU C 106 4.01 -8.14 22.21
C GLU C 106 4.10 -6.69 22.63
N ASN C 107 5.28 -6.11 22.46
CA ASN C 107 5.53 -4.71 22.84
C ASN C 107 6.06 -3.91 21.64
N LEU C 108 6.14 -2.59 21.79
CA LEU C 108 6.69 -1.73 20.77
C LEU C 108 8.04 -1.24 21.20
N TYR C 109 8.98 -1.23 20.27
CA TYR C 109 10.30 -0.67 20.52
C TYR C 109 10.73 -0.01 19.21
N ALA C 110 11.10 1.28 19.26
CA ALA C 110 11.49 2.04 18.07
C ALA C 110 10.39 2.00 16.98
N GLY C 111 9.13 2.02 17.42
CA GLY C 111 7.97 2.00 16.55
C GLY C 111 7.75 0.69 15.81
N ARG C 112 8.44 -0.38 16.23
CA ARG C 112 8.31 -1.70 15.63
C ARG C 112 7.83 -2.71 16.67
N LYS C 113 6.91 -3.58 16.27
CA LYS C 113 6.40 -4.60 17.16
C LYS C 113 7.49 -5.63 17.43
N CYS C 114 7.55 -6.16 18.65
CA CYS C 114 8.53 -7.18 19.00
C CYS C 114 7.93 -8.18 19.96
N LEU C 115 8.37 -9.42 19.84
CA LEU C 115 7.92 -10.51 20.67
C LEU C 115 9.00 -10.77 21.71
N LEU C 116 8.58 -10.71 22.97
CA LEU C 116 9.47 -10.90 24.11
C LEU C 116 9.09 -12.22 24.83
N ILE C 117 9.90 -13.29 24.65
CA ILE C 117 9.60 -14.59 25.25
C ILE C 117 10.27 -14.74 26.60
N VAL C 118 9.46 -14.80 27.66
CA VAL C 118 9.96 -15.00 29.01
C VAL C 118 9.99 -16.52 29.22
N MET C 119 11.15 -17.07 29.50
CA MET C 119 11.33 -18.50 29.74
C MET C 119 11.96 -18.74 31.12
N GLU C 120 11.91 -20.00 31.60
CA GLU C 120 12.56 -20.41 32.82
C GLU C 120 14.07 -20.36 32.59
N CYS C 121 14.85 -20.23 33.66
CA CYS C 121 16.30 -20.19 33.57
C CYS C 121 16.88 -21.58 33.49
N LEU C 122 17.89 -21.79 32.65
CA LEU C 122 18.55 -23.08 32.59
C LEU C 122 20.03 -22.86 32.97
N ASP C 123 20.29 -22.76 34.28
CA ASP C 123 21.60 -22.44 34.86
C ASP C 123 22.59 -23.62 34.98
N GLY C 124 22.18 -24.81 34.58
CA GLY C 124 23.04 -25.98 34.69
C GLY C 124 24.06 -26.17 33.61
N GLY C 125 24.13 -25.23 32.67
CA GLY C 125 25.08 -25.30 31.55
C GLY C 125 24.61 -26.13 30.37
N GLU C 126 25.25 -25.96 29.22
CA GLU C 126 24.85 -26.71 28.03
C GLU C 126 25.38 -28.14 28.09
N LEU C 127 24.82 -29.05 27.27
CA LEU C 127 25.35 -30.41 27.14
C LEU C 127 26.78 -30.29 26.54
N PHE C 128 26.98 -29.31 25.64
CA PHE C 128 28.22 -28.97 24.98
C PHE C 128 29.37 -28.73 26.00
N SER C 129 29.11 -27.90 27.05
CA SER C 129 30.08 -27.60 28.12
C SER C 129 30.45 -28.90 28.82
N ARG C 130 29.47 -29.73 29.16
CA ARG C 130 29.71 -31.05 29.73
C ARG C 130 30.58 -31.92 28.82
N ILE C 131 30.35 -31.92 27.50
CA ILE C 131 31.15 -32.72 26.56
C ILE C 131 32.61 -32.21 26.46
N GLN C 132 32.80 -30.88 26.51
CA GLN C 132 34.14 -30.32 26.46
C GLN C 132 34.91 -30.63 27.72
N ASP C 133 34.22 -30.54 28.88
CA ASP C 133 34.81 -30.83 30.19
C ASP C 133 35.30 -32.28 30.30
N ARG C 134 34.66 -33.22 29.59
CA ARG C 134 35.11 -34.61 29.59
C ARG C 134 36.37 -34.79 28.77
N GLY C 135 36.42 -34.15 27.62
CA GLY C 135 37.56 -34.25 26.70
C GLY C 135 37.72 -35.65 26.17
N ASP C 136 38.98 -36.06 25.95
CA ASP C 136 39.42 -37.35 25.42
C ASP C 136 38.82 -38.56 26.17
N GLN C 137 38.47 -38.37 27.45
CA GLN C 137 37.90 -39.38 28.34
C GLN C 137 36.57 -39.90 27.80
N ALA C 138 35.74 -39.01 27.21
CA ALA C 138 34.44 -39.35 26.65
C ALA C 138 33.43 -39.86 27.78
N PHE C 139 32.27 -40.48 27.42
CA PHE C 139 31.25 -40.99 28.33
C PHE C 139 31.08 -42.49 28.04
N THR C 140 30.78 -43.30 29.04
CA THR C 140 30.55 -44.73 28.83
C THR C 140 29.21 -45.00 28.15
N GLU C 141 29.01 -46.19 27.57
CA GLU C 141 27.76 -46.54 26.91
C GLU C 141 26.56 -46.35 27.82
N ARG C 142 26.71 -46.64 29.11
CA ARG C 142 25.63 -46.47 30.05
C ARG C 142 25.26 -44.96 30.26
N GLU C 143 26.25 -44.04 30.48
CA GLU C 143 25.88 -42.62 30.64
C GLU C 143 25.60 -41.93 29.32
N ALA C 144 26.15 -42.44 28.22
CA ALA C 144 25.85 -41.90 26.90
C ALA C 144 24.43 -42.30 26.52
N SER C 145 23.95 -43.50 26.91
CA SER C 145 22.57 -43.89 26.65
C SER C 145 21.58 -43.06 27.48
N GLU C 146 21.99 -42.59 28.67
CA GLU C 146 21.14 -41.79 29.55
C GLU C 146 20.92 -40.41 28.92
N ILE C 147 22.00 -39.79 28.42
CA ILE C 147 21.94 -38.49 27.76
C ILE C 147 21.07 -38.60 26.50
N MET C 148 21.33 -39.64 25.67
CA MET C 148 20.59 -39.89 24.45
C MET C 148 19.12 -40.11 24.67
N LYS C 149 18.76 -40.79 25.76
CA LYS C 149 17.38 -41.07 26.09
C LYS C 149 16.65 -39.77 26.43
N SER C 150 17.30 -38.85 27.19
CA SER C 150 16.66 -37.59 27.53
C SER C 150 16.54 -36.63 26.34
N ILE C 151 17.47 -36.74 25.36
CA ILE C 151 17.36 -35.93 24.14
C ILE C 151 16.21 -36.51 23.31
N GLY C 152 16.15 -37.84 23.19
CA GLY C 152 15.12 -38.55 22.48
C GLY C 152 13.72 -38.31 23.02
N GLU C 153 13.57 -37.99 24.32
CA GLU C 153 12.25 -37.70 24.87
C GLU C 153 11.70 -36.39 24.34
N ALA C 154 12.59 -35.39 24.15
CA ALA C 154 12.20 -34.09 23.59
C ALA C 154 11.85 -34.26 22.10
N ILE C 155 12.63 -35.05 21.36
CA ILE C 155 12.40 -35.32 19.94
C ILE C 155 11.11 -36.11 19.71
N GLN C 156 10.84 -37.10 20.57
CA GLN C 156 9.63 -37.90 20.47
C GLN C 156 8.39 -37.02 20.66
N TYR C 157 8.46 -36.02 21.56
CA TYR C 157 7.34 -35.14 21.75
C TYR C 157 7.12 -34.29 20.52
N LEU C 158 8.19 -33.62 20.03
CA LEU C 158 8.09 -32.77 18.84
C LEU C 158 7.53 -33.55 17.65
N HIS C 159 8.11 -34.71 17.35
CA HIS C 159 7.66 -35.52 16.23
C HIS C 159 6.22 -35.96 16.38
N SER C 160 5.79 -36.27 17.62
CA SER C 160 4.40 -36.67 17.85
C SER C 160 3.41 -35.52 17.59
N ILE C 161 3.85 -34.26 17.76
CA ILE C 161 2.99 -33.11 17.47
C ILE C 161 3.32 -32.44 16.11
N ASN C 162 4.02 -33.18 15.21
CA ASN C 162 4.42 -32.79 13.87
C ASN C 162 5.28 -31.53 13.83
N ILE C 163 6.39 -31.55 14.57
CA ILE C 163 7.34 -30.47 14.61
C ILE C 163 8.72 -31.09 14.46
N ALA C 164 9.56 -30.54 13.58
CA ALA C 164 10.94 -30.98 13.42
C ALA C 164 11.74 -29.81 13.95
N HIS C 165 12.73 -30.07 14.83
CA HIS C 165 13.52 -29.00 15.43
C HIS C 165 14.49 -28.44 14.39
N ARG C 166 15.16 -29.35 13.66
CA ARG C 166 16.10 -29.04 12.59
C ARG C 166 17.39 -28.39 13.04
N ASP C 167 17.64 -28.26 14.36
CA ASP C 167 18.91 -27.71 14.88
C ASP C 167 19.32 -28.44 16.15
N VAL C 168 19.13 -29.76 16.19
CA VAL C 168 19.47 -30.54 17.37
C VAL C 168 20.99 -30.68 17.48
N LYS C 169 21.57 -30.07 18.52
CA LYS C 169 23.01 -30.08 18.75
C LYS C 169 23.28 -29.81 20.24
N PRO C 170 24.44 -30.22 20.79
CA PRO C 170 24.69 -30.02 22.22
C PRO C 170 24.63 -28.59 22.73
N GLU C 171 24.83 -27.63 21.86
CA GLU C 171 24.76 -26.22 22.23
C GLU C 171 23.31 -25.79 22.55
N ASN C 172 22.30 -26.47 21.98
CA ASN C 172 20.88 -26.13 22.20
C ASN C 172 20.19 -26.98 23.29
N LEU C 173 20.92 -27.88 23.96
CA LEU C 173 20.41 -28.74 25.00
C LEU C 173 21.03 -28.26 26.31
N LEU C 174 20.22 -27.59 27.17
CA LEU C 174 20.74 -27.05 28.42
C LEU C 174 20.18 -27.78 29.64
N TYR C 175 20.96 -27.84 30.74
CA TYR C 175 20.56 -28.46 31.99
C TYR C 175 19.84 -27.44 32.86
N THR C 176 18.79 -27.86 33.56
CA THR C 176 17.99 -26.95 34.37
C THR C 176 18.75 -26.33 35.54
N SER C 177 19.64 -27.13 36.13
CA SER C 177 20.42 -26.71 37.28
C SER C 177 21.73 -27.50 37.35
N LYS C 178 22.62 -27.13 38.29
CA LYS C 178 23.88 -27.86 38.44
C LYS C 178 23.71 -29.16 39.29
N ARG C 179 22.54 -29.32 39.97
CA ARG C 179 22.13 -30.47 40.79
C ARG C 179 22.25 -31.82 40.04
N PRO C 180 22.30 -32.97 40.76
CA PRO C 180 22.37 -34.28 40.05
C PRO C 180 21.01 -34.78 39.53
N ASN C 181 19.92 -34.12 39.96
CA ASN C 181 18.54 -34.37 39.54
C ASN C 181 18.09 -33.43 38.39
N ALA C 182 19.02 -32.63 37.81
CA ALA C 182 18.77 -31.70 36.72
C ALA C 182 18.33 -32.40 35.44
N ILE C 183 17.36 -31.77 34.74
CA ILE C 183 16.79 -32.27 33.49
C ILE C 183 17.46 -31.60 32.30
N LEU C 184 17.75 -32.39 31.25
CA LEU C 184 18.29 -31.82 30.02
C LEU C 184 17.10 -31.35 29.15
N LYS C 185 17.10 -30.06 28.76
CA LYS C 185 16.01 -29.45 28.00
C LYS C 185 16.43 -28.93 26.62
N LEU C 186 15.57 -29.17 25.61
CA LEU C 186 15.77 -28.71 24.24
C LEU C 186 15.28 -27.27 24.14
N THR C 187 16.08 -26.41 23.50
CA THR C 187 15.78 -24.97 23.39
C THR C 187 15.92 -24.52 21.92
N ASP C 188 15.55 -23.24 21.62
CA ASP C 188 15.71 -22.59 20.33
C ASP C 188 14.94 -23.19 19.20
N PHE C 189 13.76 -22.64 18.94
CA PHE C 189 12.95 -23.10 17.81
C PHE C 189 13.13 -22.18 16.58
N GLY C 190 14.33 -21.60 16.44
CA GLY C 190 14.68 -20.71 15.36
C GLY C 190 14.63 -21.36 13.99
N PHE C 191 14.88 -22.67 13.92
CA PHE C 191 14.79 -23.44 12.66
C PHE C 191 13.63 -24.44 12.64
N ALA C 192 12.82 -24.51 13.69
CA ALA C 192 11.73 -25.45 13.76
C ALA C 192 10.70 -25.24 12.65
N LYS C 193 10.13 -26.35 12.19
CA LYS C 193 9.17 -26.31 11.13
C LYS C 193 8.07 -27.34 11.38
N GLU C 194 6.81 -26.96 11.14
CA GLU C 194 5.66 -27.84 11.24
C GLU C 194 5.74 -28.79 10.04
N THR C 195 5.57 -30.11 10.25
CA THR C 195 5.70 -31.07 9.16
C THR C 195 4.41 -31.49 8.46
N THR C 196 3.28 -30.82 8.68
CA THR C 196 2.01 -31.20 8.04
C THR C 196 1.28 -29.99 7.46
N THR C 207 -10.77 -45.98 5.82
CA THR C 207 -11.15 -46.72 7.04
C THR C 207 -10.08 -46.52 8.13
N PRO C 208 -10.44 -46.03 9.33
CA PRO C 208 -9.44 -45.71 10.36
C PRO C 208 -8.47 -46.81 10.74
N TYR C 209 -8.94 -48.04 11.01
CA TYR C 209 -8.04 -49.11 11.41
C TYR C 209 -6.92 -49.41 10.41
N TYR C 210 -7.22 -49.27 9.11
CA TYR C 210 -6.33 -49.72 8.04
C TYR C 210 -5.61 -48.61 7.29
N VAL C 211 -5.91 -47.34 7.57
CA VAL C 211 -5.27 -46.25 6.88
C VAL C 211 -3.75 -46.19 7.17
N ALA C 212 -2.94 -46.15 6.08
CA ALA C 212 -1.49 -46.07 6.17
C ALA C 212 -1.06 -44.64 6.60
N PRO C 213 0.10 -44.47 7.25
CA PRO C 213 0.51 -43.13 7.70
C PRO C 213 0.61 -42.09 6.59
N GLU C 214 1.16 -42.49 5.41
CA GLU C 214 1.30 -41.60 4.25
C GLU C 214 -0.03 -41.12 3.70
N VAL C 215 -1.12 -41.86 3.97
CA VAL C 215 -2.45 -41.47 3.54
C VAL C 215 -3.00 -40.43 4.51
N LEU C 216 -2.77 -40.59 5.82
CA LEU C 216 -3.21 -39.61 6.81
C LEU C 216 -2.44 -38.31 6.59
N GLY C 217 -1.19 -38.26 7.01
CA GLY C 217 -0.37 -37.06 6.85
C GLY C 217 0.86 -37.22 6.00
N PRO C 218 0.75 -36.79 4.73
CA PRO C 218 1.94 -36.77 3.85
C PRO C 218 2.83 -35.60 4.31
N GLU C 219 4.09 -35.90 4.69
CA GLU C 219 5.02 -34.96 5.32
C GLU C 219 5.59 -33.79 4.47
N LYS C 220 5.26 -32.53 4.90
CA LYS C 220 5.66 -31.20 4.39
C LYS C 220 7.20 -31.01 4.42
N TYR C 221 7.84 -31.31 5.58
CA TYR C 221 9.30 -31.23 5.73
C TYR C 221 9.85 -32.58 6.25
N ASP C 222 11.03 -32.60 6.93
CA ASP C 222 11.57 -33.85 7.41
C ASP C 222 12.11 -33.80 8.84
N LYS C 223 11.51 -34.65 9.64
CA LYS C 223 11.86 -34.97 11.00
C LYS C 223 13.17 -35.79 11.01
N SER C 224 13.47 -36.56 9.95
CA SER C 224 14.64 -37.43 9.88
C SER C 224 15.96 -36.73 10.00
N CYS C 225 16.03 -35.42 9.80
CA CYS C 225 17.30 -34.72 10.01
C CYS C 225 17.62 -34.63 11.52
N ASP C 226 16.57 -34.64 12.39
CA ASP C 226 16.74 -34.69 13.84
C ASP C 226 17.35 -36.05 14.26
N MET C 227 16.97 -37.14 13.55
CA MET C 227 17.51 -38.47 13.78
C MET C 227 18.97 -38.54 13.44
N TRP C 228 19.40 -37.85 12.35
CA TRP C 228 20.80 -37.77 11.96
C TRP C 228 21.58 -37.07 13.05
N SER C 229 21.03 -35.97 13.60
CA SER C 229 21.69 -35.23 14.67
C SER C 229 21.90 -36.09 15.90
N LEU C 230 20.91 -36.95 16.26
CA LEU C 230 21.08 -37.85 17.40
C LEU C 230 22.24 -38.82 17.14
N GLY C 231 22.38 -39.32 15.90
CA GLY C 231 23.49 -40.19 15.53
C GLY C 231 24.83 -39.50 15.68
N VAL C 232 24.90 -38.20 15.32
CA VAL C 232 26.14 -37.44 15.46
C VAL C 232 26.49 -37.20 16.92
N ILE C 233 25.50 -36.73 17.72
CA ILE C 233 25.71 -36.50 19.16
C ILE C 233 26.09 -37.83 19.88
N MET C 234 25.44 -38.94 19.54
CA MET C 234 25.75 -40.24 20.13
C MET C 234 27.20 -40.66 19.86
N TYR C 235 27.68 -40.41 18.63
CA TYR C 235 29.05 -40.72 18.21
C TYR C 235 30.02 -39.91 19.08
N ILE C 236 29.85 -38.57 19.13
CA ILE C 236 30.69 -37.70 19.96
C ILE C 236 30.75 -38.16 21.44
N LEU C 237 29.58 -38.54 22.04
CA LEU C 237 29.55 -38.96 23.44
C LEU C 237 30.43 -40.14 23.70
N LEU C 238 30.46 -41.10 22.78
CA LEU C 238 31.24 -42.30 22.97
C LEU C 238 32.75 -42.18 22.69
N CYS C 239 33.24 -41.12 21.99
CA CYS C 239 34.67 -41.07 21.68
C CYS C 239 35.33 -39.71 21.87
N GLY C 240 34.56 -38.64 21.74
CA GLY C 240 35.09 -37.31 21.98
C GLY C 240 35.26 -36.45 20.73
N TYR C 241 35.06 -37.03 19.55
CA TYR C 241 35.17 -36.32 18.27
C TYR C 241 33.96 -36.67 17.37
N PRO C 242 33.63 -35.84 16.34
CA PRO C 242 32.46 -36.14 15.50
C PRO C 242 32.74 -37.15 14.40
N PRO C 243 31.69 -37.76 13.81
CA PRO C 243 31.93 -38.73 12.72
C PRO C 243 32.39 -38.07 11.42
N PHE C 244 32.06 -36.78 11.25
CA PHE C 244 32.44 -36.01 10.06
C PHE C 244 33.00 -34.69 10.52
N TYR C 245 34.16 -34.33 9.99
CA TYR C 245 34.84 -33.08 10.32
C TYR C 245 35.81 -32.68 9.20
N SER C 246 36.29 -31.44 9.23
CA SER C 246 37.27 -31.00 8.24
C SER C 246 38.65 -31.43 8.72
N ASN C 247 39.42 -32.12 7.87
CA ASN C 247 40.76 -32.61 8.21
C ASN C 247 41.72 -31.51 8.66
N HIS C 248 41.54 -30.28 8.15
CA HIS C 248 42.40 -29.17 8.50
C HIS C 248 41.74 -28.18 9.44
N GLY C 249 40.90 -28.69 10.34
CA GLY C 249 40.22 -27.92 11.38
C GLY C 249 39.28 -26.84 10.95
N LEU C 250 38.95 -26.78 9.65
CA LEU C 250 38.03 -25.77 9.12
C LEU C 250 36.61 -25.97 9.69
N ALA C 251 35.77 -24.90 9.64
CA ALA C 251 34.39 -24.98 10.11
C ALA C 251 33.64 -25.95 9.16
N ILE C 252 33.81 -25.76 7.83
CA ILE C 252 33.22 -26.60 6.80
C ILE C 252 34.17 -26.62 5.59
N SER C 253 34.31 -27.77 4.95
CA SER C 253 35.18 -27.92 3.80
C SER C 253 34.48 -28.79 2.72
N PRO C 254 34.83 -28.65 1.43
CA PRO C 254 34.21 -29.51 0.40
C PRO C 254 34.39 -31.00 0.68
N GLY C 255 35.50 -31.37 1.35
CA GLY C 255 35.78 -32.75 1.71
C GLY C 255 34.81 -33.22 2.77
N MET C 256 34.57 -32.38 3.77
CA MET C 256 33.64 -32.68 4.85
C MET C 256 32.24 -32.86 4.30
N LYS C 257 31.84 -31.99 3.35
CA LYS C 257 30.54 -32.07 2.70
C LYS C 257 30.39 -33.37 1.91
N THR C 258 31.40 -33.77 1.13
CA THR C 258 31.27 -35.00 0.35
C THR C 258 31.32 -36.22 1.25
N ARG C 259 32.01 -36.16 2.40
CA ARG C 259 32.02 -37.30 3.33
C ARG C 259 30.63 -37.49 3.96
N ILE C 260 29.91 -36.40 4.22
CA ILE C 260 28.55 -36.48 4.74
C ILE C 260 27.62 -37.07 3.68
N ARG C 261 27.64 -36.52 2.47
CA ARG C 261 26.79 -36.99 1.37
C ARG C 261 27.05 -38.45 1.02
N MET C 262 28.32 -38.88 1.05
CA MET C 262 28.70 -40.26 0.73
C MET C 262 28.47 -41.24 1.88
N GLY C 263 28.53 -40.73 3.12
CA GLY C 263 28.40 -41.58 4.31
C GLY C 263 29.75 -42.18 4.66
N GLN C 264 30.80 -41.36 4.55
CA GLN C 264 32.17 -41.74 4.80
C GLN C 264 32.63 -41.37 6.20
N TYR C 265 32.53 -42.34 7.08
CA TYR C 265 32.97 -42.21 8.46
C TYR C 265 33.38 -43.60 8.92
N GLU C 266 34.18 -43.66 9.99
CA GLU C 266 34.55 -44.95 10.55
C GLU C 266 34.56 -44.90 12.09
N PHE C 267 34.75 -46.06 12.71
CA PHE C 267 34.84 -46.14 14.16
C PHE C 267 36.32 -46.45 14.46
N PRO C 268 37.21 -45.44 14.49
CA PRO C 268 38.64 -45.70 14.74
C PRO C 268 38.91 -46.60 15.94
N ASN C 269 39.76 -47.62 15.74
CA ASN C 269 40.09 -48.63 16.74
C ASN C 269 40.59 -48.13 18.09
N PRO C 270 41.49 -47.12 18.22
CA PRO C 270 41.90 -46.69 19.59
C PRO C 270 40.71 -46.47 20.56
N GLU C 271 39.75 -45.62 20.19
CA GLU C 271 38.61 -45.27 21.03
C GLU C 271 37.43 -46.23 20.93
N TRP C 272 37.16 -46.73 19.72
CA TRP C 272 36.01 -47.59 19.44
C TRP C 272 36.29 -49.10 19.55
N SER C 273 37.44 -49.46 20.13
CA SER C 273 37.86 -50.85 20.26
C SER C 273 36.89 -51.69 21.09
N GLU C 274 36.64 -51.27 22.35
CA GLU C 274 35.77 -52.04 23.23
C GLU C 274 34.29 -51.60 23.19
N VAL C 275 33.92 -50.70 22.24
CA VAL C 275 32.55 -50.24 22.08
C VAL C 275 31.72 -51.33 21.40
N SER C 276 30.54 -51.65 21.95
CA SER C 276 29.68 -52.73 21.47
C SER C 276 29.22 -52.57 20.06
N GLU C 277 29.03 -53.69 19.36
CA GLU C 277 28.50 -53.64 18.00
C GLU C 277 27.01 -53.28 17.98
N GLU C 278 26.34 -53.26 19.16
CA GLU C 278 24.93 -52.91 19.29
C GLU C 278 24.80 -51.41 19.08
N VAL C 279 25.66 -50.62 19.74
CA VAL C 279 25.62 -49.18 19.58
C VAL C 279 26.23 -48.75 18.26
N LYS C 280 27.20 -49.52 17.72
CA LYS C 280 27.77 -49.24 16.41
C LYS C 280 26.65 -49.39 15.36
N MET C 281 25.81 -50.42 15.49
CA MET C 281 24.70 -50.61 14.56
C MET C 281 23.62 -49.57 14.73
N LEU C 282 23.41 -49.05 15.93
CA LEU C 282 22.41 -48.01 16.20
C LEU C 282 22.87 -46.74 15.49
N ILE C 283 24.16 -46.39 15.61
CA ILE C 283 24.75 -45.22 14.95
C ILE C 283 24.68 -45.37 13.43
N ARG C 284 24.97 -46.57 12.89
CA ARG C 284 24.88 -46.81 11.46
C ARG C 284 23.48 -46.55 10.94
N ASN C 285 22.44 -46.88 11.71
CA ASN C 285 21.04 -46.70 11.32
C ASN C 285 20.56 -45.26 11.43
N LEU C 286 21.19 -44.44 12.27
CA LEU C 286 20.83 -43.04 12.38
C LEU C 286 21.67 -42.21 11.37
N LEU C 287 22.88 -42.67 11.00
CA LEU C 287 23.70 -41.98 10.05
C LEU C 287 23.55 -42.56 8.63
N LYS C 288 22.35 -43.07 8.30
CA LYS C 288 22.03 -43.55 6.96
C LYS C 288 21.88 -42.29 6.10
N THR C 289 22.60 -42.19 4.97
CA THR C 289 22.51 -40.97 4.15
C THR C 289 21.15 -40.79 3.50
N GLU C 290 20.40 -41.87 3.33
CA GLU C 290 19.07 -41.80 2.74
C GLU C 290 18.06 -41.60 3.87
N PRO C 291 17.41 -40.42 3.96
CA PRO C 291 16.50 -40.17 5.09
C PRO C 291 15.42 -41.22 5.31
N THR C 292 14.91 -41.84 4.24
CA THR C 292 13.85 -42.85 4.37
C THR C 292 14.41 -44.19 4.93
N GLN C 293 15.71 -44.43 4.83
CA GLN C 293 16.37 -45.61 5.38
C GLN C 293 16.63 -45.43 6.91
N ARG C 294 16.72 -44.16 7.38
CA ARG C 294 17.00 -43.79 8.77
C ARG C 294 15.95 -44.31 9.77
N MET C 295 16.37 -44.48 10.99
CA MET C 295 15.52 -44.95 12.09
C MET C 295 14.53 -43.86 12.54
N THR C 296 13.28 -44.22 12.90
CA THR C 296 12.33 -43.23 13.43
C THR C 296 12.56 -42.98 14.94
N ILE C 297 11.95 -41.93 15.53
CA ILE C 297 12.13 -41.66 16.96
C ILE C 297 11.48 -42.75 17.82
N THR C 298 10.39 -43.36 17.35
CA THR C 298 9.74 -44.43 18.08
C THR C 298 10.66 -45.64 18.14
N GLU C 299 11.32 -45.98 17.03
CA GLU C 299 12.25 -47.11 16.99
C GLU C 299 13.46 -46.81 17.87
N PHE C 300 13.95 -45.58 17.87
CA PHE C 300 15.08 -45.18 18.68
C PHE C 300 14.73 -45.30 20.16
N MET C 301 13.57 -44.79 20.59
CA MET C 301 13.15 -44.84 22.00
C MET C 301 12.82 -46.25 22.50
N ASN C 302 12.57 -47.20 21.59
CA ASN C 302 12.32 -48.58 21.97
C ASN C 302 13.54 -49.49 21.73
N HIS C 303 14.71 -48.90 21.43
CA HIS C 303 15.91 -49.68 21.20
C HIS C 303 16.47 -50.10 22.55
N PRO C 304 16.84 -51.38 22.68
CA PRO C 304 17.36 -51.85 23.98
C PRO C 304 18.50 -51.02 24.56
N TRP C 305 19.41 -50.51 23.72
CA TRP C 305 20.53 -49.71 24.21
C TRP C 305 20.06 -48.39 24.85
N ILE C 306 18.97 -47.81 24.37
CA ILE C 306 18.40 -46.57 24.91
C ILE C 306 17.60 -46.89 26.17
N MET C 307 16.82 -47.98 26.12
CA MET C 307 16.00 -48.38 27.26
C MET C 307 16.79 -48.96 28.45
N GLN C 308 18.07 -49.34 28.24
CA GLN C 308 18.94 -49.88 29.28
C GLN C 308 19.00 -48.98 30.52
N SER C 309 18.92 -47.65 30.31
CA SER C 309 18.97 -46.59 31.33
C SER C 309 18.00 -46.79 32.49
N THR C 310 17.01 -47.70 32.30
CA THR C 310 15.98 -48.15 33.23
C THR C 310 15.80 -49.69 33.11
N PRO D 25 17.13 12.18 20.93
CA PRO D 25 15.78 11.59 20.78
C PRO D 25 15.77 10.06 21.03
N GLN D 26 15.58 9.64 22.32
CA GLN D 26 15.63 8.24 22.80
C GLN D 26 14.29 7.47 22.81
N PHE D 27 14.32 6.18 22.40
CA PHE D 27 13.15 5.29 22.42
C PHE D 27 13.19 4.37 23.64
N HIS D 28 12.00 3.97 24.12
CA HIS D 28 11.85 3.04 25.24
C HIS D 28 10.84 1.90 24.88
N VAL D 29 10.75 0.86 25.73
CA VAL D 29 9.79 -0.24 25.54
C VAL D 29 8.40 0.23 25.90
N LYS D 30 7.51 0.27 24.90
CA LYS D 30 6.12 0.70 25.07
C LYS D 30 5.19 -0.51 25.01
N SER D 31 4.02 -0.39 25.64
CA SER D 31 3.06 -1.50 25.61
C SER D 31 2.35 -1.57 24.26
N GLY D 32 1.98 -2.77 23.88
CA GLY D 32 1.23 -3.04 22.66
C GLY D 32 -0.22 -2.66 22.83
N LEU D 33 -0.99 -2.70 21.73
CA LEU D 33 -2.40 -2.33 21.81
C LEU D 33 -3.25 -3.49 22.25
N GLN D 34 -3.94 -3.33 23.38
CA GLN D 34 -4.84 -4.36 23.89
C GLN D 34 -6.25 -3.87 23.63
N ILE D 35 -6.87 -4.37 22.56
CA ILE D 35 -8.23 -3.97 22.24
C ILE D 35 -9.22 -4.62 23.22
N LYS D 36 -9.95 -3.78 23.98
CA LYS D 36 -10.96 -4.23 24.93
C LYS D 36 -12.21 -4.74 24.18
N LYS D 37 -12.80 -5.86 24.65
CA LYS D 37 -13.96 -6.43 23.97
C LYS D 37 -15.26 -6.16 24.69
N ASN D 38 -15.24 -5.75 25.98
CA ASN D 38 -16.51 -5.44 26.66
C ASN D 38 -17.23 -4.26 26.00
N ALA D 39 -18.58 -4.14 26.18
CA ALA D 39 -19.33 -3.04 25.59
C ALA D 39 -18.84 -1.73 26.21
N ILE D 40 -18.59 -0.72 25.38
CA ILE D 40 -18.07 0.55 25.86
C ILE D 40 -18.98 1.19 26.90
N ILE D 41 -20.31 0.98 26.78
CA ILE D 41 -21.32 1.49 27.70
C ILE D 41 -21.19 0.93 29.12
N ASP D 42 -20.43 -0.15 29.32
CA ASP D 42 -20.15 -0.66 30.66
C ASP D 42 -19.23 0.34 31.40
N ASP D 43 -18.34 1.03 30.67
CA ASP D 43 -17.35 1.93 31.26
C ASP D 43 -17.63 3.42 31.03
N TYR D 44 -18.33 3.76 29.95
CA TYR D 44 -18.55 5.15 29.59
C TYR D 44 -20.01 5.45 29.26
N LYS D 45 -20.41 6.73 29.44
CA LYS D 45 -21.73 7.20 29.05
C LYS D 45 -21.48 7.91 27.73
N VAL D 46 -22.10 7.42 26.68
CA VAL D 46 -21.89 7.98 25.34
C VAL D 46 -22.94 9.00 24.97
N THR D 47 -22.53 10.28 24.85
CA THR D 47 -23.46 11.34 24.47
C THR D 47 -23.50 11.49 22.94
N SER D 48 -24.52 12.16 22.41
CA SER D 48 -24.60 12.40 20.98
C SER D 48 -24.01 13.76 20.56
N GLN D 49 -23.32 14.47 21.48
CA GLN D 49 -22.72 15.76 21.15
C GLN D 49 -21.48 15.54 20.28
N VAL D 50 -21.57 15.92 19.01
CA VAL D 50 -20.46 15.77 18.08
C VAL D 50 -19.36 16.79 18.37
N LEU D 51 -18.20 16.31 18.87
CA LEU D 51 -17.02 17.12 19.17
C LEU D 51 -16.24 17.54 17.91
N GLY D 52 -16.31 16.72 16.86
CA GLY D 52 -15.61 17.00 15.62
C GLY D 52 -15.85 15.94 14.55
N LEU D 53 -15.36 16.19 13.34
CA LEU D 53 -15.52 15.25 12.25
C LEU D 53 -14.16 14.84 11.69
N GLY D 54 -13.88 13.55 11.77
CA GLY D 54 -12.64 12.97 11.27
C GLY D 54 -12.77 12.46 9.84
N ILE D 55 -11.65 11.98 9.29
CA ILE D 55 -11.56 11.44 7.93
C ILE D 55 -12.49 10.21 7.78
N ASN D 56 -12.40 9.26 8.72
CA ASN D 56 -13.18 8.03 8.65
C ASN D 56 -14.28 7.89 9.69
N GLY D 57 -14.52 8.92 10.50
CA GLY D 57 -15.57 8.83 11.52
C GLY D 57 -15.75 10.08 12.35
N LYS D 58 -16.92 10.22 12.97
CA LYS D 58 -17.20 11.38 13.80
C LYS D 58 -16.67 11.18 15.21
N VAL D 59 -16.24 12.25 15.86
CA VAL D 59 -15.73 12.17 17.23
C VAL D 59 -16.85 12.68 18.14
N LEU D 60 -17.33 11.87 19.07
CA LEU D 60 -18.40 12.26 19.99
C LEU D 60 -17.88 12.52 21.40
N GLN D 61 -18.72 13.11 22.26
CA GLN D 61 -18.32 13.36 23.64
C GLN D 61 -18.85 12.24 24.51
N ILE D 62 -18.00 11.71 25.37
CA ILE D 62 -18.35 10.64 26.29
C ILE D 62 -17.84 10.98 27.70
N PHE D 63 -18.35 10.27 28.72
CA PHE D 63 -17.95 10.49 30.10
C PHE D 63 -17.61 9.18 30.76
N ASN D 64 -16.54 9.12 31.54
CA ASN D 64 -16.21 7.92 32.30
C ASN D 64 -17.29 7.73 33.36
N LYS D 65 -17.92 6.54 33.42
CA LYS D 65 -18.99 6.32 34.39
C LYS D 65 -18.51 6.43 35.85
N ARG D 66 -17.31 5.91 36.12
CA ARG D 66 -16.74 5.95 37.47
C ARG D 66 -16.19 7.31 37.86
N THR D 67 -15.33 7.92 37.03
CA THR D 67 -14.69 9.20 37.37
C THR D 67 -15.45 10.45 36.94
N GLN D 68 -16.47 10.30 36.07
CA GLN D 68 -17.25 11.42 35.50
C GLN D 68 -16.43 12.34 34.57
N GLU D 69 -15.16 11.97 34.27
CA GLU D 69 -14.22 12.68 33.41
C GLU D 69 -14.67 12.66 31.96
N LYS D 70 -14.48 13.78 31.26
CA LYS D 70 -14.90 13.89 29.87
C LYS D 70 -13.83 13.37 28.91
N PHE D 71 -14.25 12.60 27.89
CA PHE D 71 -13.37 12.01 26.88
C PHE D 71 -13.95 12.18 25.48
N ALA D 72 -13.12 11.96 24.43
CA ALA D 72 -13.56 12.02 23.04
C ALA D 72 -13.60 10.62 22.47
N LEU D 73 -14.63 10.27 21.69
CA LEU D 73 -14.75 8.94 21.12
C LEU D 73 -14.82 8.96 19.62
N LYS D 74 -13.88 8.30 18.93
CA LYS D 74 -13.95 8.20 17.48
C LYS D 74 -14.55 6.85 17.14
N MET D 75 -15.54 6.82 16.27
CA MET D 75 -16.21 5.57 15.90
C MET D 75 -15.91 5.18 14.49
N LEU D 76 -15.27 4.04 14.30
CA LEU D 76 -14.94 3.55 12.97
C LEU D 76 -15.59 2.20 12.74
N GLN D 77 -16.11 1.93 11.54
CA GLN D 77 -16.63 0.60 11.26
C GLN D 77 -15.43 -0.26 10.98
N ASP D 78 -15.33 -1.45 11.61
CA ASP D 78 -14.18 -2.32 11.40
C ASP D 78 -14.00 -2.70 9.94
N CYS D 79 -12.77 -2.55 9.46
CA CYS D 79 -12.34 -2.81 8.10
C CYS D 79 -10.82 -2.62 8.04
N PRO D 80 -10.13 -3.07 6.97
CA PRO D 80 -8.66 -2.86 6.89
C PRO D 80 -8.18 -1.41 7.06
N LYS D 81 -8.92 -0.40 6.52
CA LYS D 81 -8.53 1.00 6.68
C LYS D 81 -8.66 1.45 8.14
N ALA D 82 -9.70 0.99 8.84
CA ALA D 82 -9.91 1.33 10.24
C ALA D 82 -8.86 0.68 11.09
N ARG D 83 -8.48 -0.56 10.78
CA ARG D 83 -7.46 -1.27 11.54
C ARG D 83 -6.11 -0.59 11.41
N ARG D 84 -5.83 -0.03 10.23
CA ARG D 84 -4.60 0.71 9.93
C ARG D 84 -4.55 2.00 10.76
N GLU D 85 -5.65 2.79 10.76
CA GLU D 85 -5.73 4.03 11.53
C GLU D 85 -5.47 3.79 13.02
N VAL D 86 -6.11 2.78 13.59
CA VAL D 86 -5.94 2.46 15.00
C VAL D 86 -4.53 2.01 15.29
N GLU D 87 -3.99 1.14 14.43
CA GLU D 87 -2.64 0.60 14.63
C GLU D 87 -1.56 1.66 14.54
N LEU D 88 -1.62 2.51 13.51
CA LEU D 88 -0.65 3.58 13.35
C LEU D 88 -0.81 4.66 14.40
N HIS D 89 -2.07 5.04 14.76
CA HIS D 89 -2.32 6.03 15.80
C HIS D 89 -1.78 5.55 17.11
N TRP D 90 -1.99 4.28 17.44
CA TRP D 90 -1.47 3.72 18.68
C TRP D 90 0.06 3.87 18.82
N ARG D 91 0.83 3.53 17.77
CA ARG D 91 2.28 3.63 17.80
C ARG D 91 2.74 5.06 17.96
N ALA D 92 1.98 6.00 17.39
CA ALA D 92 2.27 7.43 17.45
C ALA D 92 1.86 8.05 18.79
N SER D 93 0.75 7.58 19.37
CA SER D 93 0.14 8.01 20.63
C SER D 93 1.19 8.12 21.78
N GLN D 94 2.26 7.29 21.70
CA GLN D 94 3.38 7.19 22.66
C GLN D 94 4.27 8.45 22.72
N CYS D 95 3.85 9.54 22.05
CA CYS D 95 4.54 10.81 21.92
C CYS D 95 3.64 11.89 22.49
N PRO D 96 4.20 12.82 23.27
CA PRO D 96 3.39 13.91 23.83
C PRO D 96 2.78 14.87 22.82
N HIS D 97 3.22 14.82 21.55
CA HIS D 97 2.67 15.73 20.54
C HIS D 97 1.57 15.12 19.67
N ILE D 98 1.15 13.90 19.96
CA ILE D 98 0.07 13.26 19.24
C ILE D 98 -1.05 12.98 20.24
N VAL D 99 -2.33 13.21 19.85
CA VAL D 99 -3.50 13.00 20.71
C VAL D 99 -3.46 11.62 21.32
N ARG D 100 -3.58 11.55 22.64
CA ARG D 100 -3.44 10.32 23.39
C ARG D 100 -4.64 9.40 23.26
N ILE D 101 -4.38 8.12 23.04
CA ILE D 101 -5.42 7.12 23.02
C ILE D 101 -5.49 6.54 24.46
N VAL D 102 -6.67 6.62 25.06
CA VAL D 102 -6.90 6.12 26.41
C VAL D 102 -7.19 4.60 26.32
N ASP D 103 -8.11 4.21 25.42
CA ASP D 103 -8.50 2.82 25.21
C ASP D 103 -9.05 2.64 23.80
N VAL D 104 -9.05 1.39 23.31
CA VAL D 104 -9.64 1.03 22.02
C VAL D 104 -10.58 -0.15 22.26
N TYR D 105 -11.82 -0.07 21.77
CA TYR D 105 -12.78 -1.14 21.98
C TYR D 105 -13.22 -1.74 20.66
N GLU D 106 -13.46 -3.04 20.65
CA GLU D 106 -14.01 -3.70 19.47
C GLU D 106 -15.37 -4.16 19.94
N ASN D 107 -16.43 -3.55 19.42
CA ASN D 107 -17.80 -3.87 19.79
C ASN D 107 -18.65 -4.20 18.54
N LEU D 108 -19.89 -4.66 18.74
CA LEU D 108 -20.79 -4.96 17.62
C LEU D 108 -21.90 -3.94 17.60
N TYR D 109 -22.29 -3.53 16.40
CA TYR D 109 -23.44 -2.65 16.22
C TYR D 109 -24.05 -3.00 14.88
N ALA D 110 -25.36 -3.30 14.84
CA ALA D 110 -26.05 -3.72 13.61
C ALA D 110 -25.38 -4.94 12.97
N GLY D 111 -24.88 -5.85 13.82
CA GLY D 111 -24.22 -7.06 13.38
C GLY D 111 -22.90 -6.87 12.69
N ARG D 112 -22.31 -5.66 12.82
CA ARG D 112 -21.01 -5.34 12.22
C ARG D 112 -20.05 -4.91 13.31
N LYS D 113 -18.82 -5.38 13.19
CA LYS D 113 -17.80 -5.05 14.15
C LYS D 113 -17.41 -3.58 13.94
N CYS D 114 -17.04 -2.92 15.03
CA CYS D 114 -16.62 -1.53 14.96
C CYS D 114 -15.56 -1.25 16.00
N LEU D 115 -14.63 -0.36 15.65
CA LEU D 115 -13.55 0.05 16.54
C LEU D 115 -13.90 1.42 17.14
N LEU D 116 -13.87 1.50 18.45
CA LEU D 116 -14.22 2.72 19.16
C LEU D 116 -12.97 3.22 19.90
N ILE D 117 -12.39 4.33 19.42
CA ILE D 117 -11.19 4.90 20.00
C ILE D 117 -11.50 5.96 21.03
N VAL D 118 -11.19 5.69 22.29
CA VAL D 118 -11.38 6.65 23.37
C VAL D 118 -10.10 7.45 23.45
N MET D 119 -10.18 8.76 23.28
CA MET D 119 -9.03 9.65 23.35
C MET D 119 -9.24 10.75 24.42
N GLU D 120 -8.17 11.44 24.80
CA GLU D 120 -8.22 12.58 25.70
C GLU D 120 -8.95 13.76 24.99
N CYS D 121 -9.51 14.68 25.77
CA CYS D 121 -10.18 15.84 25.19
C CYS D 121 -9.17 16.95 24.84
N LEU D 122 -9.37 17.59 23.68
CA LEU D 122 -8.50 18.69 23.26
C LEU D 122 -9.42 19.90 23.09
N ASP D 123 -9.73 20.56 24.22
CA ASP D 123 -10.68 21.66 24.30
C ASP D 123 -10.13 23.04 23.92
N GLY D 124 -8.84 23.13 23.60
CA GLY D 124 -8.23 24.40 23.23
C GLY D 124 -8.49 24.89 21.81
N GLY D 125 -9.25 24.13 21.03
CA GLY D 125 -9.57 24.49 19.65
C GLY D 125 -8.48 24.12 18.65
N GLU D 126 -8.80 24.15 17.36
CA GLU D 126 -7.83 23.81 16.34
C GLU D 126 -6.83 24.95 16.09
N LEU D 127 -5.66 24.65 15.49
CA LEU D 127 -4.71 25.68 15.06
C LEU D 127 -5.34 26.52 13.92
N PHE D 128 -6.31 25.95 13.20
CA PHE D 128 -7.06 26.60 12.14
C PHE D 128 -7.90 27.75 12.73
N SER D 129 -8.50 27.51 13.91
CA SER D 129 -9.30 28.47 14.63
C SER D 129 -8.39 29.59 15.08
N ARG D 130 -7.29 29.31 15.81
CA ARG D 130 -6.32 30.31 16.25
C ARG D 130 -5.81 31.19 15.07
N ILE D 131 -5.84 30.62 13.83
CA ILE D 131 -5.46 31.24 12.56
C ILE D 131 -6.53 32.22 12.06
N GLN D 132 -7.81 31.81 12.06
CA GLN D 132 -8.88 32.72 11.65
C GLN D 132 -9.05 33.86 12.68
N ASP D 133 -8.79 33.58 13.98
CA ASP D 133 -8.86 34.57 15.06
C ASP D 133 -7.82 35.69 14.85
N ARG D 134 -6.66 35.38 14.25
CA ARG D 134 -5.64 36.37 13.93
C ARG D 134 -5.90 37.16 12.68
N GLY D 135 -6.70 36.63 11.77
CA GLY D 135 -7.01 37.26 10.50
C GLY D 135 -5.81 37.83 9.76
N ASP D 136 -5.98 39.03 9.19
CA ASP D 136 -4.97 39.78 8.44
C ASP D 136 -3.69 40.04 9.24
N GLN D 137 -3.77 39.99 10.58
CA GLN D 137 -2.64 40.20 11.49
C GLN D 137 -1.57 39.15 11.31
N ALA D 138 -1.98 37.85 11.18
CA ALA D 138 -1.08 36.70 11.03
C ALA D 138 -0.20 36.47 12.35
N PHE D 139 1.09 36.00 12.30
CA PHE D 139 1.92 35.73 13.47
C PHE D 139 3.33 36.25 13.23
N THR D 140 4.07 36.50 14.30
CA THR D 140 5.46 36.96 14.16
C THR D 140 6.38 35.77 13.86
N GLU D 141 7.62 36.02 13.40
CA GLU D 141 8.60 34.95 13.19
C GLU D 141 8.86 34.17 14.49
N ARG D 142 8.73 34.81 15.65
CA ARG D 142 8.95 34.13 16.93
C ARG D 142 7.71 33.28 17.34
N GLU D 143 6.51 33.74 16.98
CA GLU D 143 5.26 33.03 17.27
C GLU D 143 5.11 31.84 16.32
N ALA D 144 5.44 32.03 15.02
CA ALA D 144 5.35 30.97 14.03
C ALA D 144 6.39 29.92 14.33
N SER D 145 7.63 30.31 14.64
CA SER D 145 8.69 29.37 15.00
C SER D 145 8.28 28.49 16.19
N GLU D 146 7.49 29.05 17.12
CA GLU D 146 6.97 28.36 18.30
C GLU D 146 6.05 27.23 17.79
N ILE D 147 4.99 27.59 17.01
CA ILE D 147 3.97 26.70 16.43
C ILE D 147 4.58 25.63 15.53
N MET D 148 5.42 26.04 14.59
CA MET D 148 6.08 25.15 13.68
C MET D 148 6.98 24.16 14.40
N LYS D 149 7.57 24.53 15.56
CA LYS D 149 8.40 23.58 16.28
C LYS D 149 7.54 22.45 16.87
N SER D 150 6.33 22.76 17.33
CA SER D 150 5.47 21.78 17.95
C SER D 150 4.86 20.82 16.93
N ILE D 151 4.55 21.31 15.72
CA ILE D 151 4.08 20.44 14.64
C ILE D 151 5.25 19.55 14.22
N GLY D 152 6.43 20.14 14.07
CA GLY D 152 7.64 19.43 13.72
C GLY D 152 8.01 18.36 14.70
N GLU D 153 7.68 18.51 16.00
CA GLU D 153 7.99 17.47 16.99
C GLU D 153 7.11 16.25 16.78
N ALA D 154 5.84 16.45 16.37
CA ALA D 154 4.92 15.38 16.08
C ALA D 154 5.38 14.65 14.81
N ILE D 155 5.78 15.40 13.76
CA ILE D 155 6.26 14.83 12.50
C ILE D 155 7.57 14.09 12.67
N GLN D 156 8.50 14.62 13.48
CA GLN D 156 9.78 13.96 13.74
C GLN D 156 9.55 12.60 14.41
N TYR D 157 8.54 12.51 15.31
CA TYR D 157 8.27 11.24 15.97
C TYR D 157 7.73 10.25 14.95
N LEU D 158 6.70 10.65 14.17
CA LEU D 158 6.11 9.78 13.16
C LEU D 158 7.17 9.29 12.16
N HIS D 159 7.95 10.20 11.59
CA HIS D 159 8.97 9.83 10.61
C HIS D 159 10.03 8.92 11.22
N SER D 160 10.38 9.11 12.48
CA SER D 160 11.35 8.25 13.14
C SER D 160 10.79 6.81 13.35
N ILE D 161 9.47 6.65 13.44
CA ILE D 161 8.87 5.31 13.56
C ILE D 161 8.25 4.83 12.20
N ASN D 162 8.68 5.43 11.09
CA ASN D 162 8.27 5.13 9.71
C ASN D 162 6.77 5.25 9.48
N ILE D 163 6.21 6.42 9.82
CA ILE D 163 4.82 6.70 9.60
C ILE D 163 4.74 8.07 8.95
N ALA D 164 3.99 8.19 7.88
CA ALA D 164 3.79 9.44 7.17
C ALA D 164 2.34 9.81 7.48
N HIS D 165 2.05 10.97 8.13
CA HIS D 165 0.67 11.34 8.45
C HIS D 165 -0.20 11.57 7.18
N ARG D 166 0.36 12.22 6.17
CA ARG D 166 -0.28 12.47 4.87
C ARG D 166 -1.50 13.41 4.88
N ASP D 167 -1.90 13.94 6.03
CA ASP D 167 -2.99 14.93 6.08
C ASP D 167 -2.66 16.04 7.07
N VAL D 168 -1.38 16.44 7.16
CA VAL D 168 -0.94 17.48 8.05
C VAL D 168 -1.54 18.82 7.59
N LYS D 169 -2.53 19.32 8.32
CA LYS D 169 -3.19 20.60 8.02
C LYS D 169 -3.72 21.19 9.31
N PRO D 170 -3.79 22.54 9.45
CA PRO D 170 -4.28 23.14 10.72
C PRO D 170 -5.57 22.56 11.32
N GLU D 171 -6.50 22.07 10.48
CA GLU D 171 -7.74 21.45 10.94
C GLU D 171 -7.52 20.15 11.72
N ASN D 172 -6.32 19.59 11.70
CA ASN D 172 -6.02 18.34 12.42
C ASN D 172 -5.09 18.54 13.60
N LEU D 173 -4.63 19.78 13.86
CA LEU D 173 -3.77 20.05 15.00
C LEU D 173 -4.61 20.77 16.01
N LEU D 174 -4.86 20.16 17.18
CA LEU D 174 -5.68 20.78 18.20
C LEU D 174 -4.89 21.09 19.45
N TYR D 175 -5.30 22.14 20.17
CA TYR D 175 -4.67 22.56 21.42
C TYR D 175 -5.31 21.84 22.60
N THR D 176 -4.51 21.43 23.59
CA THR D 176 -5.01 20.68 24.74
C THR D 176 -5.99 21.46 25.60
N SER D 177 -5.76 22.79 25.72
CA SER D 177 -6.57 23.68 26.53
C SER D 177 -6.52 25.12 25.97
N LYS D 178 -7.34 26.03 26.52
CA LYS D 178 -7.31 27.43 26.05
C LYS D 178 -6.15 28.25 26.68
N ARG D 179 -5.49 27.70 27.72
CA ARG D 179 -4.35 28.28 28.45
C ARG D 179 -3.17 28.69 27.53
N PRO D 180 -2.25 29.57 27.97
CA PRO D 180 -1.09 29.91 27.12
C PRO D 180 0.04 28.86 27.14
N ASN D 181 -0.04 27.90 28.10
CA ASN D 181 0.89 26.78 28.27
C ASN D 181 0.35 25.47 27.58
N ALA D 182 -0.75 25.57 26.80
CA ALA D 182 -1.38 24.45 26.10
C ALA D 182 -0.45 23.84 25.05
N ILE D 183 -0.53 22.52 24.86
CA ILE D 183 0.26 21.81 23.87
C ILE D 183 -0.52 21.61 22.57
N LEU D 184 0.14 21.81 21.42
CA LEU D 184 -0.48 21.57 20.13
C LEU D 184 -0.26 20.10 19.79
N LYS D 185 -1.34 19.36 19.52
CA LYS D 185 -1.31 17.93 19.23
C LYS D 185 -1.84 17.54 17.85
N LEU D 186 -1.13 16.61 17.19
CA LEU D 186 -1.53 16.07 15.88
C LEU D 186 -2.59 14.98 16.06
N THR D 187 -3.65 15.02 15.26
CA THR D 187 -4.76 14.06 15.36
C THR D 187 -5.11 13.49 13.96
N ASP D 188 -6.02 12.51 13.90
CA ASP D 188 -6.56 11.90 12.67
C ASP D 188 -5.56 11.16 11.82
N PHE D 189 -5.46 9.83 12.03
CA PHE D 189 -4.57 9.03 11.21
C PHE D 189 -5.33 8.31 10.06
N GLY D 190 -6.39 8.96 9.56
CA GLY D 190 -7.24 8.46 8.49
C GLY D 190 -6.51 8.24 7.18
N PHE D 191 -5.45 9.02 6.92
CA PHE D 191 -4.63 8.87 5.72
C PHE D 191 -3.21 8.39 6.01
N ALA D 192 -2.86 8.13 7.27
CA ALA D 192 -1.52 7.70 7.66
C ALA D 192 -1.12 6.41 6.96
N LYS D 193 0.15 6.28 6.64
CA LYS D 193 0.66 5.10 5.97
C LYS D 193 2.04 4.76 6.51
N GLU D 194 2.31 3.46 6.75
CA GLU D 194 3.62 2.98 7.17
C GLU D 194 4.54 3.06 5.96
N THR D 195 5.76 3.62 6.11
CA THR D 195 6.63 3.83 4.95
C THR D 195 7.68 2.74 4.68
N THR D 196 7.61 1.58 5.35
CA THR D 196 8.59 0.50 5.12
C THR D 196 7.92 -0.86 4.95
N CYS D 205 23.85 -8.17 5.43
CA CYS D 205 24.38 -8.00 4.07
C CYS D 205 24.94 -6.58 3.83
N TYR D 206 25.60 -6.05 4.88
CA TYR D 206 26.23 -4.73 4.90
C TYR D 206 26.99 -4.53 6.24
N THR D 207 27.87 -3.50 6.31
CA THR D 207 28.59 -3.16 7.56
C THR D 207 27.78 -2.05 8.25
N PRO D 208 27.39 -2.23 9.54
CA PRO D 208 26.51 -1.26 10.19
C PRO D 208 26.94 0.20 10.16
N TYR D 209 28.20 0.52 10.50
CA TYR D 209 28.64 1.91 10.52
C TYR D 209 28.48 2.65 9.20
N TYR D 210 28.66 1.93 8.08
CA TYR D 210 28.74 2.53 6.76
C TYR D 210 27.51 2.34 5.89
N VAL D 211 26.52 1.55 6.32
CA VAL D 211 25.34 1.31 5.50
C VAL D 211 24.54 2.61 5.27
N ALA D 212 24.25 2.88 3.97
CA ALA D 212 23.50 4.06 3.56
C ALA D 212 22.01 3.86 3.88
N PRO D 213 21.25 4.94 4.09
CA PRO D 213 19.83 4.79 4.45
C PRO D 213 18.99 4.04 3.44
N GLU D 214 19.22 4.27 2.14
CA GLU D 214 18.50 3.60 1.04
C GLU D 214 18.76 2.11 1.00
N VAL D 215 19.88 1.65 1.57
CA VAL D 215 20.22 0.24 1.64
C VAL D 215 19.44 -0.40 2.78
N LEU D 216 19.34 0.28 3.94
CA LEU D 216 18.57 -0.23 5.07
C LEU D 216 17.08 -0.26 4.67
N GLY D 217 16.42 0.89 4.68
CA GLY D 217 15.01 0.96 4.36
C GLY D 217 14.68 1.81 3.15
N PRO D 218 14.45 1.13 2.02
CA PRO D 218 14.00 1.86 0.82
C PRO D 218 12.54 2.31 0.99
N GLU D 219 12.28 3.64 0.78
CA GLU D 219 10.97 4.28 0.90
C GLU D 219 10.53 5.02 -0.38
N LYS D 220 9.21 5.05 -0.57
CA LYS D 220 8.50 5.61 -1.73
C LYS D 220 8.10 7.11 -1.60
N TYR D 221 8.80 7.92 -0.78
CA TYR D 221 8.60 9.39 -0.62
C TYR D 221 7.21 9.82 -0.11
N ASP D 222 6.65 9.06 0.83
CA ASP D 222 5.36 9.42 1.43
C ASP D 222 5.64 10.48 2.51
N LYS D 223 6.73 10.33 3.30
CA LYS D 223 7.11 11.29 4.31
C LYS D 223 7.26 12.73 3.77
N SER D 224 7.87 12.91 2.60
CA SER D 224 8.10 14.25 2.04
C SER D 224 6.84 15.06 1.76
N CYS D 225 5.68 14.43 1.66
CA CYS D 225 4.46 15.22 1.49
C CYS D 225 4.10 15.94 2.81
N ASP D 226 4.51 15.39 3.97
CA ASP D 226 4.32 16.03 5.28
C ASP D 226 5.20 17.28 5.37
N MET D 227 6.41 17.24 4.76
CA MET D 227 7.32 18.38 4.69
C MET D 227 6.74 19.51 3.84
N TRP D 228 6.05 19.17 2.75
CA TRP D 228 5.37 20.15 1.92
C TRP D 228 4.27 20.84 2.72
N SER D 229 3.51 20.07 3.52
CA SER D 229 2.45 20.60 4.35
C SER D 229 3.02 21.58 5.38
N LEU D 230 4.19 21.28 5.99
CA LEU D 230 4.82 22.21 6.92
C LEU D 230 5.15 23.54 6.21
N GLY D 231 5.62 23.48 4.98
CA GLY D 231 5.93 24.67 4.20
C GLY D 231 4.69 25.50 3.94
N VAL D 232 3.55 24.84 3.68
CA VAL D 232 2.27 25.53 3.44
C VAL D 232 1.77 26.19 4.72
N ILE D 233 1.75 25.45 5.84
CA ILE D 233 1.31 25.99 7.13
C ILE D 233 2.24 27.15 7.56
N MET D 234 3.56 27.01 7.41
CA MET D 234 4.52 28.06 7.76
C MET D 234 4.25 29.33 6.99
N TYR D 235 3.93 29.21 5.72
CA TYR D 235 3.64 30.33 4.86
C TYR D 235 2.36 31.04 5.37
N ILE D 236 1.32 30.28 5.73
CA ILE D 236 0.07 30.85 6.23
C ILE D 236 0.25 31.58 7.59
N LEU D 237 1.11 31.05 8.48
CA LEU D 237 1.30 31.67 9.79
C LEU D 237 1.95 33.04 9.62
N LEU D 238 2.93 33.16 8.70
CA LEU D 238 3.65 34.40 8.47
C LEU D 238 2.88 35.49 7.71
N CYS D 239 1.75 35.18 7.02
CA CYS D 239 1.07 36.22 6.23
C CYS D 239 -0.46 36.19 6.24
N GLY D 240 -1.07 35.10 6.69
CA GLY D 240 -2.53 34.96 6.76
C GLY D 240 -3.18 34.29 5.55
N TYR D 241 -2.40 33.99 4.49
CA TYR D 241 -2.96 33.36 3.28
C TYR D 241 -2.04 32.23 2.73
N PRO D 242 -2.55 31.31 1.89
CA PRO D 242 -1.71 30.17 1.47
C PRO D 242 -0.81 30.47 0.28
N PRO D 243 0.26 29.69 0.06
CA PRO D 243 1.11 29.95 -1.12
C PRO D 243 0.41 29.66 -2.46
N PHE D 244 -0.53 28.72 -2.46
CA PHE D 244 -1.26 28.35 -3.66
C PHE D 244 -2.74 28.33 -3.35
N TYR D 245 -3.53 28.89 -4.25
CA TYR D 245 -4.98 29.02 -4.10
C TYR D 245 -5.62 29.31 -5.47
N SER D 246 -6.96 29.19 -5.55
CA SER D 246 -7.65 29.50 -6.79
C SER D 246 -8.00 30.97 -6.78
N ASN D 247 -7.59 31.70 -7.84
CA ASN D 247 -7.80 33.14 -7.99
C ASN D 247 -9.27 33.55 -7.90
N HIS D 248 -10.19 32.66 -8.33
CA HIS D 248 -11.62 32.99 -8.30
C HIS D 248 -12.38 32.25 -7.19
N GLY D 249 -11.72 32.07 -6.06
CA GLY D 249 -12.31 31.44 -4.88
C GLY D 249 -12.77 30.00 -4.99
N LEU D 250 -12.45 29.32 -6.10
CA LEU D 250 -12.81 27.91 -6.30
C LEU D 250 -12.10 27.01 -5.26
N ALA D 251 -12.65 25.81 -4.99
CA ALA D 251 -11.99 24.89 -4.04
C ALA D 251 -10.67 24.40 -4.67
N ILE D 252 -10.75 24.01 -5.96
CA ILE D 252 -9.60 23.58 -6.77
C ILE D 252 -9.88 23.94 -8.24
N SER D 253 -8.88 24.44 -8.95
CA SER D 253 -9.03 24.84 -10.33
C SER D 253 -7.78 24.44 -11.15
N PRO D 254 -7.91 24.24 -12.47
CA PRO D 254 -6.74 23.81 -13.27
C PRO D 254 -5.53 24.73 -13.17
N GLY D 255 -5.79 26.03 -12.99
CA GLY D 255 -4.74 27.04 -12.85
C GLY D 255 -3.95 26.83 -11.58
N MET D 256 -4.67 26.52 -10.46
CA MET D 256 -4.09 26.25 -9.14
C MET D 256 -3.30 24.96 -9.15
N LYS D 257 -3.78 23.94 -9.87
CA LYS D 257 -3.08 22.68 -10.01
C LYS D 257 -1.77 22.92 -10.76
N THR D 258 -1.79 23.72 -11.85
CA THR D 258 -0.55 23.98 -12.58
C THR D 258 0.42 24.80 -11.75
N ARG D 259 -0.06 25.69 -10.89
CA ARG D 259 0.81 26.50 -10.05
C ARG D 259 1.53 25.62 -9.02
N ILE D 260 0.85 24.62 -8.43
CA ILE D 260 1.53 23.68 -7.52
C ILE D 260 2.56 22.83 -8.27
N ARG D 261 2.17 22.22 -9.40
CA ARG D 261 3.07 21.40 -10.20
C ARG D 261 4.29 22.16 -10.69
N MET D 262 4.11 23.43 -11.09
CA MET D 262 5.22 24.26 -11.58
C MET D 262 6.07 24.87 -10.45
N GLY D 263 5.46 25.09 -9.30
CA GLY D 263 6.12 25.73 -8.18
C GLY D 263 6.03 27.23 -8.31
N GLN D 264 4.85 27.72 -8.74
CA GLN D 264 4.51 29.10 -8.96
C GLN D 264 3.83 29.73 -7.76
N TYR D 265 4.64 30.34 -6.93
CA TYR D 265 4.18 31.07 -5.76
C TYR D 265 5.14 32.23 -5.53
N GLU D 266 4.70 33.22 -4.77
CA GLU D 266 5.52 34.39 -4.50
C GLU D 266 5.39 34.81 -3.02
N PHE D 267 6.22 35.79 -2.61
CA PHE D 267 6.15 36.33 -1.28
C PHE D 267 5.68 37.79 -1.43
N PRO D 268 4.35 38.01 -1.58
CA PRO D 268 3.85 39.39 -1.79
C PRO D 268 4.36 40.38 -0.76
N ASN D 269 5.10 41.41 -1.28
CA ASN D 269 5.78 42.48 -0.54
C ASN D 269 5.00 43.13 0.61
N PRO D 270 3.70 43.50 0.51
CA PRO D 270 3.03 44.09 1.71
C PRO D 270 3.25 43.28 3.02
N GLU D 271 2.93 41.96 2.99
CA GLU D 271 3.06 41.07 4.16
C GLU D 271 4.47 40.45 4.38
N TRP D 272 5.16 40.11 3.30
CA TRP D 272 6.47 39.46 3.34
C TRP D 272 7.65 40.39 3.30
N SER D 273 7.39 41.71 3.44
CA SER D 273 8.44 42.72 3.37
C SER D 273 9.43 42.59 4.50
N GLU D 274 8.89 42.46 5.73
CA GLU D 274 9.70 42.35 6.94
C GLU D 274 10.24 40.95 7.24
N VAL D 275 9.76 39.95 6.51
CA VAL D 275 10.14 38.58 6.73
C VAL D 275 11.56 38.29 6.24
N SER D 276 12.38 37.71 7.12
CA SER D 276 13.79 37.41 6.90
C SER D 276 14.07 36.49 5.76
N GLU D 277 15.29 36.60 5.18
CA GLU D 277 15.85 35.75 4.12
C GLU D 277 15.92 34.30 4.61
N GLU D 278 16.19 34.11 5.91
CA GLU D 278 16.31 32.83 6.57
C GLU D 278 15.02 32.00 6.50
N VAL D 279 13.86 32.59 6.85
CA VAL D 279 12.61 31.84 6.81
C VAL D 279 12.05 31.73 5.39
N LYS D 280 12.29 32.72 4.51
CA LYS D 280 11.86 32.65 3.11
C LYS D 280 12.61 31.48 2.43
N MET D 281 13.89 31.29 2.76
CA MET D 281 14.68 30.19 2.21
C MET D 281 14.26 28.84 2.79
N LEU D 282 13.77 28.82 4.04
CA LEU D 282 13.29 27.61 4.69
C LEU D 282 12.01 27.17 3.96
N ILE D 283 11.10 28.11 3.68
CA ILE D 283 9.87 27.84 2.93
C ILE D 283 10.21 27.38 1.51
N ARG D 284 11.19 27.99 0.83
CA ARG D 284 11.60 27.55 -0.50
C ARG D 284 12.04 26.11 -0.51
N ASN D 285 12.72 25.64 0.55
CA ASN D 285 13.20 24.28 0.67
C ASN D 285 12.15 23.26 1.01
N LEU D 286 11.05 23.68 1.64
CA LEU D 286 9.96 22.78 1.96
C LEU D 286 8.95 22.76 0.78
N LEU D 287 8.85 23.84 0.00
CA LEU D 287 7.96 23.89 -1.12
C LEU D 287 8.67 23.56 -2.43
N LYS D 288 9.71 22.72 -2.39
CA LYS D 288 10.39 22.24 -3.58
C LYS D 288 9.43 21.27 -4.26
N THR D 289 9.11 21.46 -5.56
CA THR D 289 8.17 20.57 -6.24
C THR D 289 8.68 19.14 -6.39
N GLU D 290 9.99 18.95 -6.36
CA GLU D 290 10.57 17.64 -6.46
C GLU D 290 10.73 17.08 -5.05
N PRO D 291 9.95 16.04 -4.67
CA PRO D 291 10.04 15.51 -3.29
C PRO D 291 11.44 15.14 -2.79
N THR D 292 12.32 14.66 -3.67
CA THR D 292 13.67 14.30 -3.26
C THR D 292 14.54 15.56 -2.99
N GLN D 293 14.18 16.72 -3.54
CA GLN D 293 14.87 17.99 -3.30
C GLN D 293 14.45 18.62 -1.94
N ARG D 294 13.27 18.24 -1.42
CA ARG D 294 12.69 18.74 -0.17
C ARG D 294 13.52 18.43 1.07
N MET D 295 13.37 19.28 2.09
CA MET D 295 14.10 19.17 3.36
C MET D 295 13.55 17.99 4.20
N THR D 296 14.42 17.29 4.97
CA THR D 296 13.94 16.23 5.85
C THR D 296 13.45 16.83 7.19
N ILE D 297 12.73 16.03 8.04
CA ILE D 297 12.27 16.54 9.32
C ILE D 297 13.44 16.80 10.27
N THR D 298 14.53 16.00 10.18
CA THR D 298 15.71 16.20 11.01
C THR D 298 16.35 17.53 10.67
N GLU D 299 16.46 17.87 9.37
CA GLU D 299 17.05 19.14 8.95
C GLU D 299 16.15 20.30 9.37
N PHE D 300 14.85 20.14 9.29
CA PHE D 300 13.89 21.16 9.70
C PHE D 300 14.01 21.42 11.22
N MET D 301 14.05 20.36 12.03
CA MET D 301 14.16 20.50 13.48
C MET D 301 15.50 21.05 13.96
N ASN D 302 16.54 20.97 13.14
CA ASN D 302 17.85 21.53 13.47
C ASN D 302 18.13 22.87 12.76
N HIS D 303 17.11 23.46 12.13
CA HIS D 303 17.27 24.73 11.46
C HIS D 303 17.29 25.82 12.53
N PRO D 304 18.21 26.78 12.43
CA PRO D 304 18.29 27.84 13.44
C PRO D 304 16.98 28.57 13.69
N TRP D 305 16.16 28.80 12.66
CA TRP D 305 14.88 29.47 12.84
C TRP D 305 13.91 28.66 13.68
N ILE D 306 14.00 27.32 13.62
CA ILE D 306 13.12 26.45 14.42
C ILE D 306 13.68 26.29 15.83
N MET D 307 15.01 26.23 15.96
CA MET D 307 15.67 26.12 17.26
C MET D 307 15.70 27.43 18.07
N GLN D 308 15.35 28.57 17.45
CA GLN D 308 15.32 29.86 18.14
C GLN D 308 14.33 29.82 19.34
N SER D 309 13.25 29.02 19.25
CA SER D 309 12.27 28.86 20.31
C SER D 309 12.46 27.53 21.06
N THR D 310 13.73 27.06 21.16
CA THR D 310 14.13 25.80 21.82
C THR D 310 14.88 26.12 23.12
N LYS D 311 14.27 25.68 24.24
CA LYS D 311 14.74 25.89 25.60
C LYS D 311 15.88 24.91 25.98
N VAL D 312 17.14 25.26 25.65
CA VAL D 312 18.29 24.42 25.99
C VAL D 312 18.79 24.67 27.43
N GLN E 26 -34.21 -2.36 15.33
CA GLN E 26 -33.68 -1.65 16.49
C GLN E 26 -32.42 -2.36 17.05
N PHE E 27 -31.21 -1.80 16.79
CA PHE E 27 -29.91 -2.38 17.21
C PHE E 27 -29.25 -1.60 18.34
N HIS E 28 -28.41 -2.28 19.14
CA HIS E 28 -27.70 -1.64 20.26
C HIS E 28 -26.18 -1.99 20.25
N VAL E 29 -25.37 -1.31 21.09
CA VAL E 29 -23.94 -1.61 21.21
C VAL E 29 -23.72 -2.87 22.03
N LYS E 30 -23.19 -3.89 21.36
CA LYS E 30 -22.90 -5.19 21.96
C LYS E 30 -21.39 -5.38 22.14
N SER E 31 -20.99 -6.24 23.07
CA SER E 31 -19.58 -6.50 23.29
C SER E 31 -18.99 -7.43 22.21
N GLY E 32 -17.71 -7.30 21.97
CA GLY E 32 -16.99 -8.13 21.03
C GLY E 32 -16.60 -9.46 21.64
N LEU E 33 -16.10 -10.38 20.82
CA LEU E 33 -15.74 -11.70 21.30
C LEU E 33 -14.35 -11.75 21.87
N GLN E 34 -14.23 -12.11 23.16
CA GLN E 34 -12.92 -12.21 23.79
C GLN E 34 -12.60 -13.68 23.97
N ILE E 35 -11.81 -14.26 23.09
CA ILE E 35 -11.45 -15.68 23.20
C ILE E 35 -10.50 -15.92 24.37
N LYS E 36 -10.94 -16.71 25.37
CA LYS E 36 -10.14 -17.06 26.53
C LYS E 36 -9.06 -18.08 26.15
N LYS E 37 -7.86 -17.94 26.69
CA LYS E 37 -6.77 -18.85 26.37
C LYS E 37 -6.44 -19.86 27.45
N ASN E 38 -6.90 -19.65 28.70
CA ASN E 38 -6.65 -20.63 29.77
C ASN E 38 -7.33 -21.97 29.46
N ALA E 39 -6.83 -23.08 30.04
CA ALA E 39 -7.42 -24.41 29.80
C ALA E 39 -8.85 -24.40 30.34
N ILE E 40 -9.80 -24.89 29.55
CA ILE E 40 -11.21 -24.88 29.95
C ILE E 40 -11.44 -25.62 31.25
N ILE E 41 -10.64 -26.68 31.54
CA ILE E 41 -10.72 -27.47 32.77
C ILE E 41 -10.37 -26.67 34.03
N ASP E 42 -9.76 -25.49 33.90
CA ASP E 42 -9.53 -24.61 35.05
C ASP E 42 -10.89 -24.04 35.53
N ASP E 43 -11.86 -23.86 34.61
CA ASP E 43 -13.15 -23.24 34.93
C ASP E 43 -14.34 -24.19 34.92
N TYR E 44 -14.25 -25.27 34.14
CA TYR E 44 -15.36 -26.20 33.96
C TYR E 44 -14.95 -27.65 34.13
N LYS E 45 -15.92 -28.50 34.53
CA LYS E 45 -15.73 -29.93 34.62
C LYS E 45 -16.37 -30.44 33.35
N VAL E 46 -15.57 -31.06 32.50
CA VAL E 46 -16.08 -31.54 31.23
C VAL E 46 -16.50 -33.01 31.30
N THR E 47 -17.80 -33.29 31.18
CA THR E 47 -18.27 -34.68 31.20
C THR E 47 -18.26 -35.25 29.78
N SER E 48 -18.37 -36.59 29.65
CA SER E 48 -18.44 -37.21 28.34
C SER E 48 -19.90 -37.48 27.91
N GLN E 49 -20.90 -36.90 28.62
CA GLN E 49 -22.29 -37.09 28.22
C GLN E 49 -22.59 -36.23 26.99
N VAL E 50 -22.80 -36.89 25.85
CA VAL E 50 -23.10 -36.19 24.62
C VAL E 50 -24.53 -35.66 24.60
N LEU E 51 -24.67 -34.32 24.65
CA LEU E 51 -25.96 -33.63 24.60
C LEU E 51 -26.54 -33.57 23.17
N GLY E 52 -25.67 -33.56 22.17
CA GLY E 52 -26.10 -33.49 20.78
C GLY E 52 -24.96 -33.57 19.78
N LEU E 53 -25.29 -33.70 18.50
CA LEU E 53 -24.26 -33.76 17.45
C LEU E 53 -24.45 -32.66 16.43
N GLY E 54 -23.47 -31.77 16.36
CA GLY E 54 -23.50 -30.63 15.45
C GLY E 54 -22.89 -30.93 14.09
N ILE E 55 -22.90 -29.94 13.20
CA ILE E 55 -22.35 -30.06 11.86
C ILE E 55 -20.84 -30.29 11.91
N ASN E 56 -20.12 -29.48 12.71
CA ASN E 56 -18.66 -29.59 12.78
C ASN E 56 -18.12 -30.13 14.11
N GLY E 57 -18.98 -30.59 15.01
CA GLY E 57 -18.52 -31.08 16.30
C GLY E 57 -19.61 -31.54 17.25
N LYS E 58 -19.24 -32.39 18.23
CA LYS E 58 -20.21 -32.89 19.20
C LYS E 58 -20.40 -31.92 20.34
N VAL E 59 -21.61 -31.86 20.88
CA VAL E 59 -21.92 -30.98 22.01
C VAL E 59 -21.94 -31.84 23.28
N LEU E 60 -21.04 -31.55 24.24
CA LEU E 60 -20.93 -32.28 25.50
C LEU E 60 -21.56 -31.53 26.67
N GLN E 61 -21.84 -32.25 27.76
CA GLN E 61 -22.39 -31.63 28.96
C GLN E 61 -21.25 -31.27 29.89
N ILE E 62 -21.19 -29.99 30.30
CA ILE E 62 -20.13 -29.51 31.20
C ILE E 62 -20.74 -28.80 32.40
N PHE E 63 -19.94 -28.58 33.46
CA PHE E 63 -20.43 -27.90 34.66
C PHE E 63 -19.46 -26.85 35.09
N ASN E 64 -19.96 -25.67 35.47
CA ASN E 64 -19.08 -24.62 35.99
C ASN E 64 -18.50 -25.10 37.32
N LYS E 65 -17.17 -25.08 37.49
CA LYS E 65 -16.55 -25.55 38.73
C LYS E 65 -16.98 -24.72 39.96
N ARG E 66 -17.07 -23.40 39.78
CA ARG E 66 -17.47 -22.49 40.86
C ARG E 66 -18.97 -22.53 41.16
N THR E 67 -19.84 -22.37 40.14
CA THR E 67 -21.29 -22.29 40.37
C THR E 67 -22.03 -23.63 40.31
N GLN E 68 -21.37 -24.68 39.80
CA GLN E 68 -21.96 -26.01 39.60
C GLN E 68 -23.10 -26.02 38.54
N GLU E 69 -23.28 -24.89 37.82
CA GLU E 69 -24.29 -24.72 36.78
C GLU E 69 -23.98 -25.56 35.55
N LYS E 70 -25.01 -26.12 34.92
CA LYS E 70 -24.82 -26.95 33.73
C LYS E 70 -24.76 -26.14 32.45
N PHE E 71 -23.81 -26.46 31.56
CA PHE E 71 -23.60 -25.80 30.28
C PHE E 71 -23.36 -26.82 29.14
N ALA E 72 -23.48 -26.37 27.88
CA ALA E 72 -23.20 -27.23 26.72
C ALA E 72 -21.88 -26.77 26.09
N LEU E 73 -21.03 -27.72 25.67
CA LEU E 73 -19.75 -27.39 25.08
C LEU E 73 -19.61 -27.96 23.68
N LYS E 74 -19.39 -27.09 22.69
CA LYS E 74 -19.16 -27.56 21.33
C LYS E 74 -17.68 -27.53 21.08
N MET E 75 -17.11 -28.62 20.58
CA MET E 75 -15.68 -28.70 20.35
C MET E 75 -15.36 -28.73 18.89
N LEU E 76 -14.62 -27.73 18.42
CA LEU E 76 -14.23 -27.65 17.01
C LEU E 76 -12.72 -27.63 16.89
N GLN E 77 -12.13 -28.32 15.89
CA GLN E 77 -10.69 -28.19 15.67
C GLN E 77 -10.48 -26.86 14.98
N ASP E 78 -9.53 -26.04 15.46
CA ASP E 78 -9.29 -24.73 14.86
C ASP E 78 -8.92 -24.85 13.39
N CYS E 79 -9.59 -24.04 12.57
CA CYS E 79 -9.43 -23.98 11.13
C CYS E 79 -10.32 -22.84 10.61
N PRO E 80 -10.16 -22.39 9.35
CA PRO E 80 -11.00 -21.29 8.85
C PRO E 80 -12.51 -21.52 8.96
N LYS E 81 -13.00 -22.75 8.74
CA LYS E 81 -14.44 -23.02 8.87
C LYS E 81 -14.93 -22.90 10.32
N ALA E 82 -14.10 -23.34 11.28
CA ALA E 82 -14.42 -23.24 12.70
C ALA E 82 -14.38 -21.80 13.15
N ARG E 83 -13.43 -21.00 12.64
CA ARG E 83 -13.34 -19.59 13.00
C ARG E 83 -14.55 -18.81 12.51
N ARG E 84 -15.09 -19.21 11.35
CA ARG E 84 -16.27 -18.60 10.74
C ARG E 84 -17.51 -18.92 11.58
N GLU E 85 -17.69 -20.20 11.98
CA GLU E 85 -18.82 -20.62 12.82
C GLU E 85 -18.86 -19.84 14.14
N VAL E 86 -17.71 -19.70 14.81
CA VAL E 86 -17.62 -18.98 16.06
C VAL E 86 -17.92 -17.52 15.86
N GLU E 87 -17.35 -16.91 14.82
CA GLU E 87 -17.52 -15.50 14.54
C GLU E 87 -18.96 -15.14 14.18
N LEU E 88 -19.59 -15.90 13.29
CA LEU E 88 -20.97 -15.66 12.90
C LEU E 88 -21.94 -15.98 14.03
N HIS E 89 -21.70 -17.09 14.78
CA HIS E 89 -22.57 -17.43 15.91
C HIS E 89 -22.51 -16.34 16.95
N TRP E 90 -21.32 -15.80 17.23
CA TRP E 90 -21.19 -14.72 18.20
C TRP E 90 -22.06 -13.50 17.85
N ARG E 91 -22.02 -13.04 16.60
CA ARG E 91 -22.80 -11.89 16.17
C ARG E 91 -24.30 -12.12 16.28
N ALA E 92 -24.73 -13.37 16.02
CA ALA E 92 -26.11 -13.79 16.07
C ALA E 92 -26.59 -14.00 17.51
N SER E 93 -25.71 -14.52 18.39
CA SER E 93 -25.91 -14.81 19.81
C SER E 93 -26.59 -13.66 20.56
N GLN E 94 -26.38 -12.41 20.09
CA GLN E 94 -26.91 -11.16 20.63
C GLN E 94 -28.45 -11.00 20.48
N CYS E 95 -29.13 -12.05 20.06
CA CYS E 95 -30.55 -12.11 19.82
C CYS E 95 -31.12 -13.17 20.73
N PRO E 96 -32.26 -12.87 21.36
CA PRO E 96 -32.89 -13.86 22.26
C PRO E 96 -33.36 -15.14 21.57
N HIS E 97 -33.43 -15.17 20.23
CA HIS E 97 -33.87 -16.37 19.53
C HIS E 97 -32.75 -17.26 19.00
N ILE E 98 -31.49 -16.95 19.33
CA ILE E 98 -30.35 -17.76 18.93
C ILE E 98 -29.66 -18.22 20.21
N VAL E 99 -29.20 -19.49 20.26
CA VAL E 99 -28.56 -20.07 21.44
C VAL E 99 -27.39 -19.19 21.90
N ARG E 100 -27.40 -18.82 23.17
CA ARG E 100 -26.43 -17.92 23.74
C ARG E 100 -25.05 -18.54 23.92
N ILE E 101 -24.00 -17.79 23.55
CA ILE E 101 -22.64 -18.23 23.79
C ILE E 101 -22.20 -17.57 25.10
N VAL E 102 -21.75 -18.38 26.06
CA VAL E 102 -21.29 -17.93 27.35
C VAL E 102 -19.81 -17.51 27.27
N ASP E 103 -18.98 -18.36 26.67
CA ASP E 103 -17.55 -18.13 26.51
C ASP E 103 -17.01 -18.93 25.33
N VAL E 104 -15.86 -18.53 24.78
CA VAL E 104 -15.18 -19.25 23.71
C VAL E 104 -13.72 -19.42 24.14
N TYR E 105 -13.19 -20.63 24.08
CA TYR E 105 -11.81 -20.89 24.50
C TYR E 105 -10.97 -21.38 23.34
N GLU E 106 -9.71 -20.98 23.31
CA GLU E 106 -8.78 -21.49 22.32
C GLU E 106 -7.78 -22.26 23.14
N ASN E 107 -7.78 -23.59 23.04
CA ASN E 107 -6.89 -24.47 23.80
C ASN E 107 -6.10 -25.40 22.85
N LEU E 108 -5.10 -26.09 23.37
CA LEU E 108 -4.30 -27.02 22.61
C LEU E 108 -4.65 -28.42 23.05
N TYR E 109 -4.69 -29.33 22.10
CA TYR E 109 -4.87 -30.74 22.37
C TYR E 109 -4.09 -31.49 21.31
N ALA E 110 -3.17 -32.37 21.72
CA ALA E 110 -2.32 -33.13 20.80
C ALA E 110 -1.57 -32.22 19.81
N GLY E 111 -1.12 -31.06 20.31
CA GLY E 111 -0.40 -30.10 19.51
C GLY E 111 -1.21 -29.39 18.46
N ARG E 112 -2.55 -29.49 18.52
CA ARG E 112 -3.44 -28.83 17.57
C ARG E 112 -4.36 -27.86 18.31
N LYS E 113 -4.52 -26.66 17.78
CA LYS E 113 -5.40 -25.67 18.37
C LYS E 113 -6.84 -26.12 18.17
N CYS E 114 -7.69 -25.77 19.12
CA CYS E 114 -9.11 -26.08 19.04
C CYS E 114 -9.94 -25.00 19.72
N LEU E 115 -11.14 -24.75 19.17
CA LEU E 115 -12.07 -23.77 19.68
C LEU E 115 -13.16 -24.50 20.47
N LEU E 116 -13.36 -24.10 21.71
CA LEU E 116 -14.35 -24.73 22.59
C LEU E 116 -15.43 -23.69 22.91
N ILE E 117 -16.62 -23.87 22.36
CA ILE E 117 -17.72 -22.94 22.57
C ILE E 117 -18.61 -23.35 23.72
N VAL E 118 -18.62 -22.59 24.80
CA VAL E 118 -19.46 -22.84 25.94
C VAL E 118 -20.76 -22.11 25.69
N MET E 119 -21.89 -22.83 25.65
CA MET E 119 -23.22 -22.27 25.41
C MET E 119 -24.17 -22.61 26.56
N GLU E 120 -25.33 -21.91 26.62
CA GLU E 120 -26.38 -22.21 27.59
C GLU E 120 -27.01 -23.57 27.25
N CYS E 121 -27.65 -24.20 28.25
CA CYS E 121 -28.32 -25.47 28.02
C CYS E 121 -29.74 -25.26 27.48
N LEU E 122 -30.12 -26.09 26.50
CA LEU E 122 -31.46 -26.03 25.93
C LEU E 122 -32.09 -27.41 26.17
N ASP E 123 -32.61 -27.62 27.40
CA ASP E 123 -33.17 -28.88 27.87
C ASP E 123 -34.62 -29.19 27.45
N GLY E 124 -35.27 -28.27 26.75
CA GLY E 124 -36.65 -28.46 26.31
C GLY E 124 -36.86 -29.35 25.12
N GLY E 125 -35.77 -29.92 24.58
CA GLY E 125 -35.80 -30.79 23.42
C GLY E 125 -35.85 -30.05 22.10
N GLU E 126 -35.57 -30.77 21.02
CA GLU E 126 -35.60 -30.18 19.68
C GLU E 126 -37.05 -29.88 19.25
N LEU E 127 -37.23 -29.10 18.17
CA LEU E 127 -38.55 -28.93 17.57
C LEU E 127 -38.89 -30.23 16.81
N PHE E 128 -37.86 -30.99 16.37
CA PHE E 128 -37.97 -32.27 15.72
C PHE E 128 -38.64 -33.24 16.69
N SER E 129 -38.26 -33.23 17.97
CA SER E 129 -38.87 -34.08 18.98
C SER E 129 -40.32 -33.69 19.23
N ARG E 130 -40.62 -32.38 19.42
CA ARG E 130 -42.00 -31.94 19.62
C ARG E 130 -42.89 -32.30 18.42
N ILE E 131 -42.32 -32.38 17.21
CA ILE E 131 -43.02 -32.76 15.99
C ILE E 131 -43.26 -34.27 16.00
N GLN E 132 -42.24 -35.07 16.33
CA GLN E 132 -42.36 -36.53 16.38
C GLN E 132 -43.36 -36.98 17.44
N ASP E 133 -43.38 -36.30 18.59
CA ASP E 133 -44.29 -36.59 19.69
C ASP E 133 -45.75 -36.36 19.29
N ARG E 134 -46.01 -35.43 18.38
CA ARG E 134 -47.36 -35.19 17.89
C ARG E 134 -47.80 -36.25 16.89
N GLY E 135 -46.88 -36.71 16.06
CA GLY E 135 -47.18 -37.70 15.04
C GLY E 135 -48.20 -37.20 14.03
N ASP E 136 -49.05 -38.11 13.58
CA ASP E 136 -50.13 -37.89 12.60
C ASP E 136 -51.13 -36.81 13.05
N GLN E 137 -51.21 -36.54 14.37
CA GLN E 137 -52.07 -35.49 14.94
C GLN E 137 -51.66 -34.12 14.40
N ALA E 138 -50.32 -33.89 14.28
CA ALA E 138 -49.68 -32.67 13.77
C ALA E 138 -50.10 -31.39 14.63
N PHE E 139 -50.10 -30.14 14.10
CA PHE E 139 -50.39 -28.96 14.90
C PHE E 139 -51.53 -28.16 14.28
N THR E 140 -52.20 -27.36 15.10
CA THR E 140 -53.29 -26.51 14.59
C THR E 140 -52.67 -25.31 13.86
N GLU E 141 -53.47 -24.57 13.06
CA GLU E 141 -52.95 -23.38 12.40
C GLU E 141 -52.48 -22.33 13.40
N ARG E 142 -53.05 -22.29 14.63
CA ARG E 142 -52.58 -21.32 15.63
C ARG E 142 -51.30 -21.83 16.28
N GLU E 143 -51.18 -23.14 16.47
CA GLU E 143 -49.96 -23.70 17.07
C GLU E 143 -48.80 -23.56 16.12
N ALA E 144 -49.03 -23.82 14.83
CA ALA E 144 -48.00 -23.74 13.80
C ALA E 144 -47.61 -22.31 13.55
N SER E 145 -48.56 -21.36 13.57
CA SER E 145 -48.20 -19.95 13.37
C SER E 145 -47.34 -19.40 14.51
N GLU E 146 -47.49 -19.93 15.73
CA GLU E 146 -46.70 -19.49 16.86
C GLU E 146 -45.28 -20.03 16.71
N ILE E 147 -45.13 -21.31 16.30
CA ILE E 147 -43.83 -21.93 16.10
C ILE E 147 -43.10 -21.21 14.96
N MET E 148 -43.78 -21.00 13.84
CA MET E 148 -43.20 -20.33 12.68
C MET E 148 -42.80 -18.90 12.97
N LYS E 149 -43.55 -18.20 13.83
CA LYS E 149 -43.23 -16.82 14.18
C LYS E 149 -41.94 -16.79 14.99
N SER E 150 -41.74 -17.74 15.91
CA SER E 150 -40.52 -17.76 16.72
C SER E 150 -39.30 -18.20 15.90
N ILE E 151 -39.50 -19.02 14.85
CA ILE E 151 -38.40 -19.38 13.96
C ILE E 151 -38.04 -18.16 13.12
N GLY E 152 -39.07 -17.48 12.60
CA GLY E 152 -38.93 -16.28 11.81
C GLY E 152 -38.25 -15.15 12.53
N GLU E 153 -38.36 -15.09 13.87
CA GLU E 153 -37.69 -14.02 14.62
C GLU E 153 -36.18 -14.21 14.60
N ALA E 154 -35.70 -15.47 14.66
CA ALA E 154 -34.29 -15.79 14.58
C ALA E 154 -33.77 -15.49 13.18
N ILE E 155 -34.54 -15.86 12.13
CA ILE E 155 -34.16 -15.62 10.74
C ILE E 155 -34.14 -14.13 10.39
N GLN E 156 -35.11 -13.36 10.91
CA GLN E 156 -35.15 -11.93 10.68
C GLN E 156 -33.92 -11.27 11.28
N TYR E 157 -33.45 -11.74 12.44
CA TYR E 157 -32.26 -11.17 13.04
C TYR E 157 -31.04 -11.48 12.18
N LEU E 158 -30.83 -12.75 11.81
CA LEU E 158 -29.70 -13.14 10.98
C LEU E 158 -29.69 -12.35 9.66
N HIS E 159 -30.80 -12.33 8.94
CA HIS E 159 -30.86 -11.63 7.67
C HIS E 159 -30.62 -10.13 7.82
N SER E 160 -31.09 -9.53 8.93
CA SER E 160 -30.85 -8.11 9.18
C SER E 160 -29.35 -7.81 9.44
N ILE E 161 -28.58 -8.79 9.95
CA ILE E 161 -27.14 -8.60 10.15
C ILE E 161 -26.30 -9.31 9.05
N ASN E 162 -26.93 -9.61 7.89
CA ASN E 162 -26.35 -10.23 6.70
C ASN E 162 -25.72 -11.58 6.95
N ILE E 163 -26.50 -12.49 7.55
CA ILE E 163 -26.08 -13.87 7.82
C ILE E 163 -27.18 -14.79 7.34
N ALA E 164 -26.83 -15.80 6.57
CA ALA E 164 -27.75 -16.81 6.12
C ALA E 164 -27.36 -18.05 6.91
N HIS E 165 -28.32 -18.70 7.58
CA HIS E 165 -28.05 -19.87 8.40
C HIS E 165 -27.71 -21.10 7.52
N ARG E 166 -28.47 -21.27 6.41
CA ARG E 166 -28.31 -22.31 5.40
C ARG E 166 -28.50 -23.74 5.91
N ASP E 167 -28.98 -23.92 7.15
CA ASP E 167 -29.28 -25.26 7.68
C ASP E 167 -30.48 -25.18 8.63
N VAL E 168 -31.50 -24.41 8.26
CA VAL E 168 -32.68 -24.27 9.09
C VAL E 168 -33.52 -25.55 8.98
N LYS E 169 -33.65 -26.28 10.08
CA LYS E 169 -34.42 -27.52 10.15
C LYS E 169 -34.85 -27.78 11.61
N PRO E 170 -35.90 -28.59 11.88
CA PRO E 170 -36.36 -28.77 13.28
C PRO E 170 -35.33 -29.36 14.22
N GLU E 171 -34.33 -30.09 13.70
CA GLU E 171 -33.24 -30.66 14.50
C GLU E 171 -32.33 -29.54 15.07
N ASN E 172 -32.24 -28.37 14.41
CA ASN E 172 -31.39 -27.27 14.86
C ASN E 172 -32.10 -26.20 15.68
N LEU E 173 -33.40 -26.38 15.95
CA LEU E 173 -34.22 -25.45 16.73
C LEU E 173 -34.53 -26.13 18.07
N LEU E 174 -33.96 -25.65 19.16
CA LEU E 174 -34.09 -26.26 20.47
C LEU E 174 -34.85 -25.39 21.44
N TYR E 175 -35.71 -26.00 22.29
CA TYR E 175 -36.48 -25.28 23.30
C TYR E 175 -35.65 -25.07 24.56
N THR E 176 -35.76 -23.89 25.19
CA THR E 176 -34.96 -23.58 26.38
C THR E 176 -35.27 -24.49 27.56
N SER E 177 -36.55 -24.85 27.71
CA SER E 177 -37.04 -25.67 28.81
C SER E 177 -38.29 -26.46 28.39
N LYS E 178 -38.78 -27.38 29.24
CA LYS E 178 -40.00 -28.13 28.92
C LYS E 178 -41.30 -27.32 29.22
N ARG E 179 -41.18 -26.17 29.95
CA ARG E 179 -42.26 -25.24 30.33
C ARG E 179 -43.11 -24.77 29.11
N PRO E 180 -44.34 -24.25 29.32
CA PRO E 180 -45.13 -23.75 28.16
C PRO E 180 -44.73 -22.34 27.69
N ASN E 181 -43.91 -21.65 28.50
CA ASN E 181 -43.36 -20.32 28.22
C ASN E 181 -41.91 -20.39 27.64
N ALA E 182 -41.42 -21.61 27.29
CA ALA E 182 -40.10 -21.87 26.74
C ALA E 182 -39.91 -21.20 25.39
N ILE E 183 -38.68 -20.72 25.13
CA ILE E 183 -38.34 -20.05 23.88
C ILE E 183 -37.68 -21.04 22.91
N LEU E 184 -38.08 -20.98 21.64
CA LEU E 184 -37.46 -21.82 20.62
C LEU E 184 -36.23 -21.04 20.11
N LYS E 185 -35.04 -21.68 20.16
CA LYS E 185 -33.78 -21.08 19.77
C LYS E 185 -33.07 -21.77 18.61
N LEU E 186 -32.53 -20.97 17.66
CA LEU E 186 -31.78 -21.46 16.51
C LEU E 186 -30.34 -21.75 16.92
N THR E 187 -29.78 -22.89 16.51
CA THR E 187 -28.43 -23.32 16.90
C THR E 187 -27.64 -23.75 15.65
N ASP E 188 -26.33 -24.05 15.81
CA ASP E 188 -25.45 -24.60 14.78
C ASP E 188 -25.21 -23.72 13.60
N PHE E 189 -24.10 -22.98 13.64
CA PHE E 189 -23.75 -22.12 12.53
C PHE E 189 -22.67 -22.77 11.63
N GLY E 190 -22.71 -24.10 11.54
CA GLY E 190 -21.77 -24.91 10.77
C GLY E 190 -21.83 -24.62 9.29
N PHE E 191 -23.01 -24.19 8.77
CA PHE E 191 -23.14 -23.82 7.36
C PHE E 191 -23.38 -22.33 7.13
N ALA E 192 -23.40 -21.52 8.19
CA ALA E 192 -23.69 -20.10 8.09
C ALA E 192 -22.69 -19.37 7.23
N LYS E 193 -23.17 -18.36 6.52
CA LYS E 193 -22.36 -17.59 5.62
C LYS E 193 -22.78 -16.14 5.66
N GLU E 194 -21.81 -15.23 5.69
CA GLU E 194 -22.04 -13.79 5.63
C GLU E 194 -22.45 -13.47 4.18
N THR E 195 -23.52 -12.70 3.96
CA THR E 195 -24.02 -12.46 2.61
C THR E 195 -23.56 -11.17 1.94
N THR E 196 -22.56 -10.46 2.50
CA THR E 196 -22.07 -9.21 1.90
C THR E 196 -20.53 -9.20 1.81
N CYS E 205 -21.07 7.18 -3.48
CA CYS E 205 -21.28 7.03 -4.93
C CYS E 205 -22.80 6.92 -5.28
N TYR E 206 -23.65 7.57 -4.47
CA TYR E 206 -25.12 7.54 -4.60
C TYR E 206 -25.80 8.53 -3.62
N THR E 207 -27.10 8.81 -3.82
CA THR E 207 -27.89 9.65 -2.89
C THR E 207 -28.63 8.69 -1.94
N PRO E 208 -28.49 8.86 -0.60
CA PRO E 208 -29.07 7.90 0.34
C PRO E 208 -30.57 7.59 0.18
N TYR E 209 -31.43 8.60 0.07
CA TYR E 209 -32.86 8.37 -0.04
C TYR E 209 -33.26 7.50 -1.22
N TYR E 210 -32.55 7.60 -2.33
CA TYR E 210 -32.94 6.97 -3.58
C TYR E 210 -32.12 5.76 -3.99
N VAL E 211 -31.08 5.41 -3.22
CA VAL E 211 -30.26 4.26 -3.55
C VAL E 211 -31.05 2.93 -3.42
N ALA E 212 -31.01 2.12 -4.50
CA ALA E 212 -31.67 0.83 -4.56
C ALA E 212 -30.87 -0.20 -3.73
N PRO E 213 -31.50 -1.26 -3.21
CA PRO E 213 -30.78 -2.23 -2.38
C PRO E 213 -29.59 -2.90 -3.06
N GLU E 214 -29.74 -3.26 -4.34
CA GLU E 214 -28.69 -3.90 -5.12
C GLU E 214 -27.47 -3.01 -5.33
N VAL E 215 -27.64 -1.69 -5.21
CA VAL E 215 -26.55 -0.74 -5.34
C VAL E 215 -25.78 -0.69 -4.02
N LEU E 216 -26.49 -0.70 -2.88
CA LEU E 216 -25.85 -0.73 -1.58
C LEU E 216 -25.09 -2.05 -1.42
N GLY E 217 -25.80 -3.13 -1.13
CA GLY E 217 -25.18 -4.43 -0.94
C GLY E 217 -25.59 -5.51 -1.92
N PRO E 218 -24.74 -5.73 -2.94
CA PRO E 218 -24.97 -6.85 -3.86
C PRO E 218 -24.64 -8.18 -3.14
N GLU E 219 -25.63 -9.07 -3.00
CA GLU E 219 -25.53 -10.30 -2.20
C GLU E 219 -24.54 -11.38 -2.69
N LYS E 220 -23.56 -11.72 -1.80
CA LYS E 220 -22.51 -12.75 -1.92
C LYS E 220 -23.15 -14.16 -1.83
N TYR E 221 -24.15 -14.31 -0.96
CA TYR E 221 -24.89 -15.55 -0.81
C TYR E 221 -26.41 -15.29 -0.65
N ASP E 222 -27.21 -16.36 -0.84
CA ASP E 222 -28.64 -16.29 -0.70
C ASP E 222 -29.14 -16.66 0.69
N LYS E 223 -29.82 -15.72 1.26
CA LYS E 223 -30.60 -15.87 2.45
C LYS E 223 -31.90 -16.65 2.09
N SER E 224 -32.36 -16.57 0.82
CA SER E 224 -33.58 -17.18 0.32
C SER E 224 -33.64 -18.69 0.50
N CYS E 225 -32.50 -19.36 0.71
CA CYS E 225 -32.52 -20.79 0.98
C CYS E 225 -33.19 -21.05 2.37
N ASP E 226 -33.01 -20.11 3.34
CA ASP E 226 -33.61 -20.14 4.68
C ASP E 226 -35.13 -19.98 4.57
N MET E 227 -35.61 -19.18 3.61
CA MET E 227 -37.04 -19.00 3.36
C MET E 227 -37.68 -20.27 2.85
N TRP E 228 -36.96 -21.02 2.00
CA TRP E 228 -37.42 -22.31 1.50
C TRP E 228 -37.56 -23.28 2.69
N SER E 229 -36.60 -23.28 3.63
CA SER E 229 -36.65 -24.13 4.79
C SER E 229 -37.86 -23.81 5.66
N LEU E 230 -38.23 -22.52 5.80
CA LEU E 230 -39.41 -22.17 6.57
C LEU E 230 -40.67 -22.74 5.91
N GLY E 231 -40.72 -22.73 4.58
CA GLY E 231 -41.84 -23.31 3.85
C GLY E 231 -41.94 -24.81 4.08
N VAL E 232 -40.79 -25.51 4.15
CA VAL E 232 -40.77 -26.95 4.40
C VAL E 232 -41.21 -27.26 5.82
N ILE E 233 -40.67 -26.55 6.81
CA ILE E 233 -41.05 -26.73 8.21
C ILE E 233 -42.53 -26.41 8.43
N MET E 234 -43.03 -25.34 7.83
CA MET E 234 -44.45 -24.96 7.94
C MET E 234 -45.38 -26.06 7.42
N TYR E 235 -45.03 -26.68 6.26
CA TYR E 235 -45.82 -27.75 5.66
C TYR E 235 -45.87 -28.94 6.62
N ILE E 236 -44.71 -29.31 7.19
CA ILE E 236 -44.62 -30.41 8.15
C ILE E 236 -45.46 -30.12 9.41
N LEU E 237 -45.38 -28.89 9.96
CA LEU E 237 -46.15 -28.55 11.15
C LEU E 237 -47.64 -28.77 10.99
N LEU E 238 -48.15 -28.63 9.78
CA LEU E 238 -49.57 -28.76 9.53
C LEU E 238 -50.05 -30.18 9.26
N CYS E 239 -49.29 -31.03 8.54
CA CYS E 239 -49.80 -32.35 8.22
C CYS E 239 -49.02 -33.53 8.85
N GLY E 240 -47.76 -33.31 9.21
CA GLY E 240 -46.94 -34.37 9.79
C GLY E 240 -45.98 -35.03 8.84
N TYR E 241 -45.96 -34.63 7.57
CA TYR E 241 -45.02 -35.17 6.57
C TYR E 241 -44.46 -34.01 5.69
N PRO E 242 -43.33 -34.19 5.00
CA PRO E 242 -42.75 -33.09 4.22
C PRO E 242 -43.36 -32.92 2.83
N PRO E 243 -43.15 -31.75 2.19
CA PRO E 243 -43.67 -31.58 0.83
C PRO E 243 -42.90 -32.39 -0.21
N PHE E 244 -41.62 -32.71 0.09
CA PHE E 244 -40.77 -33.47 -0.80
C PHE E 244 -40.09 -34.57 -0.01
N TYR E 245 -40.15 -35.80 -0.51
CA TYR E 245 -39.57 -36.97 0.12
C TYR E 245 -39.33 -38.06 -0.91
N SER E 246 -38.55 -39.10 -0.54
CA SER E 246 -38.33 -40.22 -1.43
C SER E 246 -39.48 -41.19 -1.21
N ASN E 247 -40.12 -41.63 -2.32
CA ASN E 247 -41.27 -42.56 -2.28
C ASN E 247 -40.97 -43.87 -1.58
N HIS E 248 -39.72 -44.33 -1.63
CA HIS E 248 -39.33 -45.57 -0.98
C HIS E 248 -38.50 -45.38 0.28
N GLY E 249 -38.81 -44.31 1.01
CA GLY E 249 -38.17 -43.98 2.29
C GLY E 249 -36.68 -43.73 2.29
N LEU E 250 -36.06 -43.60 1.09
CA LEU E 250 -34.63 -43.31 0.96
C LEU E 250 -34.31 -41.92 1.55
N ALA E 251 -33.02 -41.68 1.90
CA ALA E 251 -32.63 -40.38 2.42
C ALA E 251 -32.76 -39.34 1.29
N ILE E 252 -32.25 -39.69 0.09
CA ILE E 252 -32.35 -38.87 -1.11
C ILE E 252 -32.44 -39.78 -2.34
N SER E 253 -33.26 -39.40 -3.30
CA SER E 253 -33.43 -40.16 -4.53
C SER E 253 -33.49 -39.22 -5.73
N PRO E 254 -33.09 -39.66 -6.94
CA PRO E 254 -33.18 -38.78 -8.12
C PRO E 254 -34.56 -38.19 -8.35
N GLY E 255 -35.60 -38.93 -7.97
CA GLY E 255 -36.98 -38.50 -8.09
C GLY E 255 -37.27 -37.37 -7.13
N MET E 256 -36.78 -37.50 -5.87
CA MET E 256 -36.94 -36.47 -4.85
C MET E 256 -36.24 -35.18 -5.31
N LYS E 257 -35.03 -35.31 -5.88
CA LYS E 257 -34.26 -34.19 -6.39
C LYS E 257 -35.01 -33.48 -7.49
N THR E 258 -35.55 -34.21 -8.49
CA THR E 258 -36.24 -33.55 -9.59
C THR E 258 -37.57 -32.96 -9.13
N ARG E 259 -38.22 -33.53 -8.10
CA ARG E 259 -39.45 -32.94 -7.59
C ARG E 259 -39.14 -31.61 -6.89
N ILE E 260 -37.98 -31.50 -6.22
CA ILE E 260 -37.58 -30.25 -5.57
C ILE E 260 -37.29 -29.19 -6.64
N ARG E 261 -36.45 -29.53 -7.64
CA ARG E 261 -36.07 -28.64 -8.74
C ARG E 261 -37.29 -28.17 -9.54
N MET E 262 -38.25 -29.06 -9.79
CA MET E 262 -39.44 -28.71 -10.57
C MET E 262 -40.51 -27.99 -9.75
N GLY E 263 -40.53 -28.21 -8.44
CA GLY E 263 -41.55 -27.64 -7.57
C GLY E 263 -42.78 -28.52 -7.59
N GLN E 264 -42.57 -29.85 -7.57
CA GLN E 264 -43.61 -30.87 -7.61
C GLN E 264 -43.99 -31.35 -6.23
N TYR E 265 -45.01 -30.75 -5.69
CA TYR E 265 -45.55 -31.11 -4.40
C TYR E 265 -47.05 -30.79 -4.42
N GLU E 266 -47.79 -31.42 -3.52
CA GLU E 266 -49.21 -31.16 -3.42
C GLU E 266 -49.67 -31.07 -1.96
N PHE E 267 -50.91 -30.63 -1.74
CA PHE E 267 -51.48 -30.57 -0.40
C PHE E 267 -52.53 -31.70 -0.34
N PRO E 268 -52.12 -32.97 -0.08
CA PRO E 268 -53.08 -34.08 -0.07
C PRO E 268 -54.34 -33.82 0.77
N ASN E 269 -55.51 -34.12 0.17
CA ASN E 269 -56.82 -33.87 0.74
C ASN E 269 -57.08 -34.46 2.11
N PRO E 270 -56.71 -35.72 2.48
CA PRO E 270 -57.02 -36.20 3.85
C PRO E 270 -56.63 -35.22 4.97
N GLU E 271 -55.36 -34.77 4.98
CA GLU E 271 -54.80 -33.88 5.99
C GLU E 271 -54.98 -32.40 5.69
N TRP E 272 -54.88 -32.03 4.40
CA TRP E 272 -54.98 -30.64 3.95
C TRP E 272 -56.38 -30.14 3.65
N SER E 273 -57.39 -30.94 3.93
CA SER E 273 -58.77 -30.64 3.63
C SER E 273 -59.30 -29.38 4.33
N GLU E 274 -59.16 -29.30 5.66
CA GLU E 274 -59.69 -28.15 6.40
C GLU E 274 -58.69 -26.98 6.55
N VAL E 275 -57.47 -27.13 5.98
CA VAL E 275 -56.43 -26.12 6.06
C VAL E 275 -56.77 -24.94 5.16
N SER E 276 -56.67 -23.70 5.67
CA SER E 276 -57.01 -22.48 4.93
C SER E 276 -56.18 -22.26 3.69
N GLU E 277 -56.79 -21.64 2.66
CA GLU E 277 -56.03 -21.32 1.46
C GLU E 277 -55.05 -20.13 1.69
N GLU E 278 -55.12 -19.46 2.87
CA GLU E 278 -54.22 -18.37 3.25
C GLU E 278 -52.84 -18.98 3.55
N VAL E 279 -52.81 -20.05 4.37
CA VAL E 279 -51.55 -20.70 4.69
C VAL E 279 -51.05 -21.55 3.49
N LYS E 280 -51.97 -22.11 2.68
CA LYS E 280 -51.58 -22.84 1.48
C LYS E 280 -50.84 -21.89 0.50
N MET E 281 -51.30 -20.62 0.40
CA MET E 281 -50.66 -19.62 -0.45
C MET E 281 -49.35 -19.11 0.14
N LEU E 282 -49.23 -19.07 1.48
CA LEU E 282 -48.00 -18.66 2.14
C LEU E 282 -46.92 -19.70 1.82
N ILE E 283 -47.27 -21.00 1.93
CA ILE E 283 -46.36 -22.10 1.61
C ILE E 283 -45.96 -22.05 0.14
N ARG E 284 -46.91 -21.78 -0.77
CA ARG E 284 -46.60 -21.69 -2.19
C ARG E 284 -45.57 -20.62 -2.50
N ASN E 285 -45.61 -19.49 -1.75
CA ASN E 285 -44.69 -18.37 -1.93
C ASN E 285 -43.31 -18.60 -1.34
N LEU E 286 -43.21 -19.48 -0.33
CA LEU E 286 -41.91 -19.83 0.26
C LEU E 286 -41.27 -21.00 -0.52
N LEU E 287 -42.10 -21.87 -1.15
CA LEU E 287 -41.59 -22.97 -1.91
C LEU E 287 -41.50 -22.65 -3.41
N LYS E 288 -41.24 -21.38 -3.76
CA LYS E 288 -41.04 -20.96 -5.14
C LYS E 288 -39.65 -21.44 -5.54
N THR E 289 -39.52 -22.21 -6.63
CA THR E 289 -38.22 -22.75 -7.01
C THR E 289 -37.23 -21.67 -7.43
N GLU E 290 -37.71 -20.51 -7.86
CA GLU E 290 -36.83 -19.42 -8.26
C GLU E 290 -36.58 -18.55 -7.03
N PRO E 291 -35.34 -18.53 -6.49
CA PRO E 291 -35.08 -17.78 -5.26
C PRO E 291 -35.51 -16.31 -5.26
N THR E 292 -35.43 -15.63 -6.42
CA THR E 292 -35.82 -14.23 -6.49
C THR E 292 -37.35 -14.05 -6.44
N GLN E 293 -38.13 -15.10 -6.77
CA GLN E 293 -39.61 -15.13 -6.70
C GLN E 293 -40.07 -15.35 -5.22
N ARG E 294 -39.21 -15.96 -4.37
CA ARG E 294 -39.48 -16.30 -2.99
C ARG E 294 -39.77 -15.12 -2.10
N MET E 295 -40.51 -15.37 -1.04
CA MET E 295 -40.89 -14.35 -0.06
C MET E 295 -39.69 -13.96 0.81
N THR E 296 -39.54 -12.67 1.16
CA THR E 296 -38.45 -12.26 2.07
C THR E 296 -38.86 -12.48 3.53
N ILE E 297 -37.91 -12.41 4.49
CA ILE E 297 -38.24 -12.58 5.90
C ILE E 297 -39.12 -11.45 6.41
N THR E 298 -38.95 -10.22 5.88
CA THR E 298 -39.76 -9.08 6.27
C THR E 298 -41.21 -9.32 5.87
N GLU E 299 -41.43 -9.81 4.65
CA GLU E 299 -42.78 -10.11 4.17
C GLU E 299 -43.41 -11.24 4.96
N PHE E 300 -42.62 -12.25 5.31
CA PHE E 300 -43.08 -13.38 6.10
C PHE E 300 -43.49 -12.93 7.50
N MET E 301 -42.67 -12.10 8.15
CA MET E 301 -42.96 -11.61 9.51
C MET E 301 -44.12 -10.64 9.57
N ASN E 302 -44.51 -10.04 8.44
CA ASN E 302 -45.66 -9.15 8.38
C ASN E 302 -46.90 -9.81 7.76
N HIS E 303 -46.86 -11.13 7.55
CA HIS E 303 -47.97 -11.86 7.00
C HIS E 303 -49.02 -12.05 8.09
N PRO E 304 -50.30 -11.78 7.76
CA PRO E 304 -51.36 -11.91 8.77
C PRO E 304 -51.39 -13.24 9.50
N TRP E 305 -51.15 -14.34 8.78
CA TRP E 305 -51.16 -15.66 9.39
C TRP E 305 -50.06 -15.81 10.43
N ILE E 306 -48.92 -15.12 10.26
CA ILE E 306 -47.82 -15.18 11.22
C ILE E 306 -48.10 -14.22 12.39
N MET E 307 -48.60 -13.04 12.08
CA MET E 307 -48.91 -12.04 13.10
C MET E 307 -50.15 -12.37 13.95
N GLN E 308 -50.97 -13.36 13.54
CA GLN E 308 -52.18 -13.77 14.26
C GLN E 308 -51.89 -14.13 15.72
N SER E 309 -50.67 -14.64 16.00
CA SER E 309 -50.16 -15.05 17.30
C SER E 309 -50.18 -13.94 18.38
N THR E 310 -50.56 -12.69 18.01
CA THR E 310 -50.65 -11.56 18.93
C THR E 310 -51.81 -10.63 18.54
N GLN F 26 -42.36 8.23 -43.15
CA GLN F 26 -41.89 7.39 -44.24
C GLN F 26 -40.53 6.76 -43.95
N PHE F 27 -39.66 7.50 -43.22
CA PHE F 27 -38.32 7.08 -42.83
C PHE F 27 -37.85 7.98 -41.71
N HIS F 28 -38.06 7.59 -40.44
CA HIS F 28 -37.73 8.46 -39.31
C HIS F 28 -36.28 8.28 -38.77
N VAL F 29 -35.41 9.24 -39.09
CA VAL F 29 -34.01 9.22 -38.71
C VAL F 29 -33.57 10.55 -38.02
N LYS F 30 -32.84 10.49 -36.86
CA LYS F 30 -32.30 11.67 -36.15
C LYS F 30 -30.83 11.92 -36.55
N SER F 31 -30.35 13.16 -36.47
CA SER F 31 -28.97 13.46 -36.84
C SER F 31 -28.02 13.02 -35.75
N GLY F 32 -26.81 12.71 -36.16
CA GLY F 32 -25.73 12.35 -35.25
C GLY F 32 -25.11 13.56 -34.58
N LEU F 33 -24.24 13.33 -33.59
CA LEU F 33 -23.62 14.44 -32.89
C LEU F 33 -22.42 15.01 -33.64
N GLN F 34 -22.50 16.30 -33.99
CA GLN F 34 -21.39 16.96 -34.66
C GLN F 34 -20.73 17.87 -33.63
N ILE F 35 -19.61 17.44 -33.04
CA ILE F 35 -18.90 18.26 -32.06
C ILE F 35 -18.18 19.41 -32.76
N LYS F 36 -18.56 20.65 -32.43
CA LYS F 36 -17.96 21.86 -33.00
C LYS F 36 -16.57 22.08 -32.40
N LYS F 37 -15.61 22.50 -33.22
CA LYS F 37 -14.26 22.71 -32.74
C LYS F 37 -13.88 24.18 -32.54
N ASN F 38 -14.64 25.13 -33.13
CA ASN F 38 -14.33 26.55 -32.92
C ASN F 38 -14.47 26.94 -31.43
N ALA F 39 -13.79 28.02 -30.99
CA ALA F 39 -13.88 28.45 -29.59
C ALA F 39 -15.32 28.88 -29.30
N ILE F 40 -15.87 28.42 -28.17
CA ILE F 40 -17.26 28.71 -27.83
C ILE F 40 -17.54 30.21 -27.74
N ILE F 41 -16.52 31.00 -27.32
CA ILE F 41 -16.58 32.46 -27.21
C ILE F 41 -16.79 33.15 -28.55
N ASP F 42 -16.57 32.48 -29.68
CA ASP F 42 -16.88 33.04 -30.99
C ASP F 42 -18.41 33.16 -31.14
N ASP F 43 -19.19 32.25 -30.54
CA ASP F 43 -20.63 32.20 -30.71
C ASP F 43 -21.43 32.61 -29.47
N TYR F 44 -20.85 32.48 -28.28
CA TYR F 44 -21.55 32.77 -27.03
C TYR F 44 -20.73 33.65 -26.09
N LYS F 45 -21.42 34.38 -25.22
CA LYS F 45 -20.79 35.16 -24.18
C LYS F 45 -20.95 34.31 -22.94
N VAL F 46 -19.83 33.90 -22.36
CA VAL F 46 -19.87 33.02 -21.20
C VAL F 46 -19.79 33.80 -19.91
N THR F 47 -20.88 33.81 -19.14
CA THR F 47 -20.86 34.49 -17.83
C THR F 47 -20.40 33.53 -16.73
N SER F 48 -20.04 34.05 -15.55
CA SER F 48 -19.63 33.17 -14.46
C SER F 48 -20.80 32.89 -13.49
N GLN F 49 -22.06 33.22 -13.87
CA GLN F 49 -23.19 32.96 -13.00
C GLN F 49 -23.52 31.48 -13.03
N VAL F 50 -23.27 30.79 -11.92
CA VAL F 50 -23.52 29.36 -11.82
C VAL F 50 -25.03 29.07 -11.70
N LEU F 51 -25.59 28.45 -12.75
CA LEU F 51 -27.00 28.05 -12.83
C LEU F 51 -27.28 26.79 -12.01
N GLY F 52 -26.30 25.90 -11.89
CA GLY F 52 -26.48 24.65 -11.16
C GLY F 52 -25.22 23.83 -11.06
N LEU F 53 -25.25 22.75 -10.26
CA LEU F 53 -24.09 21.88 -10.10
C LEU F 53 -24.41 20.43 -10.48
N GLY F 54 -23.77 19.96 -11.55
CA GLY F 54 -23.96 18.60 -12.05
C GLY F 54 -23.03 17.59 -11.42
N ILE F 55 -23.16 16.32 -11.82
CA ILE F 55 -22.35 15.23 -11.29
C ILE F 55 -20.86 15.42 -11.66
N ASN F 56 -20.60 15.73 -12.92
CA ASN F 56 -19.23 15.88 -13.42
C ASN F 56 -18.83 17.31 -13.79
N GLY F 57 -19.68 18.30 -13.53
CA GLY F 57 -19.35 19.67 -13.89
C GLY F 57 -20.41 20.69 -13.54
N LYS F 58 -20.00 21.95 -13.43
CA LYS F 58 -20.94 23.02 -13.08
C LYS F 58 -21.63 23.56 -14.33
N VAL F 59 -22.89 24.01 -14.19
CA VAL F 59 -23.69 24.61 -15.28
C VAL F 59 -23.59 26.14 -15.17
N LEU F 60 -23.19 26.81 -16.24
CA LEU F 60 -23.04 28.25 -16.27
C LEU F 60 -24.10 28.92 -17.12
N GLN F 61 -24.31 30.22 -16.89
CA GLN F 61 -25.25 30.97 -17.70
C GLN F 61 -24.49 31.60 -18.86
N ILE F 62 -24.92 31.34 -20.08
CA ILE F 62 -24.29 31.90 -21.28
C ILE F 62 -25.33 32.59 -22.15
N PHE F 63 -24.88 33.42 -23.11
CA PHE F 63 -25.80 34.12 -24.01
C PHE F 63 -25.35 33.98 -25.43
N ASN F 64 -26.26 33.74 -26.36
CA ASN F 64 -25.92 33.67 -27.78
C ASN F 64 -25.51 35.08 -28.21
N LYS F 65 -24.32 35.23 -28.82
CA LYS F 65 -23.85 36.56 -29.23
C LYS F 65 -24.78 37.21 -30.27
N ARG F 66 -25.27 36.43 -31.23
CA ARG F 66 -26.16 36.95 -32.27
C ARG F 66 -27.60 37.19 -31.79
N THR F 67 -28.23 36.20 -31.15
CA THR F 67 -29.64 36.33 -30.74
C THR F 67 -29.85 36.92 -29.35
N GLN F 68 -28.79 37.01 -28.52
CA GLN F 68 -28.86 37.47 -27.12
C GLN F 68 -29.66 36.53 -26.19
N GLU F 69 -30.07 35.35 -26.71
CA GLU F 69 -30.84 34.32 -26.01
C GLU F 69 -30.01 33.67 -24.92
N LYS F 70 -30.64 33.37 -23.78
CA LYS F 70 -29.94 32.76 -22.66
C LYS F 70 -29.91 31.22 -22.77
N PHE F 71 -28.73 30.63 -22.50
CA PHE F 71 -28.50 29.18 -22.55
C PHE F 71 -27.73 28.70 -21.32
N ALA F 72 -27.71 27.37 -21.10
CA ALA F 72 -26.97 26.78 -19.99
C ALA F 72 -25.76 26.04 -20.56
N LEU F 73 -24.60 26.17 -19.93
CA LEU F 73 -23.38 25.51 -20.40
C LEU F 73 -22.80 24.58 -19.35
N LYS F 74 -22.69 23.28 -19.68
CA LYS F 74 -22.05 22.34 -18.76
C LYS F 74 -20.62 22.15 -19.22
N MET F 75 -19.66 22.28 -18.32
CA MET F 75 -18.26 22.14 -18.69
C MET F 75 -17.66 20.88 -18.13
N LEU F 76 -17.20 20.00 -19.01
CA LEU F 76 -16.59 18.76 -18.60
C LEU F 76 -15.16 18.68 -19.12
N GLN F 77 -14.22 18.16 -18.33
CA GLN F 77 -12.87 17.97 -18.85
C GLN F 77 -12.94 16.73 -19.69
N ASP F 78 -12.39 16.75 -20.92
CA ASP F 78 -12.44 15.59 -21.80
C ASP F 78 -11.77 14.38 -21.19
N CYS F 79 -12.48 13.27 -21.18
CA CYS F 79 -12.07 12.00 -20.62
C CYS F 79 -13.13 10.95 -21.00
N PRO F 80 -12.86 9.63 -20.84
CA PRO F 80 -13.87 8.62 -21.19
C PRO F 80 -15.24 8.81 -20.51
N LYS F 81 -15.29 9.20 -19.23
CA LYS F 81 -16.57 9.41 -18.56
C LYS F 81 -17.33 10.60 -19.15
N ALA F 82 -16.61 11.68 -19.53
CA ALA F 82 -17.24 12.84 -20.13
C ALA F 82 -17.73 12.53 -21.52
N ARG F 83 -16.98 11.72 -22.28
CA ARG F 83 -17.40 11.32 -23.63
C ARG F 83 -18.68 10.47 -23.57
N ARG F 84 -18.81 9.65 -22.54
CA ARG F 84 -19.97 8.79 -22.31
C ARG F 84 -21.19 9.65 -21.97
N GLU F 85 -21.06 10.64 -21.05
CA GLU F 85 -22.16 11.53 -20.68
C GLU F 85 -22.71 12.29 -21.89
N VAL F 86 -21.82 12.82 -22.72
CA VAL F 86 -22.21 13.56 -23.90
C VAL F 86 -22.89 12.65 -24.91
N GLU F 87 -22.31 11.46 -25.12
CA GLU F 87 -22.84 10.51 -26.09
C GLU F 87 -24.21 9.97 -25.69
N LEU F 88 -24.38 9.57 -24.45
CA LEU F 88 -25.66 9.07 -23.97
C LEU F 88 -26.69 10.18 -23.89
N HIS F 89 -26.33 11.39 -23.41
CA HIS F 89 -27.27 12.52 -23.33
C HIS F 89 -27.69 12.93 -24.72
N TRP F 90 -26.81 12.88 -25.72
CA TRP F 90 -27.19 13.21 -27.09
C TRP F 90 -28.30 12.28 -27.61
N ARG F 91 -28.14 10.96 -27.45
CA ARG F 91 -29.14 10.00 -27.91
C ARG F 91 -30.48 10.17 -27.21
N ALA F 92 -30.45 10.56 -25.93
CA ALA F 92 -31.63 10.80 -25.10
C ALA F 92 -32.29 12.13 -25.41
N SER F 93 -31.50 13.17 -25.72
CA SER F 93 -31.89 14.55 -26.04
C SER F 93 -33.04 14.62 -27.07
N GLN F 94 -33.10 13.60 -27.96
CA GLN F 94 -34.09 13.44 -29.02
C GLN F 94 -35.54 13.18 -28.51
N CYS F 95 -35.77 13.32 -27.19
CA CYS F 95 -37.02 13.08 -26.48
C CYS F 95 -37.42 14.38 -25.82
N PRO F 96 -38.71 14.73 -25.90
CA PRO F 96 -39.16 15.99 -25.26
C PRO F 96 -39.07 16.03 -23.75
N HIS F 97 -38.85 14.88 -23.09
CA HIS F 97 -38.76 14.86 -21.63
C HIS F 97 -37.35 14.86 -21.08
N ILE F 98 -36.34 15.04 -21.93
CA ILE F 98 -34.95 15.13 -21.52
C ILE F 98 -34.45 16.50 -21.98
N VAL F 99 -33.66 17.19 -21.13
CA VAL F 99 -33.09 18.51 -21.43
C VAL F 99 -32.37 18.50 -22.79
N ARG F 100 -32.76 19.42 -23.65
CA ARG F 100 -32.25 19.49 -25.00
C ARG F 100 -30.81 19.98 -25.10
N ILE F 101 -29.99 19.31 -25.94
CA ILE F 101 -28.64 19.77 -26.21
C ILE F 101 -28.73 20.61 -27.48
N VAL F 102 -28.26 21.85 -27.42
CA VAL F 102 -28.26 22.78 -28.54
C VAL F 102 -26.99 22.53 -29.38
N ASP F 103 -25.82 22.46 -28.73
CA ASP F 103 -24.54 22.24 -29.37
C ASP F 103 -23.53 21.64 -28.38
N VAL F 104 -22.49 20.97 -28.89
CA VAL F 104 -21.41 20.42 -28.06
C VAL F 104 -20.09 20.91 -28.67
N TYR F 105 -19.20 21.47 -27.85
CA TYR F 105 -17.93 22.00 -28.34
C TYR F 105 -16.77 21.25 -27.74
N GLU F 106 -15.70 21.06 -28.51
CA GLU F 106 -14.48 20.49 -27.98
C GLU F 106 -13.48 21.62 -28.10
N ASN F 107 -13.06 22.19 -26.96
CA ASN F 107 -12.11 23.30 -26.93
C ASN F 107 -10.92 22.98 -25.99
N LEU F 108 -9.90 23.82 -26.00
CA LEU F 108 -8.73 23.68 -25.12
C LEU F 108 -8.78 24.72 -24.04
N TYR F 109 -8.42 24.34 -22.83
CA TYR F 109 -8.29 25.27 -21.73
C TYR F 109 -7.19 24.74 -20.85
N ALA F 110 -6.19 25.58 -20.53
CA ALA F 110 -5.04 25.15 -19.71
C ALA F 110 -4.33 23.93 -20.30
N GLY F 111 -4.28 23.85 -21.63
CA GLY F 111 -3.66 22.76 -22.37
C GLY F 111 -4.35 21.41 -22.24
N ARG F 112 -5.62 21.43 -21.78
CA ARG F 112 -6.42 20.22 -21.62
C ARG F 112 -7.68 20.34 -22.46
N LYS F 113 -8.03 19.26 -23.17
CA LYS F 113 -9.25 19.26 -23.98
C LYS F 113 -10.43 19.22 -23.04
N CYS F 114 -11.52 19.86 -23.46
CA CYS F 114 -12.73 19.88 -22.66
C CYS F 114 -13.96 19.92 -23.54
N LEU F 115 -15.03 19.29 -23.06
CA LEU F 115 -16.31 19.23 -23.75
C LEU F 115 -17.25 20.23 -23.10
N LEU F 116 -17.81 21.12 -23.90
CA LEU F 116 -18.71 22.16 -23.43
C LEU F 116 -20.09 21.92 -24.01
N ILE F 117 -21.03 21.49 -23.17
CA ILE F 117 -22.40 21.19 -23.62
C ILE F 117 -23.33 22.38 -23.46
N VAL F 118 -23.80 22.92 -24.58
CA VAL F 118 -24.73 24.02 -24.58
C VAL F 118 -26.12 23.39 -24.57
N MET F 119 -26.92 23.70 -23.56
CA MET F 119 -28.29 23.19 -23.42
C MET F 119 -29.29 24.33 -23.28
N GLU F 120 -30.58 24.02 -23.47
CA GLU F 120 -31.67 24.97 -23.26
C GLU F 120 -31.76 25.31 -21.76
N CYS F 121 -32.34 26.48 -21.43
CA CYS F 121 -32.50 26.86 -20.03
C CYS F 121 -33.75 26.25 -19.40
N LEU F 122 -33.63 25.80 -18.15
CA LEU F 122 -34.77 25.24 -17.43
C LEU F 122 -34.97 26.10 -16.19
N ASP F 123 -35.62 27.25 -16.38
CA ASP F 123 -35.84 28.28 -15.35
C ASP F 123 -37.00 28.03 -14.38
N GLY F 124 -37.76 26.96 -14.57
CA GLY F 124 -38.89 26.66 -13.71
C GLY F 124 -38.61 26.04 -12.37
N GLY F 125 -37.33 25.80 -12.09
CA GLY F 125 -36.93 25.20 -10.83
C GLY F 125 -37.03 23.70 -10.85
N GLU F 126 -36.27 23.06 -9.96
CA GLU F 126 -36.28 21.61 -9.85
C GLU F 126 -37.53 21.10 -9.15
N LEU F 127 -37.88 19.84 -9.37
CA LEU F 127 -39.00 19.19 -8.71
C LEU F 127 -38.76 19.12 -7.19
N PHE F 128 -37.49 19.08 -6.75
CA PHE F 128 -37.10 19.09 -5.34
C PHE F 128 -37.66 20.35 -4.66
N SER F 129 -37.54 21.50 -5.33
CA SER F 129 -38.07 22.76 -4.83
C SER F 129 -39.59 22.70 -4.75
N ARG F 130 -40.28 22.28 -5.82
CA ARG F 130 -41.74 22.16 -5.84
C ARG F 130 -42.24 21.23 -4.71
N ILE F 131 -41.43 20.21 -4.32
CA ILE F 131 -41.75 19.28 -3.24
C ILE F 131 -41.58 19.97 -1.89
N GLN F 132 -40.45 20.66 -1.69
CA GLN F 132 -40.17 21.36 -0.45
C GLN F 132 -41.17 22.46 -0.18
N ASP F 133 -41.57 23.20 -1.23
CA ASP F 133 -42.54 24.28 -1.17
C ASP F 133 -43.91 23.79 -0.73
N ARG F 134 -44.28 22.53 -1.05
CA ARG F 134 -45.54 21.97 -0.60
C ARG F 134 -45.52 21.60 0.87
N GLY F 135 -44.39 21.10 1.34
CA GLY F 135 -44.24 20.70 2.74
C GLY F 135 -45.22 19.61 3.13
N ASP F 136 -45.72 19.68 4.37
CA ASP F 136 -46.66 18.71 4.95
C ASP F 136 -47.96 18.54 4.14
N GLN F 137 -48.31 19.55 3.34
CA GLN F 137 -49.48 19.55 2.47
C GLN F 137 -49.41 18.40 1.45
N ALA F 138 -48.18 18.10 0.97
CA ALA F 138 -47.88 17.04 0.01
C ALA F 138 -48.70 17.25 -1.34
N PHE F 139 -48.94 16.23 -2.19
CA PHE F 139 -49.67 16.37 -3.44
C PHE F 139 -50.85 15.41 -3.47
N THR F 140 -51.87 15.70 -4.28
CA THR F 140 -53.04 14.82 -4.39
C THR F 140 -52.68 13.60 -5.25
N GLU F 141 -53.49 12.53 -5.22
CA GLU F 141 -53.22 11.36 -6.07
C GLU F 141 -53.24 11.74 -7.55
N ARG F 142 -54.03 12.75 -7.95
CA ARG F 142 -54.05 13.18 -9.35
C ARG F 142 -52.84 14.06 -9.68
N GLU F 143 -52.39 14.89 -8.72
CA GLU F 143 -51.23 15.74 -8.94
C GLU F 143 -49.96 14.89 -9.04
N ALA F 144 -49.82 13.91 -8.12
CA ALA F 144 -48.66 13.01 -8.09
C ALA F 144 -48.61 12.14 -9.32
N SER F 145 -49.75 11.58 -9.77
CA SER F 145 -49.75 10.72 -10.96
C SER F 145 -49.35 11.47 -12.23
N GLU F 146 -49.67 12.76 -12.30
CA GLU F 146 -49.29 13.57 -13.44
C GLU F 146 -47.78 13.81 -13.41
N ILE F 147 -47.20 14.07 -12.21
CA ILE F 147 -45.75 14.25 -12.07
C ILE F 147 -45.04 12.93 -12.41
N MET F 148 -45.52 11.83 -11.84
CA MET F 148 -44.94 10.52 -12.08
C MET F 148 -45.03 10.09 -13.52
N LYS F 149 -46.10 10.45 -14.21
CA LYS F 149 -46.28 10.10 -15.62
C LYS F 149 -45.25 10.85 -16.47
N SER F 150 -44.95 12.12 -16.15
CA SER F 150 -43.95 12.88 -16.91
C SER F 150 -42.53 12.42 -16.61
N ILE F 151 -42.26 11.91 -15.40
CA ILE F 151 -40.94 11.34 -15.09
C ILE F 151 -40.82 10.01 -15.85
N GLY F 152 -41.88 9.21 -15.82
CA GLY F 152 -41.94 7.93 -16.50
C GLY F 152 -41.78 8.03 -18.00
N GLU F 153 -42.16 9.16 -18.61
CA GLU F 153 -42.00 9.31 -20.06
C GLU F 153 -40.52 9.42 -20.43
N ALA F 154 -39.72 10.09 -19.58
CA ALA F 154 -38.28 10.23 -19.79
C ALA F 154 -37.61 8.87 -19.58
N ILE F 155 -38.01 8.12 -18.53
CA ILE F 155 -37.46 6.81 -18.24
C ILE F 155 -37.81 5.78 -19.32
N GLN F 156 -39.06 5.82 -19.84
CA GLN F 156 -39.47 4.90 -20.89
C GLN F 156 -38.64 5.12 -22.14
N TYR F 157 -38.29 6.39 -22.46
CA TYR F 157 -37.49 6.66 -23.64
C TYR F 157 -36.09 6.10 -23.44
N LEU F 158 -35.44 6.42 -22.29
CA LEU F 158 -34.10 5.92 -22.00
C LEU F 158 -34.05 4.40 -22.05
N HIS F 159 -34.96 3.71 -21.34
CA HIS F 159 -34.97 2.26 -21.31
C HIS F 159 -35.21 1.68 -22.70
N SER F 160 -36.05 2.31 -23.53
CA SER F 160 -36.29 1.83 -24.87
C SER F 160 -35.04 1.95 -25.77
N ILE F 161 -34.13 2.90 -25.48
CA ILE F 161 -32.88 3.02 -26.25
C ILE F 161 -31.66 2.42 -25.46
N ASN F 162 -31.94 1.56 -24.46
CA ASN F 162 -30.97 0.84 -23.63
C ASN F 162 -30.05 1.76 -22.87
N ILE F 163 -30.61 2.69 -22.11
CA ILE F 163 -29.87 3.63 -21.27
C ILE F 163 -30.53 3.63 -19.90
N ALA F 164 -29.75 3.44 -18.85
CA ALA F 164 -30.25 3.54 -17.49
C ALA F 164 -29.68 4.86 -16.97
N HIS F 165 -30.51 5.72 -16.38
CA HIS F 165 -30.09 7.02 -15.89
C HIS F 165 -29.23 6.87 -14.63
N ARG F 166 -29.66 6.00 -13.71
CA ARG F 166 -28.97 5.63 -12.49
C ARG F 166 -28.85 6.74 -11.45
N ASP F 167 -29.43 7.93 -11.69
CA ASP F 167 -29.43 9.00 -10.69
C ASP F 167 -30.76 9.76 -10.71
N VAL F 168 -31.87 9.03 -10.89
CA VAL F 168 -33.20 9.65 -10.94
C VAL F 168 -33.60 10.12 -9.54
N LYS F 169 -33.69 11.43 -9.36
CA LYS F 169 -34.07 12.05 -8.10
C LYS F 169 -34.66 13.43 -8.38
N PRO F 170 -35.46 14.01 -7.45
CA PRO F 170 -36.07 15.32 -7.70
C PRO F 170 -35.10 16.44 -8.12
N GLU F 171 -33.90 16.40 -7.57
CA GLU F 171 -32.88 17.38 -7.86
C GLU F 171 -32.46 17.38 -9.36
N ASN F 172 -32.60 16.25 -10.08
CA ASN F 172 -32.24 16.17 -11.51
C ASN F 172 -33.40 16.27 -12.47
N LEU F 173 -34.59 16.64 -11.98
CA LEU F 173 -35.78 16.83 -12.80
C LEU F 173 -36.13 18.31 -12.70
N LEU F 174 -35.90 19.07 -13.77
CA LEU F 174 -36.16 20.52 -13.74
C LEU F 174 -37.33 20.89 -14.63
N TYR F 175 -38.06 21.95 -14.25
CA TYR F 175 -39.20 22.46 -15.01
C TYR F 175 -38.72 23.48 -16.04
N THR F 176 -39.30 23.46 -17.24
CA THR F 176 -38.88 24.37 -18.32
C THR F 176 -39.11 25.83 -18.01
N SER F 177 -40.21 26.13 -17.30
CA SER F 177 -40.60 27.49 -16.96
C SER F 177 -41.45 27.49 -15.66
N LYS F 178 -41.75 28.69 -15.13
CA LYS F 178 -42.57 28.77 -13.93
C LYS F 178 -44.09 28.62 -14.22
N ARG F 179 -44.50 28.69 -15.52
CA ARG F 179 -45.87 28.55 -16.03
C ARG F 179 -46.55 27.24 -15.57
N PRO F 180 -47.90 27.15 -15.62
CA PRO F 180 -48.57 25.89 -15.22
C PRO F 180 -48.56 24.81 -16.33
N ASN F 181 -48.17 25.20 -17.56
CA ASN F 181 -48.03 24.33 -18.74
C ASN F 181 -46.55 23.88 -18.94
N ALA F 182 -45.65 24.16 -17.96
CA ALA F 182 -44.24 23.80 -17.99
C ALA F 182 -44.03 22.29 -18.03
N ILE F 183 -43.01 21.84 -18.76
CA ILE F 183 -42.66 20.42 -18.88
C ILE F 183 -41.57 20.06 -17.88
N LEU F 184 -41.71 18.89 -17.22
CA LEU F 184 -40.68 18.41 -16.32
C LEU F 184 -39.68 17.60 -17.17
N LYS F 185 -38.38 17.98 -17.11
CA LYS F 185 -37.32 17.37 -17.89
C LYS F 185 -36.22 16.71 -17.08
N LEU F 186 -35.76 15.53 -17.51
CA LEU F 186 -34.67 14.79 -16.88
C LEU F 186 -33.33 15.37 -17.37
N THR F 187 -32.41 15.62 -16.45
CA THR F 187 -31.11 16.21 -16.75
C THR F 187 -29.96 15.36 -16.16
N ASP F 188 -28.69 15.70 -16.44
CA ASP F 188 -27.51 15.07 -15.83
C ASP F 188 -27.31 13.60 -16.13
N PHE F 189 -26.60 13.32 -17.20
CA PHE F 189 -26.31 11.95 -17.59
C PHE F 189 -24.95 11.48 -17.05
N GLY F 190 -24.53 12.03 -15.91
CA GLY F 190 -23.25 11.78 -15.26
C GLY F 190 -23.07 10.37 -14.76
N PHE F 191 -24.17 9.68 -14.41
CA PHE F 191 -24.14 8.27 -14.01
C PHE F 191 -24.79 7.32 -15.03
N ALA F 192 -25.30 7.86 -16.15
CA ALA F 192 -25.94 7.04 -17.17
C ALA F 192 -25.02 5.96 -17.72
N LYS F 193 -25.61 4.82 -18.03
CA LYS F 193 -24.87 3.68 -18.56
C LYS F 193 -25.70 2.98 -19.62
N GLU F 194 -25.05 2.58 -20.72
CA GLU F 194 -25.67 1.79 -21.78
C GLU F 194 -25.87 0.37 -21.24
N THR F 195 -27.05 -0.23 -21.39
CA THR F 195 -27.33 -1.53 -20.79
C THR F 195 -27.16 -2.75 -21.70
N THR F 196 -26.54 -2.59 -22.88
CA THR F 196 -26.34 -3.73 -23.80
C THR F 196 -24.91 -3.79 -24.34
N TYR F 206 -31.61 -17.92 -33.89
CA TYR F 206 -32.96 -17.94 -33.31
C TYR F 206 -34.05 -17.56 -34.34
N THR F 207 -35.33 -17.88 -34.04
CA THR F 207 -36.48 -17.48 -34.88
C THR F 207 -37.05 -16.17 -34.29
N PRO F 208 -37.20 -15.11 -35.14
CA PRO F 208 -37.60 -13.79 -34.62
C PRO F 208 -38.88 -13.75 -33.77
N TYR F 209 -39.98 -14.36 -34.23
CA TYR F 209 -41.24 -14.31 -33.50
C TYR F 209 -41.15 -14.86 -32.08
N TYR F 210 -40.33 -15.88 -31.88
CA TYR F 210 -40.30 -16.62 -30.62
C TYR F 210 -39.09 -16.37 -29.74
N VAL F 211 -38.12 -15.57 -30.19
CA VAL F 211 -36.93 -15.30 -29.38
C VAL F 211 -37.29 -14.53 -28.10
N ALA F 212 -36.84 -15.06 -26.94
CA ALA F 212 -37.08 -14.46 -25.64
C ALA F 212 -36.17 -13.23 -25.46
N PRO F 213 -36.56 -12.25 -24.63
CA PRO F 213 -35.73 -11.03 -24.48
C PRO F 213 -34.31 -11.29 -24.01
N GLU F 214 -34.13 -12.22 -23.04
CA GLU F 214 -32.82 -12.58 -22.51
C GLU F 214 -31.90 -13.22 -23.54
N VAL F 215 -32.46 -13.77 -24.61
CA VAL F 215 -31.68 -14.35 -25.68
C VAL F 215 -31.19 -13.24 -26.60
N LEU F 216 -32.05 -12.24 -26.89
CA LEU F 216 -31.65 -11.11 -27.72
C LEU F 216 -30.59 -10.31 -26.97
N GLY F 217 -31.00 -9.53 -25.98
CA GLY F 217 -30.07 -8.70 -25.22
C GLY F 217 -30.01 -9.00 -23.75
N PRO F 218 -28.99 -9.76 -23.35
CA PRO F 218 -28.77 -10.02 -21.91
C PRO F 218 -28.27 -8.72 -21.25
N GLU F 219 -29.02 -8.24 -20.26
CA GLU F 219 -28.72 -6.96 -19.62
C GLU F 219 -28.14 -7.09 -18.25
N LYS F 220 -27.33 -6.09 -17.87
CA LYS F 220 -26.64 -5.98 -16.60
C LYS F 220 -27.60 -6.06 -15.37
N TYR F 221 -28.76 -5.34 -15.44
CA TYR F 221 -29.85 -5.14 -14.46
C TYR F 221 -29.70 -3.79 -13.72
N ASP F 222 -29.34 -2.78 -14.53
CA ASP F 222 -29.13 -1.40 -14.18
C ASP F 222 -30.40 -0.57 -14.38
N LYS F 223 -31.34 -0.97 -15.29
CA LYS F 223 -32.53 -0.15 -15.50
C LYS F 223 -33.42 -0.17 -14.26
N SER F 224 -33.47 -1.30 -13.53
CA SER F 224 -34.34 -1.49 -12.38
C SER F 224 -34.08 -0.57 -11.22
N CYS F 225 -32.89 0.01 -11.11
CA CYS F 225 -32.63 0.97 -10.05
C CYS F 225 -33.41 2.28 -10.32
N ASP F 226 -33.67 2.63 -11.62
CA ASP F 226 -34.48 3.78 -11.99
C ASP F 226 -35.92 3.60 -11.52
N MET F 227 -36.42 2.37 -11.60
CA MET F 227 -37.74 2.01 -11.15
C MET F 227 -37.84 2.15 -9.63
N TRP F 228 -36.81 1.75 -8.87
CA TRP F 228 -36.79 1.94 -7.41
C TRP F 228 -36.89 3.43 -7.09
N SER F 229 -36.16 4.27 -7.86
CA SER F 229 -36.15 5.73 -7.73
C SER F 229 -37.54 6.29 -7.93
N LEU F 230 -38.32 5.77 -8.91
CA LEU F 230 -39.70 6.23 -9.12
C LEU F 230 -40.57 5.90 -7.91
N GLY F 231 -40.37 4.73 -7.31
CA GLY F 231 -41.11 4.32 -6.13
C GLY F 231 -40.84 5.23 -4.96
N VAL F 232 -39.58 5.66 -4.79
CA VAL F 232 -39.19 6.58 -3.71
C VAL F 232 -39.77 7.98 -3.94
N ILE F 233 -39.65 8.52 -5.16
CA ILE F 233 -40.20 9.82 -5.50
C ILE F 233 -41.74 9.82 -5.36
N MET F 234 -42.42 8.75 -5.80
CA MET F 234 -43.86 8.62 -5.66
C MET F 234 -44.29 8.64 -4.19
N TYR F 235 -43.53 7.97 -3.30
CA TYR F 235 -43.81 7.94 -1.87
C TYR F 235 -43.73 9.36 -1.31
N ILE F 236 -42.59 10.05 -1.55
CA ILE F 236 -42.35 11.43 -1.13
C ILE F 236 -43.49 12.36 -1.62
N LEU F 237 -43.96 12.20 -2.87
CA LEU F 237 -45.04 13.03 -3.38
C LEU F 237 -46.35 12.89 -2.57
N LEU F 238 -46.78 11.65 -2.30
CA LEU F 238 -48.03 11.42 -1.59
C LEU F 238 -48.04 11.73 -0.09
N CYS F 239 -46.87 11.94 0.57
CA CYS F 239 -46.89 12.16 2.02
C CYS F 239 -45.95 13.26 2.51
N GLY F 240 -44.93 13.58 1.75
CA GLY F 240 -43.98 14.62 2.12
C GLY F 240 -42.68 14.15 2.73
N TYR F 241 -42.55 12.83 3.00
CA TYR F 241 -41.34 12.26 3.57
C TYR F 241 -40.95 10.97 2.83
N PRO F 242 -39.68 10.49 2.92
CA PRO F 242 -39.29 9.30 2.15
C PRO F 242 -39.64 7.98 2.82
N PRO F 243 -39.67 6.86 2.06
CA PRO F 243 -39.96 5.57 2.70
C PRO F 243 -38.83 5.07 3.60
N PHE F 244 -37.58 5.50 3.32
CA PHE F 244 -36.42 5.11 4.09
C PHE F 244 -35.63 6.36 4.40
N TYR F 245 -35.30 6.54 5.67
CA TYR F 245 -34.54 7.69 6.14
C TYR F 245 -33.83 7.31 7.45
N SER F 246 -32.80 8.07 7.83
CA SER F 246 -32.14 7.81 9.11
C SER F 246 -33.02 8.42 10.20
N ASN F 247 -33.30 7.66 11.28
CA ASN F 247 -34.14 8.14 12.38
C ASN F 247 -33.56 9.37 13.07
N HIS F 248 -32.22 9.52 13.09
CA HIS F 248 -31.59 10.66 13.74
C HIS F 248 -31.05 11.70 12.76
N GLY F 249 -31.76 11.88 11.65
CA GLY F 249 -31.45 12.88 10.64
C GLY F 249 -30.12 12.78 9.92
N LEU F 250 -29.39 11.68 10.12
CA LEU F 250 -28.11 11.46 9.46
C LEU F 250 -28.29 11.35 7.92
N ALA F 251 -27.21 11.58 7.15
CA ALA F 251 -27.27 11.45 5.69
C ALA F 251 -27.51 9.96 5.36
N ILE F 252 -26.74 9.06 6.01
CA ILE F 252 -26.85 7.61 5.87
C ILE F 252 -26.48 6.96 7.20
N SER F 253 -27.21 5.92 7.59
CA SER F 253 -26.95 5.21 8.85
C SER F 253 -27.05 3.70 8.65
N PRO F 254 -26.35 2.87 9.47
CA PRO F 254 -26.46 1.41 9.30
C PRO F 254 -27.91 0.89 9.35
N GLY F 255 -28.76 1.58 10.11
CA GLY F 255 -30.16 1.25 10.24
C GLY F 255 -30.90 1.53 8.95
N MET F 256 -30.62 2.68 8.34
CA MET F 256 -31.23 3.08 7.07
C MET F 256 -30.82 2.08 5.97
N LYS F 257 -29.54 1.66 5.97
CA LYS F 257 -29.03 0.69 5.02
C LYS F 257 -29.74 -0.65 5.15
N THR F 258 -29.88 -1.17 6.39
CA THR F 258 -30.53 -2.47 6.57
C THR F 258 -32.01 -2.38 6.32
N ARG F 259 -32.68 -1.24 6.58
CA ARG F 259 -34.10 -1.12 6.26
C ARG F 259 -34.29 -1.16 4.75
N ILE F 260 -33.39 -0.55 3.95
CA ILE F 260 -33.48 -0.61 2.49
C ILE F 260 -33.30 -2.06 2.02
N ARG F 261 -32.24 -2.72 2.48
CA ARG F 261 -31.94 -4.11 2.11
C ARG F 261 -33.05 -5.10 2.51
N MET F 262 -33.65 -4.89 3.67
CA MET F 262 -34.74 -5.76 4.16
C MET F 262 -36.09 -5.41 3.53
N GLY F 263 -36.27 -4.16 3.14
CA GLY F 263 -37.54 -3.68 2.62
C GLY F 263 -38.44 -3.28 3.77
N GLN F 264 -37.86 -2.58 4.76
CA GLN F 264 -38.54 -2.14 5.96
C GLN F 264 -39.01 -0.69 5.86
N TYR F 265 -40.25 -0.56 5.45
CA TYR F 265 -40.92 0.72 5.34
C TYR F 265 -42.41 0.49 5.58
N GLU F 266 -43.12 1.55 5.95
CA GLU F 266 -44.54 1.45 6.14
C GLU F 266 -45.27 2.66 5.57
N PHE F 267 -46.59 2.59 5.53
CA PHE F 267 -47.42 3.68 5.04
C PHE F 267 -48.14 4.23 6.28
N PRO F 268 -47.48 5.08 7.11
CA PRO F 268 -48.11 5.58 8.35
C PRO F 268 -49.52 6.13 8.17
N ASN F 269 -50.43 5.70 9.05
CA ASN F 269 -51.85 6.04 9.02
C ASN F 269 -52.19 7.53 9.01
N PRO F 270 -51.57 8.45 9.79
CA PRO F 270 -51.96 9.88 9.68
C PRO F 270 -52.03 10.40 8.23
N GLU F 271 -50.96 10.25 7.45
CA GLU F 271 -50.86 10.73 6.08
C GLU F 271 -51.40 9.75 5.04
N TRP F 272 -51.17 8.44 5.25
CA TRP F 272 -51.59 7.42 4.29
C TRP F 272 -52.96 6.82 4.55
N SER F 273 -53.78 7.48 5.39
CA SER F 273 -55.11 6.98 5.75
C SER F 273 -56.07 6.94 4.57
N GLU F 274 -56.24 8.07 3.86
CA GLU F 274 -57.17 8.12 2.73
C GLU F 274 -56.54 7.76 1.37
N VAL F 275 -55.25 7.35 1.36
CA VAL F 275 -54.55 6.97 0.15
C VAL F 275 -55.04 5.59 -0.31
N SER F 276 -55.38 5.45 -1.61
CA SER F 276 -55.91 4.21 -2.16
C SER F 276 -54.94 3.03 -2.07
N GLU F 277 -55.48 1.82 -1.95
CA GLU F 277 -54.62 0.62 -1.96
C GLU F 277 -54.07 0.33 -3.36
N GLU F 278 -54.54 1.05 -4.40
CA GLU F 278 -54.07 0.89 -5.78
C GLU F 278 -52.68 1.51 -5.87
N VAL F 279 -52.50 2.73 -5.33
CA VAL F 279 -51.20 3.38 -5.36
C VAL F 279 -50.26 2.76 -4.31
N LYS F 280 -50.80 2.23 -3.18
CA LYS F 280 -49.97 1.55 -2.18
C LYS F 280 -49.37 0.29 -2.82
N MET F 281 -50.16 -0.43 -3.65
CA MET F 281 -49.67 -1.61 -4.35
C MET F 281 -48.69 -1.27 -5.46
N LEU F 282 -48.84 -0.10 -6.08
CA LEU F 282 -47.92 0.35 -7.12
C LEU F 282 -46.56 0.63 -6.48
N ILE F 283 -46.55 1.32 -5.33
CA ILE F 283 -45.34 1.61 -4.59
C ILE F 283 -44.68 0.32 -4.10
N ARG F 284 -45.46 -0.64 -3.61
CA ARG F 284 -44.92 -1.92 -3.15
C ARG F 284 -44.18 -2.64 -4.26
N ASN F 285 -44.68 -2.56 -5.50
CA ASN F 285 -44.07 -3.22 -6.66
C ASN F 285 -42.82 -2.52 -7.18
N LEU F 286 -42.67 -1.21 -6.93
CA LEU F 286 -41.48 -0.48 -7.34
C LEU F 286 -40.40 -0.57 -6.23
N LEU F 287 -40.82 -0.72 -4.96
CA LEU F 287 -39.93 -0.87 -3.82
C LEU F 287 -39.68 -2.34 -3.48
N LYS F 288 -39.65 -3.21 -4.48
CA LYS F 288 -39.34 -4.62 -4.28
C LYS F 288 -37.83 -4.68 -4.14
N THR F 289 -37.31 -5.26 -3.04
CA THR F 289 -35.86 -5.30 -2.84
C THR F 289 -35.12 -6.15 -3.86
N GLU F 290 -35.82 -7.10 -4.49
CA GLU F 290 -35.22 -7.95 -5.50
C GLU F 290 -35.42 -7.28 -6.85
N PRO F 291 -34.36 -6.79 -7.51
CA PRO F 291 -34.54 -6.07 -8.79
C PRO F 291 -35.33 -6.79 -9.88
N THR F 292 -35.22 -8.11 -9.94
CA THR F 292 -35.95 -8.89 -10.95
C THR F 292 -37.46 -8.97 -10.63
N GLN F 293 -37.86 -8.79 -9.35
CA GLN F 293 -39.26 -8.75 -8.90
C GLN F 293 -39.91 -7.37 -9.21
N ARG F 294 -39.09 -6.31 -9.36
CA ARG F 294 -39.53 -4.94 -9.61
C ARG F 294 -40.29 -4.75 -10.91
N MET F 295 -41.16 -3.74 -10.93
CA MET F 295 -41.98 -3.40 -12.09
C MET F 295 -41.14 -2.78 -13.22
N THR F 296 -41.44 -3.12 -14.49
CA THR F 296 -40.73 -2.52 -15.62
C THR F 296 -41.34 -1.16 -15.95
N ILE F 297 -40.63 -0.33 -16.78
CA ILE F 297 -41.16 0.99 -17.14
C ILE F 297 -42.44 0.84 -17.96
N THR F 298 -42.53 -0.19 -18.83
CA THR F 298 -43.69 -0.45 -19.67
C THR F 298 -44.90 -0.75 -18.79
N GLU F 299 -44.73 -1.57 -17.75
CA GLU F 299 -45.82 -1.89 -16.83
C GLU F 299 -46.25 -0.65 -16.05
N PHE F 300 -45.29 0.17 -15.64
CA PHE F 300 -45.56 1.40 -14.91
C PHE F 300 -46.37 2.37 -15.79
N MET F 301 -45.95 2.58 -17.04
CA MET F 301 -46.65 3.49 -17.95
C MET F 301 -48.02 3.02 -18.39
N ASN F 302 -48.31 1.73 -18.25
CA ASN F 302 -49.64 1.19 -18.57
C ASN F 302 -50.50 0.95 -17.31
N HIS F 303 -50.04 1.42 -16.14
CA HIS F 303 -50.78 1.24 -14.91
C HIS F 303 -51.91 2.26 -14.88
N PRO F 304 -53.13 1.80 -14.52
CA PRO F 304 -54.28 2.71 -14.50
C PRO F 304 -54.08 3.98 -13.68
N TRP F 305 -53.38 3.90 -12.56
CA TRP F 305 -53.15 5.08 -11.73
C TRP F 305 -52.25 6.11 -12.43
N ILE F 306 -51.34 5.67 -13.30
CA ILE F 306 -50.47 6.58 -14.04
C ILE F 306 -51.23 7.18 -15.25
N MET F 307 -52.01 6.35 -15.96
CA MET F 307 -52.82 6.80 -17.09
C MET F 307 -54.13 7.56 -16.68
N GLN F 308 -54.39 7.63 -15.35
CA GLN F 308 -55.49 8.37 -14.70
C GLN F 308 -55.43 9.84 -15.17
N SER F 309 -54.19 10.39 -15.24
CA SER F 309 -53.82 11.72 -15.72
C SER F 309 -54.57 12.12 -17.01
N THR F 310 -54.91 11.13 -17.86
CA THR F 310 -55.66 11.33 -19.10
C THR F 310 -56.96 10.51 -19.12
C15 B97 G . 45.13 -8.76 2.46
C19 B97 G . 48.98 -8.20 4.18
C10 B97 G . 46.15 -8.37 -1.03
C9 B97 G . 44.95 -8.45 -1.72
C14 B97 G . 46.37 -8.68 3.06
C20 B97 G . 50.24 -8.33 4.76
C24 B97 G . 49.89 -8.98 2.14
C16 B97 G . 44.99 -8.65 1.05
C17 B97 G . 43.71 -8.73 0.38
C18 B97 G . 48.78 -8.52 2.84
C11 B97 G . 46.19 -8.45 0.34
C5 B97 G . 42.31 -8.89 0.82
C8 B97 G . 43.75 -8.61 -1.02
C13 B97 G . 47.47 -8.49 2.26
C6 B97 G . 41.40 -8.92 -0.23
C21 B97 G . 51.27 -8.82 3.98
C25 B97 G . 39.94 -9.02 -0.31
C3 B97 G . 40.67 -9.15 2.74
C2 B97 G . 39.59 -8.27 2.16
C22 B97 G . 52.62 -8.99 4.56
C1 B97 G . 39.88 -6.80 2.22
N23 B97 G . 51.12 -9.14 2.68
N12 B97 G . 47.40 -8.37 0.92
N4 B97 G . 41.99 -8.98 2.15
N27 B97 G . 39.20 -8.68 0.82
O26 B97 G . 39.38 -9.34 -1.35
S7 B97 G . 42.19 -8.74 -1.73
CL CL H . 21.01 2.14 20.68
C2 MW8 I . 36.51 2.88 13.10
C3 MW8 I . 37.18 3.66 14.04
C4 MW8 I . 36.57 3.94 15.26
C5 MW8 I . 35.31 3.40 15.54
C6 MW8 I . 34.66 2.60 14.61
C8 MW8 I . 34.70 3.79 16.77
C9 MW8 I . 35.00 4.78 17.69
C10 MW8 I . 33.96 4.75 18.64
O12 MW8 I . 33.52 3.18 17.09
O14 MW8 I . 31.42 2.21 18.22
C16 MW8 I . 29.94 3.36 20.21
C20 MW8 I . 30.16 1.36 23.92
C21 MW8 I . 29.30 2.44 23.78
C22 MW8 I . 29.22 3.10 22.57
C23 MW8 I . 31.57 5.12 20.37
C24 MW8 I . 31.11 6.30 19.79
C25 MW8 I . 31.40 7.54 20.38
C26 MW8 I . 32.14 7.60 21.56
C27 MW8 I . 32.60 6.42 22.15
C28 MW8 I . 32.31 5.18 21.55
C30 MW8 I . 31.27 9.78 22.33
C31 MW8 I . 31.71 11.16 21.82
C33 MW8 I . 34.09 10.62 22.39
C34 MW8 I . 33.68 9.19 22.78
C7 MW8 I . 35.26 2.33 13.39
C19 MW8 I . 30.92 0.98 22.83
C11 MW8 I . 33.08 3.78 18.22
C17 MW8 I . 30.02 2.65 21.53
C13 MW8 I . 31.86 3.24 18.72
N18 MW8 I . 30.86 1.61 21.62
N32 MW8 I . 32.98 11.60 22.42
N29 MW8 I . 32.39 8.84 22.15
N15 MW8 I . 31.21 3.90 19.75
BR1 MW8 I . 37.39 2.54 11.46
C15 B97 J . 11.73 25.14 -42.04
C19 B97 J . 12.62 28.40 -44.71
C10 B97 J . 8.40 26.34 -41.06
C9 B97 J . 7.96 25.40 -40.16
C14 B97 J . 12.09 26.14 -42.94
C20 B97 J . 12.76 29.39 -45.68
C24 B97 J . 10.30 28.95 -44.62
C16 B97 J . 10.49 25.13 -41.36
C17 B97 J . 10.05 24.11 -40.43
C18 B97 J . 11.37 28.18 -44.15
C11 B97 J . 9.63 26.22 -41.67
C5 B97 J . 10.66 22.88 -39.91
C8 B97 J . 8.78 24.29 -39.87
C13 B97 J . 11.17 27.13 -43.17
C6 B97 J . 9.85 22.20 -39.00
C21 B97 J . 11.65 30.09 -46.10
C25 B97 J . 9.96 20.99 -38.19
C3 B97 J . 12.62 21.27 -40.03
C2 B97 J . 12.54 20.76 -38.61
C22 B97 J . 11.79 31.13 -47.16
C1 B97 J . 13.19 21.73 -37.67
N23 B97 J . 10.40 29.89 -45.58
N12 B97 J . 9.96 27.17 -42.54
N4 B97 J . 11.89 22.48 -40.33
N27 B97 J . 11.22 20.42 -38.10
O26 B97 J . 8.99 20.53 -37.58
S7 B97 J . 8.37 23.04 -38.78
CL CL K . 36.40 10.59 -27.15
C2 MW8 L . 27.02 23.86 -32.18
C3 MW8 L . 28.05 24.78 -32.42
C4 MW8 L . 29.38 24.39 -32.32
C5 MW8 L . 29.69 23.08 -31.96
C6 MW8 L . 28.67 22.16 -31.72
C8 MW8 L . 31.06 22.69 -31.85
C9 MW8 L . 32.23 23.38 -31.88
C10 MW8 L . 33.24 22.41 -31.73
O12 MW8 L . 31.28 21.37 -31.67
O14 MW8 L . 32.34 18.93 -31.84
C16 MW8 L . 34.78 18.16 -30.89
C20 MW8 L . 37.37 17.52 -34.18
C21 MW8 L . 37.83 17.28 -32.89
C22 MW8 L . 36.99 17.47 -31.80
C23 MW8 L . 35.23 20.52 -30.47
C24 MW8 L . 35.07 20.95 -29.16
C25 MW8 L . 35.90 21.91 -28.59
C26 MW8 L . 36.92 22.47 -29.36
C27 MW8 L . 37.08 22.05 -30.69
C28 MW8 L . 36.25 21.08 -31.25
C30 MW8 L . 38.46 22.97 -27.54
C31 MW8 L . 39.62 23.91 -27.14
C33 MW8 L . 38.75 25.71 -28.54
C34 MW8 L . 37.57 24.85 -29.04
C7 MW8 L . 27.34 22.55 -31.83
C19 MW8 L . 36.05 17.95 -34.31
C11 MW8 L . 32.63 21.20 -31.58
C17 MW8 L . 35.68 17.91 -32.04
C13 MW8 L . 33.07 19.83 -31.45
N18 MW8 L . 35.20 18.15 -33.29
N32 MW8 L . 39.22 25.32 -27.20
N29 MW8 L . 37.76 23.41 -28.78
N15 MW8 L . 34.34 19.54 -30.96
BR1 MW8 L . 25.21 24.44 -32.34
C15 B97 M . 20.72 -19.76 28.47
C19 B97 M . 22.24 -19.60 32.55
C10 B97 M . 17.19 -20.02 29.41
C9 B97 M . 16.53 -20.14 28.20
C14 B97 M . 21.28 -19.64 29.74
C20 B97 M . 22.69 -19.23 33.81
C24 B97 M . 20.14 -18.65 33.09
C16 B97 M . 19.32 -19.89 28.28
C17 B97 M . 18.67 -20.01 26.97
C18 B97 M . 20.94 -19.31 32.16
C11 B97 M . 18.55 -19.88 29.48
C5 B97 M . 19.16 -20.06 25.58
C8 B97 M . 17.27 -20.13 27.00
C13 B97 M . 20.43 -19.60 30.82
C6 B97 M . 18.12 -20.20 24.65
C21 B97 M . 21.81 -18.55 34.64
C25 B97 M . 18.06 -20.32 23.18
C3 B97 M . 21.11 -19.93 23.98
C2 B97 M . 20.56 -20.90 22.94
C22 B97 M . 22.26 -18.11 35.99
C1 B97 M . 20.75 -22.35 23.27
N23 B97 M . 20.54 -18.25 34.32
N12 B97 M . 19.10 -19.71 30.69
N4 B97 M . 20.50 -19.95 25.28
N27 B97 M . 19.22 -20.67 22.52
O26 B97 M . 17.02 -20.17 22.55
S7 B97 M . 16.60 -20.23 25.44
CL CL N . 39.12 -31.20 4.59
C2 MW8 O . 31.99 -31.51 20.05
C3 MW8 O . 33.08 -31.99 20.79
C4 MW8 O . 34.28 -32.21 20.14
C5 MW8 O . 34.40 -31.93 18.78
C6 MW8 O . 33.33 -31.42 18.05
C8 MW8 O . 35.62 -32.24 18.14
C9 MW8 O . 36.60 -33.14 18.47
C10 MW8 O . 37.53 -33.07 17.41
O12 MW8 O . 35.87 -31.64 16.95
O14 MW8 O . 37.02 -30.63 14.80
C16 MW8 O . 39.07 -31.73 13.35
C20 MW8 O . 41.89 -28.80 14.44
C21 MW8 O . 42.31 -29.89 13.70
C22 MW8 O . 41.39 -30.87 13.32
C23 MW8 O . 39.22 -33.42 15.03
C24 MW8 O . 38.63 -34.65 14.73
C25 MW8 O . 39.25 -35.83 15.13
C26 MW8 O . 40.44 -35.78 15.84
C27 MW8 O . 41.04 -34.55 16.15
C28 MW8 O . 40.43 -33.37 15.74
C30 MW8 O . 41.17 -38.03 15.17
C31 MW8 O . 40.91 -39.39 15.82
C33 MW8 O . 41.70 -38.54 18.01
C34 MW8 O . 41.85 -37.11 17.44
C7 MW8 O . 32.13 -31.22 18.70
C19 MW8 O . 40.55 -28.69 14.79
C11 MW8 O . 37.05 -32.17 16.50
C17 MW8 O . 40.08 -30.69 13.70
C13 MW8 O . 37.52 -31.64 15.25
N18 MW8 O . 39.65 -29.63 14.44
N32 MW8 O . 41.82 -39.58 16.96
N29 MW8 O . 41.05 -36.99 16.21
N15 MW8 O . 38.57 -32.26 14.59
BR1 MW8 O . 30.33 -31.23 20.94
C15 B97 P . -12.17 17.16 18.81
C19 B97 P . -13.24 19.87 22.02
C10 B97 P . -10.05 15.02 20.88
C9 B97 P . -9.50 14.12 19.96
C14 B97 P . -12.67 18.00 19.80
C20 B97 P . -13.86 20.54 23.09
C24 B97 P . -13.14 17.93 23.38
C16 B97 P . -11.27 16.11 19.11
C17 B97 P . -10.73 15.19 18.11
C18 B97 P . -12.86 18.54 22.17
C11 B97 P . -10.90 16.01 20.48
C5 B97 P . -10.87 15.05 16.65
C8 B97 P . -9.85 14.22 18.61
C13 B97 P . -12.26 17.78 21.09
C6 B97 P . -10.15 14.00 16.13
C21 B97 P . -14.10 19.83 24.26
C25 B97 P . -9.90 13.45 14.80
C3 B97 P . -11.89 15.90 14.50
C2 B97 P . -10.73 15.59 13.57
C22 B97 P . -14.75 20.49 25.41
C1 B97 P . -9.63 16.63 13.62
N23 B97 P . -13.76 18.53 24.42
N12 B97 P . -11.39 16.82 21.44
N4 B97 P . -11.63 15.89 15.92
N27 B97 P . -10.19 14.26 13.70
O26 B97 P . -9.39 12.34 14.67
S7 B97 P . -9.29 13.18 17.37
CL CL Q . -7.46 30.09 -11.16
C2 MW8 R . -6.13 29.02 6.13
C3 MW8 R . -5.85 30.37 6.33
C4 MW8 R . -6.07 31.28 5.31
C5 MW8 R . -6.53 30.85 4.08
C6 MW8 R . -6.78 29.51 3.86
C8 MW8 R . -6.80 31.85 3.10
C9 MW8 R . -6.67 33.21 3.08
C10 MW8 R . -7.12 33.61 1.81
O12 MW8 R . -7.28 31.38 1.92
O14 MW8 R . -8.65 31.15 -0.31
C16 MW8 R . -8.28 32.73 -2.52
C20 MW8 R . -12.10 34.45 -2.88
C21 MW8 R . -11.09 34.84 -3.75
C22 MW8 R . -9.83 34.28 -3.65
C23 MW8 R . -7.01 34.25 -1.12
C24 MW8 R . -5.61 34.22 -1.14
C25 MW8 R . -4.88 35.41 -1.06
C26 MW8 R . -5.52 36.64 -0.97
C27 MW8 R . -6.91 36.68 -0.94
C28 MW8 R . -7.65 35.49 -1.01
C30 MW8 R . -3.85 38.14 -2.03
C31 MW8 R . -2.55 38.79 -1.53
C33 MW8 R . -3.61 39.46 0.59
C34 MW8 R . -4.95 38.80 0.19
C7 MW8 R . -6.58 28.58 4.88
C19 MW8 R . -11.80 33.49 -1.92
C11 MW8 R . -7.47 32.46 1.13
C17 MW8 R . -9.63 33.32 -2.66
C13 MW8 R . -8.00 32.17 -0.16
N18 MW8 R . -10.58 32.92 -1.79
N32 MW8 R . -2.82 39.88 -0.58
N29 MW8 R . -4.75 37.82 -0.90
N15 MW8 R . -7.74 33.05 -1.21
BR1 MW8 R . -5.81 27.85 7.59
C15 B97 S . -28.02 -29.79 22.66
C19 B97 S . -30.14 -30.93 26.19
C10 B97 S . -27.26 -26.36 23.77
C9 B97 S . -26.64 -25.78 22.66
C14 B97 S . -28.62 -30.26 23.81
C20 B97 S . -30.56 -31.43 27.41
C24 B97 S . -28.80 -29.34 27.35
C16 B97 S . -27.53 -28.45 22.60
C17 B97 S . -26.87 -27.90 21.43
C18 B97 S . -29.25 -29.86 26.15
C11 B97 S . -27.71 -27.65 23.75
C5 B97 S . -26.57 -28.44 20.09
C8 B97 S . -26.45 -26.58 21.52
C13 B97 S . -28.73 -29.39 24.88
C6 B97 S . -25.94 -27.52 19.27
C21 B97 S . -30.04 -30.84 28.57
C25 B97 S . -25.50 -27.52 17.87
C3 B97 S . -26.68 -30.34 18.44
C2 B97 S . -27.04 -29.51 17.22
C22 B97 S . -30.48 -31.38 29.87
C1 B97 S . -28.46 -29.01 17.20
N23 B97 S . -29.17 -29.81 28.57
N12 B97 S . -28.29 -28.12 24.87
N4 B97 S . -26.93 -29.71 19.73
N27 B97 S . -26.09 -28.44 17.02
O26 B97 S . -24.71 -26.69 17.45
S7 B97 S . -25.71 -26.05 20.10
CL CL T . -38.58 -42.17 -4.91
C2 MW8 U . -40.09 -34.41 10.12
C3 MW8 U . -41.37 -34.90 10.43
C4 MW8 U . -41.93 -35.88 9.61
C5 MW8 U . -41.23 -36.36 8.51
C6 MW8 U . -39.96 -35.88 8.20
C8 MW8 U . -41.83 -37.38 7.71
C9 MW8 U . -43.03 -38.02 7.79
C10 MW8 U . -43.02 -38.95 6.74
O12 MW8 U . -41.10 -37.85 6.67
O14 MW8 U . -40.01 -39.42 4.77
C16 MW8 U . -41.42 -40.84 2.89
C20 MW8 U . -41.30 -44.97 3.67
C21 MW8 U . -41.77 -44.54 2.44
C22 MW8 U . -41.79 -43.17 2.17
C23 MW8 U . -43.43 -40.23 4.15
C24 MW8 U . -44.31 -39.23 3.73
C25 MW8 U . -45.68 -39.36 3.96
C26 MW8 U . -46.18 -40.49 4.63
C27 MW8 U . -45.29 -41.48 5.04
C28 MW8 U . -43.93 -41.37 4.80
C30 MW8 U . -48.58 -39.80 4.28
C31 MW8 U . -49.76 -39.46 5.20
C33 MW8 U . -49.07 -41.17 6.86
C34 MW8 U . -48.01 -41.70 5.88
C7 MW8 U . -39.39 -34.90 9.02
C19 MW8 U . -40.91 -44.02 4.61
C11 MW8 U . -41.83 -38.81 6.05
C17 MW8 U . -41.36 -42.29 3.16
C13 MW8 U . -41.22 -39.47 4.92
N18 MW8 U . -40.93 -42.69 4.38
N32 MW8 U . -50.17 -40.53 6.13
N29 MW8 U . -47.55 -40.67 4.91
N15 MW8 U . -42.03 -40.14 4.00
BR1 MW8 U . -39.31 -33.07 11.24
C15 B97 V . -29.99 24.46 -14.04
C19 B97 V . -32.28 28.20 -14.00
C10 B97 V . -30.44 23.90 -17.64
C9 B97 V . -29.82 22.68 -17.88
C14 B97 V . -30.62 25.69 -13.93
C20 B97 V . -32.72 29.53 -14.07
C24 B97 V . -31.58 28.37 -16.27
C16 B97 V . -29.89 23.78 -15.28
C17 B97 V . -29.21 22.50 -15.48
C18 B97 V . -31.70 27.59 -15.12
C11 B97 V . -30.50 24.44 -16.38
C5 B97 V . -28.50 21.54 -14.62
C8 B97 V . -29.22 22.00 -16.80
C13 B97 V . -31.14 26.25 -15.07
C6 B97 V . -28.03 20.42 -15.29
C21 B97 V . -32.53 30.23 -15.27
C25 B97 V . -27.31 19.20 -14.90
C3 B97 V . -27.63 20.98 -12.33
C2 B97 V . -27.89 19.48 -12.38
C22 B97 V . -32.98 31.64 -15.37
C1 B97 V . -29.35 19.15 -12.26
N23 B97 V . -31.99 29.66 -16.38
N12 B97 V . -31.10 25.64 -16.27
N4 B97 V . -28.34 21.79 -13.29
N27 B97 V . -27.32 18.87 -13.56
O26 B97 V . -26.78 18.49 -15.74
S7 B97 V . -28.42 20.51 -16.95
CL CL W . -31.43 5.13 12.52
C2 MW8 X . -37.59 15.09 0.02
C3 MW8 X . -38.65 15.57 0.77
C4 MW8 X . -38.68 15.29 2.13
C5 MW8 X . -37.68 14.56 2.73
C6 MW8 X . -36.61 14.09 1.98
C8 MW8 X . -37.79 14.29 4.14
C9 MW8 X . -38.83 14.50 5.01
C10 MW8 X . -38.37 14.06 6.27
O12 MW8 X . -36.73 13.74 4.79
O14 MW8 X . -34.93 13.09 6.67
C16 MW8 X . -35.49 12.00 9.12
C20 MW8 X . -34.00 15.10 11.61
C21 MW8 X . -34.56 13.96 12.19
C22 MW8 X . -35.05 12.94 11.37
C23 MW8 X . -37.84 12.38 8.70
C24 MW8 X . -38.68 11.41 8.16
C25 MW8 X . -39.99 11.27 8.62
C26 MW8 X . -40.48 12.09 9.62
C27 MW8 X . -39.64 13.06 10.18
C28 MW8 X . -38.33 13.21 9.71
C30 MW8 X . -42.18 10.55 10.50
C31 MW8 X . -43.55 10.48 11.18
C33 MW8 X . -44.20 12.64 10.22
C34 MW8 X . -42.85 12.80 9.50
C7 MW8 X . -36.57 14.34 0.61
C19 MW8 X . -33.96 15.15 10.22
C11 MW8 X . -37.09 13.58 6.09
C17 MW8 X . -34.97 13.08 10.00
C13 MW8 X . -36.11 13.03 6.99
N18 MW8 X . -34.42 14.17 9.41
N32 MW8 X . -44.56 11.22 10.41
N29 MW8 X . -41.81 11.93 10.08
N15 MW8 X . -36.50 12.51 8.22
BR1 MW8 X . -37.55 15.46 -1.84
#